data_6ZLZ
#
_entry.id   6ZLZ
#
_cell.length_a   554.830
_cell.length_b   560.990
_cell.length_c   573.660
_cell.angle_alpha   90.000
_cell.angle_beta   90.000
_cell.angle_gamma   90.000
#
_symmetry.space_group_name_H-M   'I 2 2 2'
#
loop_
_entity.id
_entity.type
_entity.pdbx_description
1 polymer 'Capsid protein VP1'
2 non-polymer 'CALCIUM ION'
#
_entity_poly.entity_id   1
_entity_poly.type   'polypeptide(L)'
_entity_poly.pdbx_seq_one_letter_code
;MAPKRKASSTCKTPKRQCIPKPGCCPNVASVPKLLVKGGVEVLSVVTGEDSITQIELYLNPRMGVNSPDLPTTSNWYTYT
YDLQPKGSSPDQPIKENLPAYSVARVSLPMLNEDITCDTLQMWEAISVKTEVVGISSLINVHYWDMKRVHDYGAGIPVSG
VNYHMFAIGGEPLDLQGLVLDYQTQYPKTTNGGPITIETVLGRKMTPKNQGLDPQAKAKLDKDGNYPIEVWCPDPSKNEN
SRYYGSIQTGSQTPTVLQFSNTLTTVLLDENGVGPLCKGDGLFISCADIVGFLFKTSGKMALHGLPRYFNVTLRKRWVKN
PYPVVNLINSLFSNLMPKVSGQPMEGKDNQVEEVRIYEGSEQLPGDPDIVRFLDKFGQEKTVYPKPSVAPAAVTFQSNQQ
DKGKAPLKGPQKASQKESQTQEL
;
_entity_poly.pdbx_strand_id   A,B,C,D,E,F
#
loop_
_chem_comp.id
_chem_comp.type
_chem_comp.name
_chem_comp.formula
CA non-polymer 'CALCIUM ION' 'Ca 2'
#
# COMPACT_ATOMS: atom_id res chain seq x y z
N CYS A 18 9.73 78.12 -49.82
CA CYS A 18 8.60 78.09 -50.73
C CYS A 18 7.84 79.40 -50.67
N ILE A 19 6.52 79.32 -50.56
CA ILE A 19 5.70 80.51 -50.34
C ILE A 19 4.64 80.28 -49.26
N PRO A 20 4.97 79.77 -48.07
CA PRO A 20 3.96 79.75 -47.00
C PRO A 20 3.70 81.13 -46.44
N LYS A 21 4.74 81.93 -46.24
CA LYS A 21 4.65 83.25 -45.61
C LYS A 21 3.91 83.18 -44.27
N PRO A 22 4.44 82.41 -43.31
CA PRO A 22 3.72 82.27 -42.03
C PRO A 22 3.57 83.59 -41.29
N GLY A 23 4.57 84.46 -41.37
CA GLY A 23 4.43 85.77 -40.76
C GLY A 23 3.37 86.62 -41.43
N CYS A 24 3.33 86.57 -42.77
CA CYS A 24 2.32 87.33 -43.51
C CYS A 24 0.96 86.67 -43.47
N CYS A 25 0.92 85.34 -43.41
CA CYS A 25 -0.36 84.65 -43.45
C CYS A 25 -1.02 84.73 -42.08
N PRO A 26 -2.31 85.03 -42.00
CA PRO A 26 -2.96 85.20 -40.69
C PRO A 26 -3.06 83.89 -39.95
N ASN A 27 -3.25 84.00 -38.65
CA ASN A 27 -3.31 82.85 -37.76
C ASN A 27 -4.73 82.31 -37.68
N VAL A 28 -4.87 81.01 -37.83
CA VAL A 28 -6.16 80.33 -37.77
C VAL A 28 -6.05 79.19 -36.77
N ALA A 29 -7.06 79.06 -35.92
CA ALA A 29 -7.01 78.08 -34.84
C ALA A 29 -6.90 76.66 -35.39
N SER A 30 -6.43 75.75 -34.54
CA SER A 30 -6.29 74.36 -34.91
C SER A 30 -7.38 73.52 -34.28
N VAL A 31 -8.03 72.70 -35.08
CA VAL A 31 -9.08 71.81 -34.60
C VAL A 31 -8.88 70.44 -35.22
N PRO A 32 -9.45 69.41 -34.60
CA PRO A 32 -9.30 68.06 -35.17
C PRO A 32 -10.11 67.92 -36.45
N LYS A 33 -9.46 67.41 -37.50
CA LYS A 33 -10.11 67.20 -38.79
C LYS A 33 -10.78 65.84 -38.84
N LEU A 34 -11.86 65.78 -39.60
CA LEU A 34 -12.57 64.54 -39.81
C LEU A 34 -12.17 63.94 -41.13
N LEU A 35 -11.99 62.62 -41.15
CA LEU A 35 -11.59 61.93 -42.36
C LEU A 35 -12.78 61.47 -43.18
N VAL A 36 -13.95 61.30 -42.56
CA VAL A 36 -15.12 60.81 -43.28
C VAL A 36 -16.35 61.13 -42.46
N LYS A 37 -17.49 61.21 -43.15
CA LYS A 37 -18.77 61.46 -42.50
C LYS A 37 -19.85 60.77 -43.28
N GLY A 38 -20.67 59.98 -42.60
CA GLY A 38 -21.74 59.27 -43.29
C GLY A 38 -22.45 58.32 -42.37
N GLY A 39 -23.03 57.27 -42.97
CA GLY A 39 -23.74 56.25 -42.23
C GLY A 39 -22.80 55.21 -41.64
N VAL A 40 -23.37 54.06 -41.29
CA VAL A 40 -22.56 53.00 -40.71
C VAL A 40 -21.50 52.53 -41.70
N GLU A 41 -21.81 52.60 -42.99
CA GLU A 41 -20.91 52.07 -44.01
C GLU A 41 -19.50 52.60 -43.90
N VAL A 42 -19.34 53.83 -43.40
CA VAL A 42 -18.00 54.41 -43.27
C VAL A 42 -17.26 53.88 -42.08
N LEU A 43 -17.93 53.19 -41.16
CA LEU A 43 -17.25 52.65 -39.99
C LEU A 43 -16.18 51.65 -40.36
N SER A 44 -16.25 51.08 -41.56
CA SER A 44 -15.26 50.13 -42.03
C SER A 44 -13.97 50.78 -42.51
N VAL A 45 -13.83 52.08 -42.38
CA VAL A 45 -12.60 52.76 -42.77
C VAL A 45 -11.54 52.48 -41.72
N VAL A 46 -10.39 52.00 -42.17
CA VAL A 46 -9.28 51.80 -41.25
C VAL A 46 -8.70 53.16 -40.86
N THR A 47 -8.29 53.30 -39.61
CA THR A 47 -7.72 54.55 -39.13
C THR A 47 -6.41 54.31 -38.42
N GLY A 48 -5.83 55.36 -37.84
CA GLY A 48 -4.62 55.25 -37.06
C GLY A 48 -4.92 54.90 -35.63
N GLU A 49 -3.94 55.16 -34.76
CA GLU A 49 -4.13 54.90 -33.33
C GLU A 49 -4.81 56.08 -32.66
N ASP A 50 -4.49 57.30 -33.07
CA ASP A 50 -5.01 58.50 -32.44
C ASP A 50 -6.37 58.90 -32.95
N SER A 51 -7.01 58.06 -33.76
CA SER A 51 -8.28 58.43 -34.32
C SER A 51 -9.37 58.39 -33.25
N ILE A 52 -10.43 59.15 -33.49
CA ILE A 52 -11.56 59.23 -32.57
C ILE A 52 -12.81 59.20 -33.43
N THR A 53 -13.61 58.15 -33.30
CA THR A 53 -14.88 58.09 -34.00
C THR A 53 -15.98 58.69 -33.12
N GLN A 54 -17.18 58.84 -33.70
CA GLN A 54 -18.27 59.47 -32.99
C GLN A 54 -19.57 59.04 -33.66
N ILE A 55 -20.43 58.37 -32.92
CA ILE A 55 -21.61 57.72 -33.45
C ILE A 55 -22.86 58.44 -32.98
N GLU A 56 -23.76 58.72 -33.90
CA GLU A 56 -25.04 59.34 -33.51
C GLU A 56 -26.09 58.34 -33.89
N LEU A 57 -26.88 57.90 -32.93
CA LEU A 57 -27.94 56.92 -33.16
C LEU A 57 -29.10 57.16 -32.21
N TYR A 58 -30.18 56.40 -32.41
CA TYR A 58 -31.40 56.57 -31.62
C TYR A 58 -31.99 55.20 -31.32
N LEU A 59 -32.97 55.19 -30.43
CA LEU A 59 -33.61 53.95 -30.01
C LEU A 59 -35.08 54.22 -29.76
N ASN A 60 -35.96 53.66 -30.59
CA ASN A 60 -37.40 53.86 -30.39
C ASN A 60 -37.85 53.11 -29.15
N PRO A 61 -38.90 53.57 -28.48
CA PRO A 61 -39.34 52.95 -27.22
C PRO A 61 -40.15 51.70 -27.49
N ARG A 62 -39.71 50.59 -26.95
CA ARG A 62 -40.45 49.33 -27.02
C ARG A 62 -41.27 49.24 -25.73
N MET A 63 -42.54 49.56 -25.81
CA MET A 63 -43.38 49.72 -24.65
C MET A 63 -44.67 48.91 -24.80
N GLY A 64 -44.54 47.64 -25.17
CA GLY A 64 -45.69 46.74 -25.25
C GLY A 64 -46.27 46.63 -26.65
N VAL A 65 -46.46 47.74 -27.33
CA VAL A 65 -46.81 47.78 -28.73
C VAL A 65 -45.54 48.14 -29.47
N ASN A 66 -44.83 47.12 -29.94
CA ASN A 66 -43.43 47.24 -30.25
C ASN A 66 -43.13 47.34 -31.74
N SER A 67 -44.15 47.54 -32.59
CA SER A 67 -43.86 47.68 -34.01
C SER A 67 -45.00 48.36 -34.74
N PRO A 68 -44.69 49.35 -35.59
CA PRO A 68 -45.74 49.94 -36.43
C PRO A 68 -46.05 49.13 -37.67
N ASP A 69 -45.24 48.13 -37.99
CA ASP A 69 -45.41 47.42 -39.25
C ASP A 69 -46.64 46.52 -39.24
N LEU A 70 -46.93 45.86 -38.12
CA LEU A 70 -48.11 45.01 -38.05
C LEU A 70 -49.37 45.84 -38.33
N PRO A 71 -50.27 45.37 -39.19
CA PRO A 71 -51.39 46.23 -39.61
C PRO A 71 -52.55 46.27 -38.65
N THR A 72 -52.66 45.26 -37.77
CA THR A 72 -53.90 45.13 -37.01
C THR A 72 -54.01 46.21 -35.91
N THR A 73 -52.95 46.38 -35.12
CA THR A 73 -53.07 47.26 -33.96
C THR A 73 -51.83 48.13 -33.78
N SER A 74 -51.20 48.57 -34.87
CA SER A 74 -50.04 49.46 -34.69
C SER A 74 -50.51 50.88 -34.41
N ASN A 75 -51.81 51.12 -34.26
CA ASN A 75 -52.30 52.44 -33.92
C ASN A 75 -51.87 52.91 -32.55
N TRP A 76 -51.24 52.04 -31.77
CA TRP A 76 -50.82 52.39 -30.42
C TRP A 76 -49.33 52.19 -30.23
N TYR A 77 -48.55 52.40 -31.28
CA TYR A 77 -47.10 52.34 -31.15
C TYR A 77 -46.62 53.42 -30.20
N THR A 78 -45.59 53.09 -29.42
CA THR A 78 -45.11 53.92 -28.31
C THR A 78 -46.20 54.11 -27.26
N TYR A 79 -47.04 53.10 -27.07
CA TYR A 79 -48.08 53.14 -26.05
C TYR A 79 -48.29 51.75 -25.50
N THR A 80 -49.14 51.66 -24.49
CA THR A 80 -49.54 50.39 -23.90
C THR A 80 -51.05 50.27 -24.01
N TYR A 81 -51.54 49.05 -23.87
CA TYR A 81 -52.98 48.88 -23.78
C TYR A 81 -53.49 49.48 -22.47
N ASP A 82 -54.80 49.48 -22.33
CA ASP A 82 -55.42 50.13 -21.18
C ASP A 82 -55.05 49.41 -19.90
N LEU A 83 -54.34 50.11 -19.02
CA LEU A 83 -53.98 49.54 -17.73
C LEU A 83 -55.10 49.74 -16.74
N GLN A 84 -55.39 48.68 -15.98
CA GLN A 84 -56.40 48.74 -14.95
C GLN A 84 -56.25 47.54 -14.01
N PRO A 85 -56.54 47.71 -12.72
CA PRO A 85 -56.42 46.57 -11.80
C PRO A 85 -57.52 45.56 -12.05
N LYS A 86 -57.14 44.28 -12.01
CA LYS A 86 -58.10 43.21 -12.29
C LYS A 86 -59.29 43.25 -11.33
N GLY A 87 -59.02 43.16 -10.03
CA GLY A 87 -60.06 43.12 -9.03
C GLY A 87 -60.25 41.75 -8.40
N SER A 88 -59.43 40.77 -8.75
CA SER A 88 -59.56 39.44 -8.19
C SER A 88 -58.25 38.70 -8.38
N SER A 89 -57.72 38.17 -7.29
CA SER A 89 -56.44 37.46 -7.36
C SER A 89 -56.57 36.21 -8.24
N PRO A 90 -55.51 35.86 -8.98
CA PRO A 90 -54.27 36.62 -9.12
C PRO A 90 -54.32 37.57 -10.30
N ASP A 91 -53.21 38.24 -10.59
CA ASP A 91 -53.15 39.15 -11.72
C ASP A 91 -52.58 38.42 -12.93
N GLN A 92 -53.27 38.53 -14.06
CA GLN A 92 -52.85 37.94 -15.33
C GLN A 92 -52.65 39.08 -16.32
N PRO A 93 -51.49 39.72 -16.28
CA PRO A 93 -51.29 40.92 -17.11
C PRO A 93 -51.06 40.58 -18.57
N ILE A 94 -51.46 41.51 -19.41
CA ILE A 94 -51.31 41.37 -20.86
C ILE A 94 -49.91 41.80 -21.23
N LYS A 95 -49.31 41.09 -22.20
CA LYS A 95 -47.96 41.46 -22.66
C LYS A 95 -47.88 42.93 -23.08
N GLU A 96 -48.92 43.43 -23.73
CA GLU A 96 -48.96 44.82 -24.18
C GLU A 96 -49.25 45.80 -23.04
N ASN A 97 -49.21 45.33 -21.79
CA ASN A 97 -49.25 46.21 -20.63
C ASN A 97 -47.94 46.12 -19.84
N LEU A 98 -46.87 45.66 -20.46
CA LEU A 98 -45.58 45.49 -19.81
C LEU A 98 -44.52 46.26 -20.59
N PRO A 99 -44.24 47.51 -20.21
CA PRO A 99 -43.15 48.24 -20.86
C PRO A 99 -41.83 47.56 -20.56
N ALA A 100 -40.97 47.52 -21.56
CA ALA A 100 -39.70 46.83 -21.44
C ALA A 100 -38.55 47.73 -21.88
N TYR A 101 -37.35 47.37 -21.46
CA TYR A 101 -36.17 48.13 -21.82
C TYR A 101 -35.90 48.01 -23.30
N SER A 102 -35.22 49.02 -23.84
CA SER A 102 -34.73 48.99 -25.21
C SER A 102 -33.24 48.73 -25.20
N VAL A 103 -32.72 48.25 -26.34
CA VAL A 103 -31.33 47.82 -26.41
C VAL A 103 -30.92 47.72 -27.86
N ALA A 104 -29.62 47.91 -28.11
CA ALA A 104 -29.06 47.69 -29.44
C ALA A 104 -27.56 47.49 -29.31
N ARG A 105 -26.99 46.78 -30.27
CA ARG A 105 -25.57 46.54 -30.37
C ARG A 105 -25.01 47.12 -31.65
N VAL A 106 -23.88 47.78 -31.56
CA VAL A 106 -23.20 48.37 -32.71
C VAL A 106 -21.90 47.64 -32.94
N SER A 107 -21.79 46.94 -34.06
CA SER A 107 -20.60 46.16 -34.36
C SER A 107 -19.49 47.09 -34.80
N LEU A 108 -18.42 47.06 -34.10
CA LEU A 108 -17.29 47.92 -34.42
C LEU A 108 -16.22 47.12 -35.17
N PRO A 109 -15.40 47.77 -35.97
CA PRO A 109 -14.42 47.03 -36.76
C PRO A 109 -13.29 46.48 -35.89
N MET A 110 -12.54 45.54 -36.47
CA MET A 110 -11.40 44.98 -35.75
C MET A 110 -10.27 45.98 -35.61
N LEU A 111 -9.31 45.71 -34.82
CA LEU A 111 -8.20 46.61 -34.57
C LEU A 111 -6.89 45.85 -34.65
N ASN A 112 -5.79 46.56 -34.46
CA ASN A 112 -4.48 45.93 -34.51
C ASN A 112 -4.22 45.14 -33.24
N GLU A 113 -3.13 44.37 -33.27
CA GLU A 113 -2.68 43.63 -32.10
C GLU A 113 -1.17 43.50 -32.16
N ASP A 114 -0.57 43.19 -31.01
CA ASP A 114 0.87 42.98 -30.92
C ASP A 114 1.09 41.77 -30.02
N ILE A 115 1.30 40.61 -30.64
CA ILE A 115 1.43 39.37 -29.87
C ILE A 115 2.77 39.36 -29.12
N THR A 116 3.83 39.85 -29.76
CA THR A 116 5.14 39.86 -29.12
C THR A 116 5.10 40.60 -27.78
N CYS A 117 4.46 41.76 -27.76
CA CYS A 117 4.28 42.51 -26.52
C CYS A 117 3.03 42.09 -25.77
N ASP A 118 2.25 41.15 -26.32
CA ASP A 118 1.07 40.60 -25.66
C ASP A 118 0.05 41.70 -25.36
N THR A 119 -0.07 42.66 -26.26
CA THR A 119 -1.03 43.74 -26.13
C THR A 119 -1.88 43.82 -27.38
N LEU A 120 -2.97 44.58 -27.25
CA LEU A 120 -3.86 44.76 -28.40
C LEU A 120 -4.70 46.02 -28.17
N GLN A 121 -5.54 46.37 -29.14
CA GLN A 121 -6.40 47.53 -29.08
C GLN A 121 -7.83 47.15 -28.81
N MET A 122 -8.52 47.96 -28.01
CA MET A 122 -9.94 47.79 -27.76
C MET A 122 -10.60 49.15 -27.80
N TRP A 123 -11.86 49.17 -28.23
CA TRP A 123 -12.60 50.41 -28.33
C TRP A 123 -13.05 50.87 -26.95
N GLU A 124 -12.77 52.13 -26.62
CA GLU A 124 -13.11 52.71 -25.33
C GLU A 124 -14.14 53.81 -25.54
N ALA A 125 -15.22 53.77 -24.77
CA ALA A 125 -16.21 54.83 -24.79
C ALA A 125 -15.88 55.83 -23.70
N ILE A 126 -15.60 57.08 -24.10
CA ILE A 126 -15.12 58.08 -23.15
C ILE A 126 -16.24 59.04 -22.75
N SER A 127 -17.11 59.40 -23.68
CA SER A 127 -18.12 60.39 -23.38
C SER A 127 -19.34 60.12 -24.23
N VAL A 128 -20.49 60.49 -23.71
CA VAL A 128 -21.76 60.28 -24.38
C VAL A 128 -22.62 61.53 -24.24
N LYS A 129 -23.26 61.92 -25.33
CA LYS A 129 -24.21 63.01 -25.32
C LYS A 129 -25.58 62.40 -25.63
N THR A 130 -26.57 62.73 -24.82
CA THR A 130 -27.90 62.15 -24.99
C THR A 130 -28.95 63.24 -24.89
N GLU A 131 -30.17 62.88 -25.29
CA GLU A 131 -31.31 63.77 -25.34
C GLU A 131 -32.54 62.95 -25.69
N VAL A 132 -33.69 63.36 -25.17
CA VAL A 132 -34.95 62.68 -25.44
C VAL A 132 -35.64 63.38 -26.59
N VAL A 133 -35.95 62.64 -27.64
CA VAL A 133 -36.53 63.20 -28.84
C VAL A 133 -38.03 63.22 -28.71
N GLY A 134 -38.66 64.26 -29.23
CA GLY A 134 -40.11 64.34 -29.26
C GLY A 134 -40.75 64.90 -28.02
N ILE A 135 -39.97 65.55 -27.15
CA ILE A 135 -40.54 66.12 -25.94
C ILE A 135 -41.60 67.16 -26.29
N SER A 136 -41.35 67.95 -27.31
CA SER A 136 -42.30 68.99 -27.69
C SER A 136 -43.68 68.42 -28.02
N SER A 137 -43.72 67.17 -28.49
CA SER A 137 -44.98 66.56 -28.90
C SER A 137 -45.96 66.41 -27.75
N LEU A 138 -45.54 66.67 -26.53
CA LEU A 138 -46.38 66.42 -25.36
C LEU A 138 -47.39 67.51 -25.08
N ILE A 139 -47.27 68.66 -25.75
CA ILE A 139 -48.21 69.74 -25.49
C ILE A 139 -49.53 69.55 -26.24
N ASN A 140 -49.69 68.43 -26.94
CA ASN A 140 -50.94 68.19 -27.64
C ASN A 140 -52.03 67.88 -26.64
N VAL A 141 -52.78 68.91 -26.24
CA VAL A 141 -53.92 68.72 -25.36
C VAL A 141 -55.19 68.38 -26.14
N HIS A 142 -55.15 68.43 -27.47
CA HIS A 142 -56.30 68.19 -28.32
C HIS A 142 -56.13 66.83 -29.01
N TYR A 143 -56.54 65.77 -28.32
CA TYR A 143 -56.67 64.44 -28.89
C TYR A 143 -58.13 64.01 -28.73
N TRP A 144 -58.67 63.43 -29.79
CA TRP A 144 -60.12 63.28 -29.88
C TRP A 144 -60.70 62.39 -28.78
N ASP A 145 -59.86 61.80 -27.94
CA ASP A 145 -60.36 60.93 -26.88
C ASP A 145 -59.72 61.25 -25.53
N MET A 146 -59.14 62.43 -25.37
CA MET A 146 -58.56 62.81 -24.09
C MET A 146 -59.65 63.20 -23.10
N LYS A 147 -59.51 62.76 -21.86
CA LYS A 147 -60.46 63.12 -20.82
C LYS A 147 -60.29 64.60 -20.50
N ARG A 148 -61.39 65.34 -20.59
CA ARG A 148 -61.35 66.75 -20.26
C ARG A 148 -61.00 66.94 -18.79
N VAL A 149 -60.18 67.96 -18.50
CA VAL A 149 -59.87 68.27 -17.11
C VAL A 149 -61.11 68.81 -16.40
N HIS A 150 -62.00 69.48 -17.15
CA HIS A 150 -63.29 69.89 -16.62
C HIS A 150 -64.21 70.16 -17.80
N ASP A 151 -65.46 70.47 -17.50
CA ASP A 151 -66.48 70.60 -18.55
C ASP A 151 -66.13 71.74 -19.49
N TYR A 152 -66.42 71.53 -20.77
CA TYR A 152 -66.16 72.51 -21.83
C TYR A 152 -64.70 72.97 -21.86
N GLY A 153 -63.81 72.19 -21.27
CA GLY A 153 -62.42 72.55 -21.18
C GLY A 153 -61.55 71.81 -22.16
N ALA A 154 -60.27 71.72 -21.84
CA ALA A 154 -59.28 71.00 -22.65
C ALA A 154 -58.92 69.69 -21.97
N GLY A 155 -58.21 68.85 -22.72
CA GLY A 155 -57.80 67.56 -22.22
C GLY A 155 -56.79 67.68 -21.09
N ILE A 156 -56.45 66.53 -20.52
CA ILE A 156 -55.47 66.45 -19.43
C ILE A 156 -54.13 66.09 -20.06
N PRO A 157 -53.15 66.98 -20.03
CA PRO A 157 -51.90 66.71 -20.73
C PRO A 157 -51.21 65.44 -20.24
N VAL A 158 -50.36 64.89 -21.10
CA VAL A 158 -49.63 63.68 -20.76
C VAL A 158 -48.82 63.94 -19.50
N SER A 159 -49.10 63.19 -18.45
CA SER A 159 -48.45 63.38 -17.17
C SER A 159 -48.59 62.10 -16.36
N GLY A 160 -48.05 62.13 -15.13
CA GLY A 160 -48.10 60.98 -14.28
C GLY A 160 -46.73 60.37 -14.03
N VAL A 161 -46.65 59.04 -14.13
CA VAL A 161 -45.43 58.32 -13.81
C VAL A 161 -44.35 58.60 -14.87
N ASN A 162 -43.10 58.63 -14.42
CA ASN A 162 -41.97 58.72 -15.35
C ASN A 162 -40.91 57.74 -14.91
N TYR A 163 -40.25 57.11 -15.87
CA TYR A 163 -39.13 56.21 -15.60
C TYR A 163 -38.10 56.46 -16.69
N HIS A 164 -37.08 57.22 -16.37
CA HIS A 164 -36.00 57.52 -17.28
C HIS A 164 -34.75 56.74 -16.91
N MET A 165 -34.05 56.22 -17.91
CA MET A 165 -32.88 55.38 -17.69
C MET A 165 -32.17 55.16 -19.02
N PHE A 166 -30.85 55.15 -18.98
CA PHE A 166 -30.07 54.71 -20.11
C PHE A 166 -28.76 54.13 -19.61
N ALA A 167 -28.06 53.41 -20.49
CA ALA A 167 -26.82 52.75 -20.13
C ALA A 167 -25.92 52.64 -21.34
N ILE A 168 -24.64 52.82 -21.11
CA ILE A 168 -23.61 52.67 -22.13
C ILE A 168 -22.57 51.70 -21.59
N GLY A 169 -22.24 50.70 -22.38
CA GLY A 169 -21.27 49.72 -21.93
C GLY A 169 -20.78 48.86 -23.08
N GLY A 170 -19.68 48.15 -22.82
CA GLY A 170 -19.08 47.24 -23.77
C GLY A 170 -19.52 45.80 -23.61
N GLU A 171 -20.45 45.53 -22.72
CA GLU A 171 -21.06 44.22 -22.58
C GLU A 171 -22.53 44.44 -22.21
N PRO A 172 -23.38 43.46 -22.48
CA PRO A 172 -24.80 43.62 -22.19
C PRO A 172 -25.04 43.99 -20.75
N LEU A 173 -26.03 44.87 -20.54
CA LEU A 173 -26.33 45.33 -19.20
C LEU A 173 -26.80 44.19 -18.33
N ASP A 174 -26.17 44.05 -17.17
CA ASP A 174 -26.61 43.03 -16.19
C ASP A 174 -27.83 43.55 -15.46
N LEU A 175 -28.74 42.66 -15.14
CA LEU A 175 -30.01 43.06 -14.55
C LEU A 175 -30.28 42.30 -13.26
N GLN A 176 -31.14 42.90 -12.45
CA GLN A 176 -31.62 42.30 -11.21
C GLN A 176 -33.15 42.33 -11.24
N GLY A 177 -33.77 41.26 -10.78
CA GLY A 177 -35.22 41.14 -10.80
C GLY A 177 -35.82 41.41 -9.42
N LEU A 178 -36.93 42.13 -9.42
CA LEU A 178 -37.70 42.41 -8.22
C LEU A 178 -39.08 42.88 -8.64
N VAL A 179 -40.10 42.38 -7.95
CA VAL A 179 -41.48 42.66 -8.33
C VAL A 179 -42.22 43.20 -7.13
N LEU A 180 -43.42 43.73 -7.42
CA LEU A 180 -44.26 44.26 -6.37
C LEU A 180 -45.14 43.20 -5.75
N ASP A 181 -45.44 42.13 -6.48
CA ASP A 181 -46.20 41.00 -5.98
C ASP A 181 -45.73 39.73 -6.66
N TYR A 182 -45.35 38.73 -5.86
CA TYR A 182 -44.88 37.49 -6.45
C TYR A 182 -46.03 36.60 -6.91
N GLN A 183 -47.23 36.82 -6.35
CA GLN A 183 -48.42 36.12 -6.82
C GLN A 183 -48.69 36.35 -8.30
N THR A 184 -48.15 37.43 -8.87
CA THR A 184 -48.47 37.82 -10.23
C THR A 184 -48.09 36.73 -11.22
N GLN A 185 -49.03 36.34 -12.07
CA GLN A 185 -48.81 35.33 -13.10
C GLN A 185 -48.50 36.06 -14.40
N TYR A 186 -47.22 36.28 -14.63
CA TYR A 186 -46.80 36.93 -15.86
C TYR A 186 -46.97 35.97 -17.04
N PRO A 187 -47.08 36.48 -18.26
CA PRO A 187 -47.22 35.61 -19.43
C PRO A 187 -46.11 34.58 -19.52
N LYS A 188 -46.44 33.46 -20.18
CA LYS A 188 -45.59 32.28 -20.15
C LYS A 188 -44.29 32.56 -20.91
N THR A 189 -43.42 31.55 -20.90
CA THR A 189 -42.08 31.65 -21.43
C THR A 189 -42.06 31.55 -22.95
N THR A 190 -43.21 31.71 -23.63
CA THR A 190 -43.27 31.62 -25.08
C THR A 190 -42.25 32.58 -25.69
N ASN A 191 -41.75 32.21 -26.89
CA ASN A 191 -40.63 32.94 -27.49
C ASN A 191 -40.97 34.42 -27.74
N GLY A 192 -42.21 34.68 -28.22
CA GLY A 192 -42.62 36.06 -28.38
C GLY A 192 -42.86 36.78 -27.06
N GLY A 193 -43.18 36.02 -26.00
CA GLY A 193 -43.49 36.59 -24.71
C GLY A 193 -42.28 37.23 -24.05
N PRO A 194 -42.56 38.02 -23.01
CA PRO A 194 -41.46 38.67 -22.29
C PRO A 194 -40.84 37.74 -21.24
N ILE A 195 -39.56 37.99 -20.96
CA ILE A 195 -38.85 37.24 -19.95
C ILE A 195 -39.27 37.72 -18.57
N THR A 196 -39.52 36.78 -17.67
CA THR A 196 -39.94 37.13 -16.31
C THR A 196 -39.05 36.40 -15.32
N ILE A 197 -39.38 36.54 -14.04
CA ILE A 197 -38.55 35.94 -12.99
C ILE A 197 -38.54 34.43 -13.13
N GLU A 198 -39.74 33.82 -13.28
CA GLU A 198 -39.75 32.32 -13.24
C GLU A 198 -39.21 31.80 -14.54
N THR A 199 -39.02 32.66 -15.58
CA THR A 199 -38.39 32.20 -16.81
C THR A 199 -36.95 31.78 -16.56
N VAL A 200 -36.18 32.64 -15.90
CA VAL A 200 -34.78 32.34 -15.68
C VAL A 200 -34.59 31.34 -14.54
N LEU A 201 -35.49 31.34 -13.56
CA LEU A 201 -35.33 30.41 -12.43
C LEU A 201 -35.77 28.99 -12.78
N GLY A 202 -36.90 28.87 -13.49
CA GLY A 202 -37.46 27.57 -13.77
C GLY A 202 -38.47 27.11 -12.76
N ARG A 203 -38.84 27.94 -11.79
CA ARG A 203 -39.80 27.60 -10.77
C ARG A 203 -40.63 28.82 -10.42
N LYS A 204 -41.85 28.58 -9.95
CA LYS A 204 -42.72 29.68 -9.55
C LYS A 204 -42.03 30.53 -8.49
N MET A 205 -42.01 31.83 -8.72
CA MET A 205 -41.21 32.69 -7.87
C MET A 205 -41.83 32.80 -6.46
N THR A 206 -40.97 32.88 -5.46
CA THR A 206 -41.34 32.89 -4.05
C THR A 206 -41.51 34.31 -3.56
N PRO A 207 -42.06 34.52 -2.37
CA PRO A 207 -42.15 35.88 -1.83
C PRO A 207 -40.79 36.51 -1.57
N LYS A 208 -39.71 35.72 -1.55
CA LYS A 208 -38.38 36.31 -1.49
C LYS A 208 -38.15 37.30 -2.61
N ASN A 209 -38.76 37.08 -3.75
CA ASN A 209 -38.55 37.94 -4.92
C ASN A 209 -39.17 39.32 -4.76
N GLN A 210 -40.14 39.49 -3.86
CA GLN A 210 -40.60 40.84 -3.55
C GLN A 210 -39.49 41.69 -2.97
N GLY A 211 -38.54 41.07 -2.28
CA GLY A 211 -37.28 41.70 -1.92
C GLY A 211 -36.17 41.25 -2.86
N LEU A 212 -34.96 41.67 -2.53
CA LEU A 212 -33.83 41.32 -3.36
C LEU A 212 -33.53 39.83 -3.27
N ASP A 213 -33.28 39.22 -4.41
CA ASP A 213 -32.95 37.80 -4.50
C ASP A 213 -31.73 37.64 -5.39
N PRO A 214 -30.59 37.25 -4.84
CA PRO A 214 -29.39 37.09 -5.68
C PRO A 214 -29.54 36.05 -6.77
N GLN A 215 -30.55 35.18 -6.68
CA GLN A 215 -30.77 34.17 -7.72
C GLN A 215 -31.49 34.76 -8.94
N ALA A 216 -32.19 35.88 -8.78
CA ALA A 216 -33.00 36.46 -9.86
C ALA A 216 -32.18 37.43 -10.71
N LYS A 217 -31.14 36.90 -11.33
CA LYS A 217 -30.29 37.77 -12.14
C LYS A 217 -30.33 37.25 -13.56
N ALA A 218 -30.18 38.15 -14.51
CA ALA A 218 -30.18 37.83 -15.92
C ALA A 218 -29.66 39.00 -16.73
N LYS A 219 -28.77 38.73 -17.70
CA LYS A 219 -28.30 39.79 -18.57
C LYS A 219 -29.41 40.24 -19.50
N LEU A 220 -29.27 41.46 -20.03
CA LEU A 220 -30.28 42.05 -20.91
C LEU A 220 -29.95 41.59 -22.33
N ASP A 221 -30.51 40.44 -22.71
CA ASP A 221 -30.19 39.83 -24.01
C ASP A 221 -30.95 40.48 -25.14
N LYS A 222 -32.28 40.46 -25.06
CA LYS A 222 -33.13 40.83 -26.18
C LYS A 222 -33.78 42.20 -25.93
N ASP A 223 -34.60 42.61 -26.87
CA ASP A 223 -35.29 43.88 -26.83
C ASP A 223 -36.78 43.65 -26.59
N GLY A 224 -37.40 44.53 -25.81
CA GLY A 224 -38.84 44.48 -25.62
C GLY A 224 -39.30 43.23 -24.94
N ASN A 225 -38.37 42.47 -24.35
CA ASN A 225 -38.72 41.23 -23.69
C ASN A 225 -38.37 41.23 -22.21
N TYR A 226 -37.69 42.27 -21.71
CA TYR A 226 -37.41 42.34 -20.29
C TYR A 226 -38.24 43.46 -19.70
N PRO A 227 -39.40 43.18 -19.10
CA PRO A 227 -40.29 44.23 -18.60
C PRO A 227 -39.62 45.10 -17.55
N ILE A 228 -40.06 46.35 -17.50
CA ILE A 228 -39.45 47.30 -16.58
C ILE A 228 -39.89 47.01 -15.17
N GLU A 229 -41.18 46.79 -14.96
CA GLU A 229 -41.70 46.61 -13.61
C GLU A 229 -41.15 45.38 -12.93
N VAL A 230 -40.39 44.56 -13.65
CA VAL A 230 -39.81 43.35 -13.09
C VAL A 230 -38.30 43.46 -12.94
N TRP A 231 -37.64 44.04 -13.91
CA TRP A 231 -36.18 44.06 -13.94
C TRP A 231 -35.65 45.45 -13.56
N CYS A 232 -34.49 45.47 -12.91
CA CYS A 232 -33.80 46.70 -12.55
C CYS A 232 -32.31 46.43 -12.66
N PRO A 233 -31.50 47.43 -12.98
CA PRO A 233 -30.08 47.19 -13.19
C PRO A 233 -29.41 46.71 -11.92
N ASP A 234 -28.76 45.56 -12.02
CA ASP A 234 -28.09 44.97 -10.85
C ASP A 234 -26.87 45.82 -10.62
N PRO A 235 -26.75 46.56 -9.53
CA PRO A 235 -25.61 47.38 -9.37
C PRO A 235 -24.34 46.58 -9.13
N SER A 236 -24.43 45.40 -8.56
CA SER A 236 -23.17 44.70 -8.25
C SER A 236 -22.36 44.32 -9.48
N LYS A 237 -22.98 43.73 -10.48
CA LYS A 237 -22.12 43.29 -11.59
C LYS A 237 -22.12 44.23 -12.77
N ASN A 238 -22.79 45.36 -12.73
CA ASN A 238 -22.71 46.24 -13.91
C ASN A 238 -21.42 47.02 -13.69
N GLU A 239 -20.26 46.49 -14.07
CA GLU A 239 -19.01 47.18 -13.69
C GLU A 239 -18.26 47.60 -14.92
N ASN A 240 -18.63 47.01 -16.02
CA ASN A 240 -17.99 47.41 -17.27
C ASN A 240 -18.95 48.24 -18.09
N SER A 241 -19.86 48.92 -17.42
CA SER A 241 -20.84 49.75 -18.09
C SER A 241 -21.30 50.85 -17.12
N ARG A 242 -21.90 51.89 -17.66
CA ARG A 242 -22.33 53.03 -16.88
C ARG A 242 -23.79 53.32 -17.18
N TYR A 243 -24.61 53.43 -16.15
CA TYR A 243 -26.04 53.62 -16.31
C TYR A 243 -26.52 54.70 -15.40
N TYR A 244 -27.59 55.39 -15.83
CA TYR A 244 -28.15 56.48 -15.06
C TYR A 244 -29.67 56.32 -15.08
N GLY A 245 -30.34 56.77 -14.02
CA GLY A 245 -31.77 56.52 -13.91
C GLY A 245 -32.51 57.59 -13.14
N SER A 246 -33.82 57.54 -13.24
CA SER A 246 -34.70 58.49 -12.59
C SER A 246 -36.09 57.89 -12.53
N ILE A 247 -36.95 58.46 -11.70
CA ILE A 247 -38.31 57.98 -11.52
C ILE A 247 -39.16 59.01 -10.81
N GLN A 248 -40.46 59.03 -11.12
CA GLN A 248 -41.42 59.72 -10.28
C GLN A 248 -42.73 58.98 -10.39
N THR A 249 -43.43 58.84 -9.26
CA THR A 249 -44.63 58.01 -9.18
C THR A 249 -45.76 58.87 -8.64
N GLY A 250 -46.72 59.18 -9.49
CA GLY A 250 -47.89 59.91 -9.05
C GLY A 250 -49.02 59.73 -10.03
N SER A 251 -50.24 59.92 -9.52
CA SER A 251 -51.42 59.76 -10.38
C SER A 251 -51.39 60.78 -11.53
N GLN A 252 -51.40 62.06 -11.20
CA GLN A 252 -51.42 63.13 -12.19
C GLN A 252 -50.23 64.05 -12.00
N THR A 253 -49.13 63.48 -11.53
CA THR A 253 -47.91 64.27 -11.30
C THR A 253 -47.42 64.89 -12.60
N PRO A 254 -47.06 66.17 -12.59
CA PRO A 254 -46.54 66.78 -13.82
C PRO A 254 -45.23 66.18 -14.24
N THR A 255 -44.95 66.30 -15.53
CA THR A 255 -43.74 65.74 -16.13
C THR A 255 -42.80 66.89 -16.48
N VAL A 256 -41.60 66.88 -15.94
CA VAL A 256 -40.61 67.92 -16.16
C VAL A 256 -39.42 67.30 -16.86
N LEU A 257 -39.10 67.83 -18.03
CA LEU A 257 -37.96 67.34 -18.81
C LEU A 257 -37.19 68.52 -19.37
N GLN A 258 -35.90 68.34 -19.54
CA GLN A 258 -35.05 69.36 -20.09
C GLN A 258 -34.17 68.73 -21.15
N PHE A 259 -33.72 69.56 -22.08
CA PHE A 259 -32.92 69.03 -23.19
C PHE A 259 -32.08 70.13 -23.80
N SER A 260 -30.89 69.75 -24.29
CA SER A 260 -29.97 70.64 -24.97
C SER A 260 -28.88 69.79 -25.59
N ASN A 261 -28.09 70.41 -26.46
CA ASN A 261 -26.96 69.76 -27.09
C ASN A 261 -25.63 70.13 -26.44
N THR A 262 -25.63 71.00 -25.43
CA THR A 262 -24.40 71.34 -24.73
C THR A 262 -24.05 70.35 -23.63
N LEU A 263 -25.03 69.63 -23.09
CA LEU A 263 -24.78 68.71 -22.00
C LEU A 263 -24.07 67.47 -22.51
N THR A 264 -22.85 67.24 -22.01
CA THR A 264 -22.07 66.06 -22.36
C THR A 264 -21.76 65.29 -21.09
N THR A 265 -21.90 63.98 -21.15
CA THR A 265 -21.69 63.11 -20.00
C THR A 265 -20.40 62.32 -20.18
N VAL A 266 -19.53 62.38 -19.20
CA VAL A 266 -18.25 61.68 -19.23
C VAL A 266 -18.43 60.30 -18.63
N LEU A 267 -17.84 59.29 -19.27
CA LEU A 267 -17.99 57.90 -18.87
C LEU A 267 -16.78 57.34 -18.17
N LEU A 268 -15.69 58.09 -18.08
CA LEU A 268 -14.47 57.56 -17.49
C LEU A 268 -14.70 57.23 -16.02
N ASP A 269 -13.95 56.23 -15.55
CA ASP A 269 -14.02 55.81 -14.15
C ASP A 269 -12.97 56.57 -13.32
N GLU A 270 -12.91 56.25 -12.03
CA GLU A 270 -11.90 56.85 -11.16
C GLU A 270 -10.48 56.52 -11.59
N ASN A 271 -10.28 55.44 -12.34
CA ASN A 271 -8.97 55.11 -12.85
C ASN A 271 -8.70 55.74 -14.22
N GLY A 272 -9.71 56.24 -14.89
CA GLY A 272 -9.56 56.91 -16.17
C GLY A 272 -9.83 56.08 -17.39
N VAL A 273 -10.73 55.11 -17.32
CA VAL A 273 -11.12 54.29 -18.46
C VAL A 273 -12.64 54.19 -18.50
N GLY A 274 -13.19 54.17 -19.71
CA GLY A 274 -14.61 53.99 -19.89
C GLY A 274 -14.91 52.53 -20.10
N PRO A 275 -16.12 52.22 -20.55
CA PRO A 275 -16.45 50.83 -20.84
C PRO A 275 -15.66 50.33 -22.04
N LEU A 276 -15.15 49.11 -21.92
CA LEU A 276 -14.39 48.50 -22.99
C LEU A 276 -15.31 47.58 -23.78
N CYS A 277 -15.33 47.76 -25.10
CA CYS A 277 -16.23 47.02 -25.96
C CYS A 277 -15.66 45.63 -26.21
N LYS A 278 -16.12 44.65 -25.45
CA LYS A 278 -15.75 43.26 -25.72
C LYS A 278 -16.43 42.80 -27.00
N GLY A 279 -15.73 41.96 -27.74
CA GLY A 279 -16.26 41.52 -29.02
C GLY A 279 -16.48 42.63 -30.01
N ASP A 280 -15.76 43.74 -29.84
CA ASP A 280 -15.84 44.89 -30.72
C ASP A 280 -17.30 45.35 -30.85
N GLY A 281 -18.03 45.32 -29.74
CA GLY A 281 -19.42 45.68 -29.76
C GLY A 281 -19.81 46.73 -28.73
N LEU A 282 -20.44 47.80 -29.18
CA LEU A 282 -20.99 48.82 -28.29
C LEU A 282 -22.42 48.48 -27.94
N PHE A 283 -22.72 48.47 -26.66
CA PHE A 283 -24.04 48.10 -26.16
C PHE A 283 -24.71 49.33 -25.57
N ILE A 284 -25.91 49.62 -26.04
CA ILE A 284 -26.68 50.77 -25.60
C ILE A 284 -28.03 50.29 -25.13
N SER A 285 -28.47 50.79 -23.97
CA SER A 285 -29.77 50.45 -23.43
C SER A 285 -30.42 51.71 -22.91
N CYS A 286 -31.74 51.80 -23.04
CA CYS A 286 -32.45 53.00 -22.62
C CYS A 286 -33.91 52.68 -22.42
N ALA A 287 -34.57 53.52 -21.64
CA ALA A 287 -36.00 53.39 -21.40
C ALA A 287 -36.50 54.69 -20.82
N ASP A 288 -37.49 55.32 -21.46
CA ASP A 288 -38.07 56.57 -20.94
C ASP A 288 -39.57 56.51 -21.02
N ILE A 289 -40.22 56.36 -19.87
CA ILE A 289 -41.67 56.47 -19.76
C ILE A 289 -42.01 57.92 -19.51
N VAL A 290 -42.94 58.45 -20.29
CA VAL A 290 -43.27 59.87 -20.20
C VAL A 290 -44.47 60.12 -19.30
N GLY A 291 -45.51 59.31 -19.39
CA GLY A 291 -46.67 59.50 -18.54
C GLY A 291 -47.86 58.76 -19.11
N PHE A 292 -49.03 59.07 -18.56
CA PHE A 292 -50.26 58.41 -18.95
C PHE A 292 -50.95 59.18 -20.08
N LEU A 293 -52.05 58.60 -20.58
CA LEU A 293 -52.91 59.24 -21.55
C LEU A 293 -54.33 59.04 -21.05
N PHE A 294 -54.92 60.09 -20.49
CA PHE A 294 -56.22 59.96 -19.84
C PHE A 294 -57.31 59.99 -20.92
N LYS A 295 -57.93 58.84 -21.16
CA LYS A 295 -58.96 58.73 -22.18
C LYS A 295 -60.31 59.19 -21.62
N THR A 296 -61.20 59.61 -22.52
CA THR A 296 -62.54 60.06 -22.10
C THR A 296 -63.25 58.94 -21.35
N SER A 297 -63.08 57.70 -21.80
CA SER A 297 -63.71 56.58 -21.12
C SER A 297 -63.17 56.35 -19.72
N GLY A 298 -62.21 57.15 -19.27
CA GLY A 298 -61.59 56.96 -18.00
C GLY A 298 -60.37 56.05 -18.01
N LYS A 299 -60.18 55.25 -19.06
CA LYS A 299 -59.06 54.33 -19.12
C LYS A 299 -57.75 55.11 -19.24
N MET A 300 -56.65 54.41 -18.98
CA MET A 300 -55.33 55.00 -18.89
C MET A 300 -54.33 54.12 -19.60
N ALA A 301 -53.28 54.74 -20.13
CA ALA A 301 -52.24 53.99 -20.83
C ALA A 301 -50.97 54.83 -20.89
N LEU A 302 -49.83 54.17 -20.71
CA LEU A 302 -48.54 54.84 -20.66
C LEU A 302 -48.04 55.20 -22.04
N HIS A 303 -46.98 56.00 -22.07
CA HIS A 303 -46.39 56.45 -23.32
C HIS A 303 -44.91 56.72 -23.11
N GLY A 304 -44.11 56.57 -24.18
CA GLY A 304 -42.68 56.78 -24.10
C GLY A 304 -42.16 57.49 -25.32
N LEU A 305 -40.91 57.90 -25.24
CA LEU A 305 -40.23 58.61 -26.31
C LEU A 305 -38.87 57.99 -26.52
N PRO A 306 -38.31 58.12 -27.72
CA PRO A 306 -36.98 57.58 -27.98
C PRO A 306 -35.89 58.46 -27.37
N ARG A 307 -34.63 58.08 -27.61
CA ARG A 307 -33.50 58.83 -27.09
C ARG A 307 -32.44 58.96 -28.16
N TYR A 308 -31.69 60.06 -28.07
CA TYR A 308 -30.56 60.32 -28.95
C TYR A 308 -29.29 59.88 -28.23
N PHE A 309 -28.33 59.40 -28.98
CA PHE A 309 -27.07 58.92 -28.42
C PHE A 309 -25.93 59.38 -29.31
N ASN A 310 -25.00 60.14 -28.74
CA ASN A 310 -23.83 60.63 -29.46
C ASN A 310 -22.61 60.16 -28.68
N VAL A 311 -22.14 58.96 -28.99
CA VAL A 311 -21.07 58.33 -28.24
C VAL A 311 -19.75 58.68 -28.88
N THR A 312 -18.78 59.04 -28.06
CA THR A 312 -17.43 59.36 -28.51
C THR A 312 -16.54 58.19 -28.15
N LEU A 313 -15.93 57.57 -29.16
CA LEU A 313 -15.12 56.38 -28.99
C LEU A 313 -13.66 56.65 -29.33
N ARG A 314 -12.76 55.93 -28.68
CA ARG A 314 -11.34 56.03 -29.00
C ARG A 314 -10.69 54.67 -28.82
N LYS A 315 -9.41 54.60 -29.16
CA LYS A 315 -8.66 53.35 -29.16
C LYS A 315 -7.73 53.32 -27.97
N ARG A 316 -7.76 52.22 -27.21
CA ARG A 316 -6.87 52.06 -26.06
C ARG A 316 -6.12 50.75 -26.17
N TRP A 317 -4.88 50.74 -25.67
CA TRP A 317 -4.07 49.54 -25.64
C TRP A 317 -4.30 48.84 -24.30
N VAL A 318 -4.43 47.52 -24.33
CA VAL A 318 -4.63 46.73 -23.13
C VAL A 318 -3.77 45.47 -23.24
N LYS A 319 -3.52 44.85 -22.09
CA LYS A 319 -2.81 43.59 -22.03
C LYS A 319 -3.81 42.44 -22.13
N ASN A 320 -3.54 41.49 -23.01
CA ASN A 320 -4.39 40.32 -23.15
C ASN A 320 -4.33 39.51 -21.88
N PRO A 321 -5.43 39.42 -21.07
CA PRO A 321 -5.35 38.73 -19.79
C PRO A 321 -5.45 37.22 -19.90
N TYR A 322 -5.73 36.69 -21.08
CA TYR A 322 -6.03 35.28 -21.23
C TYR A 322 -4.95 34.61 -22.07
N PRO A 323 -4.38 33.51 -21.61
CA PRO A 323 -3.41 32.78 -22.45
C PRO A 323 -4.09 32.23 -23.68
N VAL A 324 -3.51 32.52 -24.84
CA VAL A 324 -4.14 32.17 -26.10
C VAL A 324 -4.23 30.66 -26.25
N VAL A 325 -3.13 29.96 -26.02
CA VAL A 325 -3.07 28.53 -26.30
C VAL A 325 -4.05 27.78 -25.41
N ASN A 326 -4.04 28.07 -24.12
CA ASN A 326 -5.01 27.45 -23.22
C ASN A 326 -6.43 27.79 -23.64
N LEU A 327 -6.64 28.99 -24.16
CA LEU A 327 -7.99 29.41 -24.54
C LEU A 327 -8.45 28.68 -25.80
N ILE A 328 -7.57 28.54 -26.79
CA ILE A 328 -7.98 27.90 -28.03
C ILE A 328 -8.11 26.39 -27.85
N ASN A 329 -7.29 25.79 -26.99
CA ASN A 329 -7.38 24.35 -26.77
C ASN A 329 -8.71 23.94 -26.18
N SER A 330 -9.40 24.85 -25.48
CA SER A 330 -10.71 24.54 -24.95
C SER A 330 -11.68 24.10 -26.02
N LEU A 331 -11.46 24.54 -27.26
CA LEU A 331 -12.38 24.21 -28.33
C LEU A 331 -12.21 22.78 -28.80
N PHE A 332 -11.02 22.22 -28.62
CA PHE A 332 -10.77 20.83 -29.00
C PHE A 332 -11.26 19.89 -27.91
N SER A 333 -11.91 18.80 -28.34
CA SER A 333 -12.51 17.87 -27.38
C SER A 333 -11.44 17.11 -26.61
N ASN A 334 -10.50 16.47 -27.33
CA ASN A 334 -9.51 15.63 -26.66
C ASN A 334 -8.57 16.43 -25.77
N LEU A 335 -8.44 17.74 -25.99
CA LEU A 335 -7.58 18.56 -25.15
C LEU A 335 -8.30 19.12 -23.93
N MET A 336 -9.61 19.38 -24.04
CA MET A 336 -10.41 19.81 -22.89
C MET A 336 -11.49 18.76 -22.65
N PRO A 337 -11.19 17.72 -21.87
CA PRO A 337 -12.22 16.73 -21.55
C PRO A 337 -13.08 17.19 -20.39
N LYS A 338 -14.36 16.86 -20.46
CA LYS A 338 -15.32 17.22 -19.42
C LYS A 338 -16.11 15.99 -19.02
N VAL A 339 -16.54 15.96 -17.77
CA VAL A 339 -17.26 14.82 -17.21
C VAL A 339 -18.39 15.32 -16.32
N SER A 340 -19.34 14.43 -16.06
CA SER A 340 -20.43 14.70 -15.13
C SER A 340 -20.12 14.09 -13.77
N GLY A 341 -19.14 14.71 -13.10
CA GLY A 341 -18.66 14.20 -11.83
C GLY A 341 -19.47 14.68 -10.65
N GLN A 342 -19.02 14.28 -9.46
CA GLN A 342 -19.69 14.68 -8.24
C GLN A 342 -19.54 16.18 -8.02
N PRO A 343 -20.46 16.78 -7.28
CA PRO A 343 -20.42 18.24 -7.09
C PRO A 343 -19.14 18.68 -6.41
N MET A 344 -18.29 19.37 -7.15
CA MET A 344 -17.01 19.82 -6.63
C MET A 344 -16.84 21.32 -6.81
N GLU A 345 -17.94 22.04 -7.02
CA GLU A 345 -17.90 23.47 -7.28
C GLU A 345 -19.29 24.03 -7.05
N GLY A 346 -19.41 24.97 -6.13
CA GLY A 346 -20.70 25.60 -5.90
C GLY A 346 -21.33 25.29 -4.56
N LYS A 347 -22.66 25.32 -4.51
CA LYS A 347 -23.36 25.20 -3.24
C LYS A 347 -23.13 23.85 -2.58
N ASP A 348 -22.83 22.82 -3.36
CA ASP A 348 -22.65 21.48 -2.84
C ASP A 348 -21.22 20.98 -3.05
N ASN A 349 -20.25 21.88 -3.01
CA ASN A 349 -18.87 21.49 -3.28
C ASN A 349 -18.38 20.46 -2.26
N GLN A 350 -17.80 19.39 -2.76
CA GLN A 350 -17.20 18.37 -1.90
C GLN A 350 -15.70 18.62 -1.74
N VAL A 351 -15.38 19.82 -1.29
CA VAL A 351 -14.01 20.21 -0.95
C VAL A 351 -14.04 20.81 0.45
N GLU A 352 -13.12 20.40 1.29
CA GLU A 352 -13.12 20.84 2.68
C GLU A 352 -12.10 21.93 2.96
N GLU A 353 -10.98 21.87 2.27
CA GLU A 353 -9.97 22.92 2.51
C GLU A 353 -9.08 23.04 1.30
N VAL A 354 -8.51 24.21 1.11
CA VAL A 354 -7.56 24.49 0.05
C VAL A 354 -6.47 25.38 0.63
N ARG A 355 -5.22 24.97 0.48
CA ARG A 355 -4.08 25.72 0.98
C ARG A 355 -3.13 26.05 -0.15
N ILE A 356 -2.59 27.27 -0.13
CA ILE A 356 -1.64 27.75 -1.11
C ILE A 356 -0.33 28.06 -0.40
N TYR A 357 0.76 27.50 -0.89
CA TYR A 357 2.08 27.73 -0.31
C TYR A 357 2.98 28.39 -1.34
N GLU A 358 3.64 29.48 -0.94
CA GLU A 358 4.62 30.14 -1.78
C GLU A 358 5.68 30.75 -0.90
N GLY A 359 6.94 30.46 -1.19
CA GLY A 359 8.04 30.96 -0.40
C GLY A 359 8.06 30.37 1.00
N SER A 360 9.03 30.81 1.78
CA SER A 360 9.22 30.32 3.14
C SER A 360 9.20 31.48 4.12
N GLU A 361 8.74 31.20 5.33
CA GLU A 361 8.69 32.17 6.40
C GLU A 361 9.21 31.54 7.67
N GLN A 362 9.34 32.37 8.71
CA GLN A 362 9.64 31.85 10.03
C GLN A 362 8.47 31.02 10.55
N LEU A 363 8.78 29.95 11.25
CA LEU A 363 7.76 28.98 11.65
C LEU A 363 6.71 29.60 12.55
N PRO A 364 5.44 29.58 12.15
CA PRO A 364 4.39 30.04 13.05
C PRO A 364 3.98 28.95 14.01
N GLY A 365 3.51 29.37 15.18
CA GLY A 365 3.09 28.43 16.20
C GLY A 365 1.89 27.60 15.79
N ASP A 366 0.74 28.24 15.67
CA ASP A 366 -0.47 27.54 15.27
C ASP A 366 -0.40 27.19 13.79
N PRO A 367 -0.44 25.91 13.42
CA PRO A 367 -0.53 25.57 11.99
C PRO A 367 -1.91 25.82 11.43
N ASP A 368 -2.95 25.66 12.25
CA ASP A 368 -4.31 25.96 11.83
C ASP A 368 -4.63 27.42 12.17
N ILE A 369 -3.98 28.32 11.42
CA ILE A 369 -4.17 29.74 11.65
C ILE A 369 -5.61 30.11 11.37
N VAL A 370 -6.24 30.78 12.33
CA VAL A 370 -7.58 31.32 12.15
C VAL A 370 -7.46 32.83 11.99
N ARG A 371 -7.93 33.34 10.86
CA ARG A 371 -7.81 34.76 10.57
C ARG A 371 -8.94 35.57 11.18
N PHE A 372 -10.17 35.08 11.11
CA PHE A 372 -11.29 35.80 11.69
C PHE A 372 -11.19 35.78 13.21
N LEU A 373 -11.56 36.89 13.82
CA LEU A 373 -11.42 37.03 15.27
C LEU A 373 -12.60 36.43 16.02
N ASP A 374 -13.81 36.55 15.47
CA ASP A 374 -15.00 36.10 16.17
C ASP A 374 -15.13 34.59 16.23
N LYS A 375 -14.43 33.86 15.35
CA LYS A 375 -14.67 32.43 15.21
C LYS A 375 -14.37 31.68 16.51
N PHE A 376 -13.12 31.70 16.93
CA PHE A 376 -12.72 30.93 18.11
C PHE A 376 -13.15 31.62 19.39
N CYS B 18 16.73 49.77 9.73
CA CYS B 18 16.30 49.15 10.97
C CYS B 18 16.33 47.63 10.88
N ILE B 19 16.84 46.99 11.92
CA ILE B 19 16.93 45.53 11.99
C ILE B 19 17.14 45.11 13.43
N PRO B 20 16.59 43.98 13.87
CA PRO B 20 16.80 43.54 15.25
C PRO B 20 18.18 42.95 15.47
N LYS B 21 18.63 43.01 16.70
CA LYS B 21 19.94 42.45 17.06
C LYS B 21 19.93 40.95 16.84
N PRO B 22 20.84 40.41 16.01
CA PRO B 22 20.83 38.96 15.79
C PRO B 22 21.20 38.16 17.04
N GLY B 23 22.10 38.70 17.87
CA GLY B 23 22.46 38.00 19.09
C GLY B 23 21.38 38.06 20.14
N CYS B 24 20.71 39.21 20.26
CA CYS B 24 19.67 39.37 21.27
C CYS B 24 18.40 38.59 20.93
N CYS B 25 18.24 38.17 19.67
CA CYS B 25 17.00 37.58 19.24
C CYS B 25 17.23 36.15 18.75
N PRO B 26 16.47 35.17 19.22
CA PRO B 26 16.69 33.79 18.82
C PRO B 26 16.20 33.53 17.41
N ASN B 27 16.73 32.45 16.82
CA ASN B 27 16.38 32.06 15.47
C ASN B 27 15.42 30.88 15.49
N VAL B 28 14.62 30.77 14.43
CA VAL B 28 13.63 29.72 14.28
C VAL B 28 13.84 29.05 12.94
N ALA B 29 13.03 28.02 12.68
CA ALA B 29 13.13 27.27 11.44
C ALA B 29 12.44 28.03 10.29
N SER B 30 12.63 27.59 9.02
CA SER B 30 12.04 28.18 7.79
C SER B 30 11.06 27.16 7.20
N VAL B 31 9.80 27.28 7.60
CA VAL B 31 8.75 26.42 7.07
C VAL B 31 8.19 27.09 5.82
N PRO B 32 7.65 26.34 4.87
CA PRO B 32 7.07 26.97 3.68
C PRO B 32 5.94 27.93 4.05
N LYS B 33 5.99 29.13 3.45
CA LYS B 33 5.06 30.19 3.82
C LYS B 33 3.66 29.87 3.35
N LEU B 34 2.69 30.15 4.20
CA LEU B 34 1.30 29.87 3.89
C LEU B 34 0.63 31.18 3.49
N LEU B 35 0.06 31.22 2.28
CA LEU B 35 -0.57 32.44 1.81
C LEU B 35 -2.05 32.50 2.17
N VAL B 36 -2.77 31.39 2.06
CA VAL B 36 -4.22 31.43 2.25
C VAL B 36 -4.73 30.03 2.56
N LYS B 37 -5.83 29.97 3.32
CA LYS B 37 -6.48 28.72 3.65
C LYS B 37 -7.98 28.96 3.58
N GLY B 38 -8.67 28.20 2.75
CA GLY B 38 -10.10 28.39 2.61
C GLY B 38 -10.72 27.40 1.67
N GLY B 39 -11.93 27.71 1.22
CA GLY B 39 -12.71 26.82 0.38
C GLY B 39 -12.31 26.89 -1.09
N VAL B 40 -13.26 26.51 -1.94
CA VAL B 40 -12.97 26.45 -3.37
C VAL B 40 -12.77 27.84 -3.94
N GLU B 41 -13.46 28.85 -3.40
CA GLU B 41 -13.39 30.20 -3.92
C GLU B 41 -11.99 30.77 -3.85
N VAL B 42 -11.07 30.06 -3.23
CA VAL B 42 -9.73 30.56 -3.01
C VAL B 42 -8.81 30.33 -4.20
N LEU B 43 -9.06 29.29 -5.00
CA LEU B 43 -8.15 28.95 -6.06
C LEU B 43 -7.99 30.10 -7.07
N SER B 44 -8.93 31.03 -7.10
CA SER B 44 -8.83 32.18 -8.01
C SER B 44 -7.63 33.04 -7.73
N VAL B 45 -7.01 32.90 -6.55
CA VAL B 45 -5.89 33.76 -6.17
C VAL B 45 -4.73 33.59 -7.14
N VAL B 46 -4.24 34.73 -7.65
CA VAL B 46 -3.07 34.69 -8.51
C VAL B 46 -1.85 34.37 -7.66
N THR B 47 -1.03 33.43 -8.12
CA THR B 47 0.16 33.01 -7.40
C THR B 47 1.36 33.06 -8.31
N GLY B 48 2.54 33.09 -7.71
CA GLY B 48 3.78 33.14 -8.46
C GLY B 48 4.06 31.85 -9.22
N GLU B 49 5.20 31.85 -9.90
CA GLU B 49 5.61 30.69 -10.68
C GLU B 49 6.10 29.54 -9.82
N ASP B 50 6.44 29.81 -8.54
CA ASP B 50 6.96 28.79 -7.66
C ASP B 50 5.98 28.42 -6.56
N SER B 51 4.68 28.61 -6.80
CA SER B 51 3.70 28.32 -5.77
C SER B 51 3.33 26.85 -5.78
N ILE B 52 2.70 26.42 -4.70
CA ILE B 52 2.26 25.04 -4.51
C ILE B 52 0.85 25.04 -3.96
N THR B 53 0.02 24.14 -4.45
CA THR B 53 -1.39 24.07 -4.12
C THR B 53 -1.74 22.68 -3.59
N GLN B 54 -2.50 22.65 -2.49
CA GLN B 54 -3.02 21.41 -1.94
C GLN B 54 -4.53 21.53 -1.83
N ILE B 55 -5.24 20.47 -2.23
CA ILE B 55 -6.70 20.44 -2.23
C ILE B 55 -7.18 19.28 -1.40
N GLU B 56 -7.99 19.56 -0.40
CA GLU B 56 -8.50 18.47 0.42
C GLU B 56 -9.96 18.31 0.00
N LEU B 57 -10.32 17.12 -0.43
CA LEU B 57 -11.67 16.82 -0.92
C LEU B 57 -12.03 15.38 -0.63
N TYR B 58 -13.26 15.00 -0.98
CA TYR B 58 -13.78 13.67 -0.70
C TYR B 58 -14.74 13.25 -1.77
N LEU B 59 -14.97 11.94 -1.88
CA LEU B 59 -15.92 11.40 -2.84
C LEU B 59 -16.77 10.35 -2.14
N ASN B 60 -18.09 10.57 -2.10
CA ASN B 60 -19.00 9.55 -1.58
C ASN B 60 -19.08 8.38 -2.55
N PRO B 61 -19.41 7.19 -2.05
CA PRO B 61 -19.49 6.02 -2.94
C PRO B 61 -20.80 6.00 -3.70
N ARG B 62 -20.77 5.30 -4.83
CA ARG B 62 -21.94 5.18 -5.70
C ARG B 62 -22.14 3.71 -6.01
N MET B 63 -23.13 3.09 -5.38
CA MET B 63 -23.37 1.66 -5.46
C MET B 63 -24.82 1.37 -5.75
N GLY B 64 -25.38 2.05 -6.76
CA GLY B 64 -26.76 1.85 -7.17
C GLY B 64 -27.76 2.74 -6.46
N VAL B 65 -27.61 2.93 -5.16
CA VAL B 65 -28.40 3.91 -4.43
C VAL B 65 -27.49 5.13 -4.31
N ASN B 66 -27.65 6.06 -5.25
CA ASN B 66 -26.66 7.08 -5.50
C ASN B 66 -27.10 8.46 -5.01
N SER B 67 -28.18 8.55 -4.24
CA SER B 67 -28.62 9.85 -3.78
C SER B 67 -29.42 9.75 -2.51
N PRO B 68 -29.02 10.46 -1.45
CA PRO B 68 -29.85 10.52 -0.24
C PRO B 68 -31.04 11.44 -0.36
N ASP B 69 -31.07 12.29 -1.39
CA ASP B 69 -32.16 13.25 -1.53
C ASP B 69 -33.48 12.58 -1.94
N LEU B 70 -33.42 11.37 -2.49
CA LEU B 70 -34.63 10.66 -2.88
C LEU B 70 -35.47 10.35 -1.64
N PRO B 71 -36.75 10.65 -1.65
CA PRO B 71 -37.56 10.45 -0.42
C PRO B 71 -37.89 8.99 -0.17
N THR B 72 -37.96 8.21 -1.25
CA THR B 72 -38.45 6.84 -1.13
C THR B 72 -37.34 5.87 -0.76
N THR B 73 -36.31 5.78 -1.60
CA THR B 73 -35.33 4.71 -1.53
C THR B 73 -33.94 5.18 -1.10
N SER B 74 -33.88 6.25 -0.32
CA SER B 74 -32.59 6.70 0.19
C SER B 74 -32.20 6.02 1.49
N ASN B 75 -33.02 5.09 1.99
CA ASN B 75 -32.68 4.40 3.22
C ASN B 75 -31.44 3.55 3.05
N TRP B 76 -31.03 3.27 1.81
CA TRP B 76 -29.94 2.36 1.53
C TRP B 76 -28.81 3.06 0.77
N TYR B 77 -28.60 4.34 1.05
CA TYR B 77 -27.45 5.04 0.48
C TYR B 77 -26.18 4.37 0.95
N THR B 78 -25.19 4.30 0.06
CA THR B 78 -23.96 3.53 0.27
C THR B 78 -24.27 2.05 0.46
N TYR B 79 -25.25 1.55 -0.28
CA TYR B 79 -25.63 0.15 -0.23
C TYR B 79 -26.20 -0.27 -1.56
N THR B 80 -26.40 -1.56 -1.72
CA THR B 80 -27.06 -2.16 -2.87
C THR B 80 -28.31 -2.88 -2.40
N TYR B 81 -29.23 -3.11 -3.34
CA TYR B 81 -30.37 -3.96 -3.01
C TYR B 81 -29.90 -5.40 -2.85
N ASP B 82 -30.83 -6.25 -2.41
CA ASP B 82 -30.49 -7.65 -2.14
C ASP B 82 -29.96 -8.35 -3.37
N LEU B 83 -28.79 -8.95 -3.23
CA LEU B 83 -28.16 -9.64 -4.34
C LEU B 83 -28.54 -11.11 -4.33
N GLN B 84 -29.09 -11.59 -5.45
CA GLN B 84 -29.47 -12.96 -5.60
C GLN B 84 -29.20 -13.43 -7.02
N PRO B 85 -28.73 -14.66 -7.19
CA PRO B 85 -28.73 -15.25 -8.53
C PRO B 85 -30.14 -15.57 -8.98
N LYS B 86 -30.44 -15.23 -10.24
CA LYS B 86 -31.82 -15.32 -10.71
C LYS B 86 -32.33 -16.76 -10.67
N GLY B 87 -31.49 -17.71 -11.09
CA GLY B 87 -31.88 -19.10 -11.13
C GLY B 87 -32.25 -19.60 -12.51
N SER B 88 -32.48 -18.70 -13.47
CA SER B 88 -32.86 -19.11 -14.81
C SER B 88 -32.29 -18.12 -15.80
N SER B 89 -31.54 -18.64 -16.77
CA SER B 89 -30.97 -17.79 -17.80
C SER B 89 -32.08 -17.04 -18.54
N PRO B 90 -31.84 -15.79 -18.96
CA PRO B 90 -30.62 -15.03 -18.70
C PRO B 90 -30.69 -14.26 -17.39
N ASP B 91 -29.67 -13.47 -17.11
CA ASP B 91 -29.65 -12.61 -15.94
C ASP B 91 -30.10 -11.21 -16.30
N GLN B 92 -30.93 -10.61 -15.43
CA GLN B 92 -31.47 -9.27 -15.65
C GLN B 92 -31.24 -8.45 -14.38
N PRO B 93 -30.00 -8.08 -14.11
CA PRO B 93 -29.72 -7.27 -12.91
C PRO B 93 -30.21 -5.85 -13.12
N ILE B 94 -30.51 -5.20 -12.00
CA ILE B 94 -31.01 -3.84 -12.03
C ILE B 94 -29.89 -2.89 -11.65
N LYS B 95 -30.09 -1.60 -11.93
CA LYS B 95 -29.07 -0.59 -11.62
C LYS B 95 -28.71 -0.60 -10.14
N GLU B 96 -29.70 -0.80 -9.28
CA GLU B 96 -29.47 -0.74 -7.83
C GLU B 96 -28.60 -1.89 -7.33
N ASN B 97 -28.37 -2.93 -8.15
CA ASN B 97 -27.45 -3.99 -7.80
C ASN B 97 -26.13 -3.90 -8.56
N LEU B 98 -25.88 -2.80 -9.25
CA LEU B 98 -24.66 -2.61 -10.03
C LEU B 98 -23.84 -1.48 -9.43
N PRO B 99 -22.94 -1.76 -8.50
CA PRO B 99 -22.10 -0.70 -7.94
C PRO B 99 -21.10 -0.21 -8.98
N ALA B 100 -20.89 1.09 -9.01
CA ALA B 100 -20.12 1.73 -10.06
C ALA B 100 -19.06 2.63 -9.46
N TYR B 101 -18.15 3.09 -10.32
CA TYR B 101 -17.08 3.96 -9.89
C TYR B 101 -17.61 5.35 -9.55
N SER B 102 -16.90 6.03 -8.66
CA SER B 102 -17.17 7.42 -8.35
C SER B 102 -16.15 8.29 -9.08
N VAL B 103 -16.55 9.51 -9.42
CA VAL B 103 -15.67 10.39 -10.20
C VAL B 103 -16.07 11.83 -9.92
N ALA B 104 -15.09 12.74 -10.08
CA ALA B 104 -15.33 14.16 -9.96
C ALA B 104 -14.20 14.90 -10.65
N ARG B 105 -14.47 16.14 -11.02
CA ARG B 105 -13.49 16.99 -11.68
C ARG B 105 -13.35 18.29 -10.91
N VAL B 106 -12.11 18.76 -10.78
CA VAL B 106 -11.82 20.02 -10.11
C VAL B 106 -11.26 20.97 -11.13
N SER B 107 -11.94 22.10 -11.35
CA SER B 107 -11.49 23.07 -12.33
C SER B 107 -10.42 23.96 -11.71
N LEU B 108 -9.28 24.05 -12.36
CA LEU B 108 -8.16 24.82 -11.85
C LEU B 108 -8.02 26.12 -12.62
N PRO B 109 -7.51 27.17 -11.99
CA PRO B 109 -7.45 28.47 -12.66
C PRO B 109 -6.45 28.49 -13.81
N MET B 110 -6.59 29.50 -14.67
CA MET B 110 -5.68 29.65 -15.77
C MET B 110 -4.32 30.10 -15.31
N LEU B 111 -3.30 29.96 -16.17
CA LEU B 111 -1.94 30.33 -15.83
C LEU B 111 -1.32 31.13 -16.98
N ASN B 112 -0.10 31.59 -16.75
CA ASN B 112 0.59 32.41 -17.73
C ASN B 112 1.09 31.57 -18.90
N GLU B 113 1.54 32.25 -19.94
CA GLU B 113 2.15 31.61 -21.10
C GLU B 113 3.06 32.63 -21.77
N ASP B 114 4.16 32.13 -22.32
CA ASP B 114 5.15 32.97 -23.00
C ASP B 114 5.22 32.49 -24.44
N ILE B 115 4.36 33.06 -25.29
CA ILE B 115 4.31 32.64 -26.68
C ILE B 115 5.58 32.99 -27.42
N THR B 116 6.34 33.98 -26.93
CA THR B 116 7.61 34.32 -27.57
C THR B 116 8.55 33.13 -27.57
N CYS B 117 8.46 32.30 -26.54
CA CYS B 117 9.36 31.11 -26.46
C CYS B 117 8.59 29.85 -26.74
N ASP B 118 7.32 29.97 -27.12
CA ASP B 118 6.45 28.83 -27.41
C ASP B 118 6.33 27.90 -26.20
N THR B 119 6.28 28.45 -24.98
CA THR B 119 6.23 27.63 -23.78
C THR B 119 5.12 28.17 -22.90
N LEU B 120 4.30 27.28 -22.38
CA LEU B 120 3.31 27.66 -21.40
C LEU B 120 3.50 26.81 -20.16
N GLN B 121 2.67 27.07 -19.16
CA GLN B 121 2.77 26.37 -17.89
C GLN B 121 1.44 25.72 -17.54
N MET B 122 1.51 24.51 -16.98
CA MET B 122 0.34 23.72 -16.63
C MET B 122 0.47 23.24 -15.19
N TRP B 123 -0.66 22.86 -14.63
CA TRP B 123 -0.64 22.22 -13.33
C TRP B 123 -0.18 20.77 -13.45
N GLU B 124 0.58 20.32 -12.46
CA GLU B 124 0.91 18.90 -12.32
C GLU B 124 0.70 18.48 -10.88
N ALA B 125 0.42 17.20 -10.70
CA ALA B 125 0.27 16.64 -9.37
C ALA B 125 1.58 16.02 -8.91
N ILE B 126 1.95 16.29 -7.67
CA ILE B 126 3.17 15.74 -7.12
C ILE B 126 2.80 14.52 -6.28
N SER B 127 2.00 14.74 -5.24
CA SER B 127 1.69 13.71 -4.28
C SER B 127 0.23 13.78 -3.91
N VAL B 128 -0.34 12.64 -3.54
CA VAL B 128 -1.69 12.57 -3.02
C VAL B 128 -1.63 11.88 -1.67
N LYS B 129 -2.29 12.46 -0.70
CA LYS B 129 -2.43 11.86 0.62
C LYS B 129 -3.86 11.39 0.72
N THR B 130 -4.09 10.10 0.61
CA THR B 130 -5.50 9.66 0.64
C THR B 130 -5.71 8.63 1.72
N GLU B 131 -6.96 8.44 2.13
CA GLU B 131 -7.26 7.41 3.14
C GLU B 131 -8.74 7.10 3.10
N VAL B 132 -9.14 5.89 3.39
CA VAL B 132 -10.58 5.56 3.41
C VAL B 132 -11.14 6.05 4.71
N VAL B 133 -12.18 6.83 4.64
CA VAL B 133 -12.90 7.47 5.75
C VAL B 133 -14.07 6.62 6.19
N GLY B 134 -14.34 6.64 7.50
CA GLY B 134 -15.47 5.93 8.04
C GLY B 134 -15.22 4.48 8.36
N ILE B 135 -13.95 4.08 8.50
CA ILE B 135 -13.66 2.68 8.82
C ILE B 135 -14.21 2.31 10.18
N SER B 136 -14.24 3.24 11.11
CA SER B 136 -14.70 2.92 12.46
C SER B 136 -16.13 2.43 12.49
N SER B 137 -16.92 2.78 11.49
CA SER B 137 -18.34 2.44 11.51
C SER B 137 -18.59 0.96 11.28
N LEU B 138 -17.57 0.19 10.92
CA LEU B 138 -17.79 -1.20 10.60
C LEU B 138 -17.95 -2.11 11.82
N ILE B 139 -17.58 -1.64 13.01
CA ILE B 139 -17.74 -2.47 14.20
C ILE B 139 -19.17 -2.56 14.68
N ASN B 140 -20.11 -1.91 14.01
CA ASN B 140 -21.51 -2.00 14.39
C ASN B 140 -22.05 -3.37 14.08
N VAL B 141 -22.01 -4.27 15.05
CA VAL B 141 -22.54 -5.60 14.89
C VAL B 141 -23.94 -5.73 15.47
N HIS B 142 -24.65 -4.60 15.62
CA HIS B 142 -25.98 -4.60 16.23
C HIS B 142 -27.00 -3.85 15.36
N TYR B 143 -26.82 -3.87 14.05
CA TYR B 143 -27.90 -3.42 13.17
C TYR B 143 -29.07 -4.38 13.30
N TRP B 144 -30.26 -3.83 13.54
CA TRP B 144 -31.37 -4.62 14.03
C TRP B 144 -31.74 -5.81 13.12
N ASP B 145 -31.32 -5.81 11.86
CA ASP B 145 -31.66 -6.88 10.95
C ASP B 145 -30.45 -7.71 10.56
N MET B 146 -29.34 -7.57 11.29
CA MET B 146 -28.16 -8.37 10.97
C MET B 146 -28.39 -9.83 11.32
N LYS B 147 -27.92 -10.70 10.43
CA LYS B 147 -28.01 -12.13 10.69
C LYS B 147 -27.09 -12.51 11.83
N ARG B 148 -27.66 -13.08 12.89
CA ARG B 148 -26.84 -13.61 13.97
C ARG B 148 -25.94 -14.71 13.44
N VAL B 149 -24.68 -14.71 13.89
CA VAL B 149 -23.78 -15.78 13.48
C VAL B 149 -24.21 -17.11 14.09
N HIS B 150 -24.85 -17.06 15.26
CA HIS B 150 -25.48 -18.23 15.85
C HIS B 150 -26.49 -17.76 16.89
N ASP B 151 -27.37 -18.68 17.29
CA ASP B 151 -28.47 -18.34 18.18
C ASP B 151 -27.98 -17.61 19.41
N TYR B 152 -28.77 -16.62 19.82
CA TYR B 152 -28.46 -15.76 20.97
C TYR B 152 -27.14 -15.01 20.79
N GLY B 153 -26.61 -14.96 19.57
CA GLY B 153 -25.33 -14.36 19.33
C GLY B 153 -25.44 -12.94 18.79
N ALA B 154 -24.29 -12.37 18.46
CA ALA B 154 -24.21 -11.03 17.91
C ALA B 154 -24.25 -11.08 16.38
N GLY B 155 -24.16 -9.91 15.77
CA GLY B 155 -24.24 -9.83 14.33
C GLY B 155 -22.98 -10.26 13.63
N ILE B 156 -23.10 -10.54 12.34
CA ILE B 156 -21.99 -10.92 11.49
C ILE B 156 -21.36 -9.64 10.96
N PRO B 157 -20.18 -9.25 11.39
CA PRO B 157 -19.60 -7.98 10.96
C PRO B 157 -19.52 -7.86 9.45
N VAL B 158 -19.58 -6.62 8.98
CA VAL B 158 -19.43 -6.38 7.56
C VAL B 158 -18.13 -6.99 7.07
N SER B 159 -18.22 -7.91 6.15
CA SER B 159 -17.05 -8.62 5.66
C SER B 159 -17.37 -9.19 4.29
N GLY B 160 -16.39 -9.87 3.69
CA GLY B 160 -16.58 -10.49 2.40
C GLY B 160 -15.79 -9.83 1.29
N VAL B 161 -16.44 -9.65 0.14
CA VAL B 161 -15.76 -9.10 -1.03
C VAL B 161 -15.30 -7.69 -0.74
N ASN B 162 -14.11 -7.36 -1.26
CA ASN B 162 -13.59 -6.00 -1.18
C ASN B 162 -13.00 -5.60 -2.53
N TYR B 163 -13.22 -4.35 -2.90
CA TYR B 163 -12.64 -3.80 -4.11
C TYR B 163 -12.28 -2.36 -3.82
N HIS B 164 -11.00 -2.03 -3.95
CA HIS B 164 -10.49 -0.70 -3.65
C HIS B 164 -9.64 -0.20 -4.80
N MET B 165 -9.94 0.99 -5.31
CA MET B 165 -9.07 1.62 -6.29
C MET B 165 -9.26 3.13 -6.23
N PHE B 166 -8.20 3.84 -6.58
CA PHE B 166 -8.29 5.27 -6.78
C PHE B 166 -7.36 5.65 -7.90
N ALA B 167 -7.69 6.74 -8.59
CA ALA B 167 -6.92 7.16 -9.75
C ALA B 167 -6.85 8.67 -9.78
N ILE B 168 -5.65 9.19 -10.03
CA ILE B 168 -5.41 10.62 -10.14
C ILE B 168 -4.78 10.88 -11.50
N GLY B 169 -5.35 11.84 -12.23
CA GLY B 169 -4.82 12.13 -13.55
C GLY B 169 -5.43 13.40 -14.10
N GLY B 170 -4.73 13.97 -15.07
CA GLY B 170 -5.21 15.12 -15.80
C GLY B 170 -6.15 14.80 -16.92
N GLU B 171 -6.51 13.55 -17.10
CA GLU B 171 -7.46 13.09 -18.10
C GLU B 171 -8.48 12.21 -17.43
N PRO B 172 -9.65 12.06 -18.03
CA PRO B 172 -10.59 11.05 -17.53
C PRO B 172 -9.95 9.67 -17.64
N LEU B 173 -10.23 8.83 -16.65
CA LEU B 173 -9.61 7.52 -16.62
C LEU B 173 -10.04 6.68 -17.80
N ASP B 174 -9.09 6.02 -18.45
CA ASP B 174 -9.38 5.12 -19.56
C ASP B 174 -9.70 3.74 -19.03
N LEU B 175 -10.81 3.17 -19.48
CA LEU B 175 -11.32 1.93 -18.94
C LEU B 175 -11.31 0.85 -20.02
N GLN B 176 -11.56 -0.39 -19.56
CA GLN B 176 -11.61 -1.56 -20.44
C GLN B 176 -12.80 -2.41 -20.01
N GLY B 177 -13.48 -3.00 -20.99
CA GLY B 177 -14.67 -3.78 -20.73
C GLY B 177 -14.34 -5.25 -20.60
N LEU B 178 -14.84 -5.86 -19.53
CA LEU B 178 -14.70 -7.30 -19.33
C LEU B 178 -15.81 -7.75 -18.39
N VAL B 179 -16.64 -8.66 -18.83
CA VAL B 179 -17.78 -9.12 -18.04
C VAL B 179 -17.60 -10.60 -17.78
N LEU B 180 -18.11 -11.05 -16.63
CA LEU B 180 -17.96 -12.45 -16.26
C LEU B 180 -18.80 -13.35 -17.16
N ASP B 181 -19.92 -12.86 -17.67
CA ASP B 181 -20.80 -13.62 -18.56
C ASP B 181 -21.45 -12.68 -19.54
N TYR B 182 -21.27 -12.95 -20.85
CA TYR B 182 -21.92 -12.10 -21.83
C TYR B 182 -23.39 -12.43 -21.97
N GLN B 183 -23.83 -13.58 -21.46
CA GLN B 183 -25.24 -13.93 -21.50
C GLN B 183 -26.10 -12.89 -20.77
N THR B 184 -25.55 -12.25 -19.74
CA THR B 184 -26.30 -11.27 -18.97
C THR B 184 -26.77 -10.13 -19.86
N GLN B 185 -27.95 -9.61 -19.55
CA GLN B 185 -28.53 -8.50 -20.28
C GLN B 185 -28.63 -7.33 -19.30
N TYR B 186 -27.71 -6.41 -19.39
CA TYR B 186 -27.74 -5.23 -18.54
C TYR B 186 -28.79 -4.24 -18.99
N PRO B 187 -29.33 -3.46 -18.07
CA PRO B 187 -30.38 -2.49 -18.45
C PRO B 187 -29.89 -1.52 -19.51
N LYS B 188 -30.79 -1.15 -20.42
CA LYS B 188 -30.44 -0.25 -21.49
C LYS B 188 -30.25 1.17 -20.95
N THR B 189 -29.48 1.95 -21.70
CA THR B 189 -29.22 3.34 -21.33
C THR B 189 -30.36 4.19 -21.87
N THR B 190 -31.18 4.70 -20.97
CA THR B 190 -32.33 5.54 -21.35
C THR B 190 -32.23 6.86 -20.58
N ASN B 191 -31.45 7.80 -21.13
CA ASN B 191 -31.25 9.13 -20.53
C ASN B 191 -30.99 9.01 -19.01
N GLY B 192 -30.10 8.08 -18.65
CA GLY B 192 -29.90 7.73 -17.27
C GLY B 192 -29.90 6.22 -17.10
N GLY B 193 -29.07 5.73 -16.20
CA GLY B 193 -28.87 4.30 -16.07
C GLY B 193 -27.47 3.93 -16.46
N PRO B 194 -27.08 2.70 -16.17
CA PRO B 194 -25.68 2.31 -16.38
C PRO B 194 -25.35 2.26 -17.85
N ILE B 195 -24.05 2.36 -18.13
CA ILE B 195 -23.52 2.27 -19.48
C ILE B 195 -22.69 0.99 -19.57
N THR B 196 -23.07 0.10 -20.47
CA THR B 196 -22.47 -1.22 -20.59
C THR B 196 -21.82 -1.36 -21.95
N ILE B 197 -21.08 -2.44 -22.13
CA ILE B 197 -20.41 -2.68 -23.39
C ILE B 197 -21.37 -2.59 -24.57
N GLU B 198 -22.59 -3.10 -24.37
CA GLU B 198 -23.61 -2.95 -25.41
C GLU B 198 -23.81 -1.50 -25.79
N THR B 199 -23.73 -0.60 -24.81
CA THR B 199 -23.94 0.81 -25.11
C THR B 199 -22.77 1.39 -25.89
N VAL B 200 -21.56 0.90 -25.65
CA VAL B 200 -20.40 1.46 -26.33
C VAL B 200 -20.31 0.92 -27.75
N LEU B 201 -20.52 -0.39 -27.93
CA LEU B 201 -20.32 -0.99 -29.24
C LEU B 201 -21.54 -0.83 -30.14
N GLY B 202 -22.74 -0.85 -29.55
CA GLY B 202 -23.95 -0.88 -30.34
C GLY B 202 -24.39 -2.25 -30.78
N ARG B 203 -23.79 -3.30 -30.22
CA ARG B 203 -24.12 -4.67 -30.56
C ARG B 203 -24.26 -5.45 -29.27
N LYS B 204 -24.94 -6.60 -29.35
CA LYS B 204 -24.98 -7.50 -28.21
C LYS B 204 -23.59 -8.03 -27.93
N MET B 205 -23.28 -8.25 -26.66
CA MET B 205 -21.95 -8.68 -26.28
C MET B 205 -21.69 -10.08 -26.83
N THR B 206 -20.62 -10.23 -27.51
CA THR B 206 -20.10 -11.46 -28.06
C THR B 206 -19.25 -12.17 -27.00
N PRO B 207 -19.13 -13.49 -27.02
CA PRO B 207 -18.32 -14.19 -26.02
C PRO B 207 -16.85 -13.78 -26.02
N LYS B 208 -16.38 -13.05 -27.04
CA LYS B 208 -15.06 -12.43 -26.95
C LYS B 208 -14.94 -11.54 -25.73
N ASN B 209 -16.03 -10.90 -25.32
CA ASN B 209 -15.99 -9.95 -24.20
C ASN B 209 -15.69 -10.61 -22.87
N GLN B 210 -15.96 -11.91 -22.72
CA GLN B 210 -15.47 -12.60 -21.52
C GLN B 210 -13.95 -12.60 -21.47
N GLY B 211 -13.29 -12.50 -22.62
CA GLY B 211 -11.88 -12.19 -22.70
C GLY B 211 -11.67 -10.72 -23.02
N LEU B 212 -10.43 -10.39 -23.31
CA LEU B 212 -10.08 -9.02 -23.64
C LEU B 212 -10.48 -8.65 -25.06
N ASP B 213 -11.31 -7.63 -25.19
CA ASP B 213 -11.73 -7.11 -26.50
C ASP B 213 -11.26 -5.69 -26.64
N PRO B 214 -10.31 -5.39 -27.53
CA PRO B 214 -9.92 -3.99 -27.74
C PRO B 214 -11.07 -3.10 -28.19
N GLN B 215 -12.11 -3.67 -28.78
CA GLN B 215 -13.27 -2.87 -29.16
C GLN B 215 -13.98 -2.28 -27.95
N ALA B 216 -13.98 -2.99 -26.82
CA ALA B 216 -14.70 -2.58 -25.63
C ALA B 216 -13.82 -1.66 -24.80
N LYS B 217 -13.84 -0.36 -25.12
CA LYS B 217 -13.09 0.63 -24.36
C LYS B 217 -13.96 1.88 -24.24
N ALA B 218 -13.79 2.58 -23.12
CA ALA B 218 -14.58 3.78 -22.87
C ALA B 218 -13.91 4.63 -21.81
N LYS B 219 -13.84 5.93 -22.05
CA LYS B 219 -13.36 6.85 -21.04
C LYS B 219 -14.41 7.03 -19.96
N LEU B 220 -13.95 7.17 -18.72
CA LEU B 220 -14.84 7.31 -17.57
C LEU B 220 -15.40 8.72 -17.57
N ASP B 221 -16.63 8.88 -18.10
CA ASP B 221 -17.18 10.20 -18.32
C ASP B 221 -18.26 10.60 -17.33
N LYS B 222 -18.86 9.64 -16.63
CA LYS B 222 -19.98 9.96 -15.74
C LYS B 222 -19.80 9.25 -14.41
N ASP B 223 -20.54 9.70 -13.41
CA ASP B 223 -20.54 9.10 -12.10
C ASP B 223 -21.63 8.06 -11.97
N GLY B 224 -21.33 6.98 -11.25
CA GLY B 224 -22.34 5.99 -10.92
C GLY B 224 -22.99 5.34 -12.10
N ASN B 225 -22.39 5.46 -13.29
CA ASN B 225 -22.94 4.86 -14.49
C ASN B 225 -22.05 3.81 -15.11
N TYR B 226 -20.81 3.66 -14.62
CA TYR B 226 -19.95 2.62 -15.16
C TYR B 226 -19.76 1.56 -14.08
N PRO B 227 -20.53 0.46 -14.10
CA PRO B 227 -20.44 -0.53 -13.02
C PRO B 227 -19.10 -1.23 -13.01
N ILE B 228 -18.67 -1.58 -11.78
CA ILE B 228 -17.38 -2.20 -11.62
C ILE B 228 -17.37 -3.59 -12.22
N GLU B 229 -18.53 -4.25 -12.29
CA GLU B 229 -18.57 -5.64 -12.75
C GLU B 229 -18.05 -5.79 -14.16
N VAL B 230 -18.24 -4.76 -15.00
CA VAL B 230 -17.93 -4.90 -16.41
C VAL B 230 -16.73 -4.06 -16.84
N TRP B 231 -16.39 -3.01 -16.10
CA TRP B 231 -15.31 -2.12 -16.52
C TRP B 231 -14.10 -2.27 -15.61
N CYS B 232 -12.91 -2.22 -16.20
CA CYS B 232 -11.65 -2.25 -15.47
C CYS B 232 -10.70 -1.26 -16.13
N PRO B 233 -9.79 -0.68 -15.37
CA PRO B 233 -8.87 0.32 -15.95
C PRO B 233 -8.00 -0.26 -17.04
N ASP B 234 -8.04 0.36 -18.21
CA ASP B 234 -7.20 -0.05 -19.32
C ASP B 234 -5.77 0.33 -19.05
N PRO B 235 -4.86 -0.62 -18.85
CA PRO B 235 -3.47 -0.25 -18.57
C PRO B 235 -2.74 0.32 -19.77
N SER B 236 -3.25 0.09 -20.96
CA SER B 236 -2.50 0.56 -22.14
C SER B 236 -2.61 2.08 -22.27
N LYS B 237 -3.82 2.57 -22.23
CA LYS B 237 -4.04 3.97 -22.58
C LYS B 237 -3.74 4.92 -21.40
N ASN B 238 -3.91 4.45 -20.16
CA ASN B 238 -3.75 5.34 -19.01
C ASN B 238 -2.30 5.66 -18.77
N GLU B 239 -1.72 6.51 -19.60
CA GLU B 239 -0.32 6.89 -19.32
C GLU B 239 -0.29 8.23 -18.62
N ASN B 240 -1.39 8.96 -18.69
CA ASN B 240 -1.41 10.24 -17.99
C ASN B 240 -2.14 10.16 -16.67
N SER B 241 -2.24 8.96 -16.10
CA SER B 241 -2.93 8.82 -14.83
C SER B 241 -2.25 7.74 -14.02
N ARG B 242 -2.28 7.91 -12.69
CA ARG B 242 -1.71 6.96 -11.77
C ARG B 242 -2.84 6.36 -10.95
N TYR B 243 -3.05 5.04 -11.07
CA TYR B 243 -4.13 4.38 -10.39
C TYR B 243 -3.58 3.18 -9.63
N TYR B 244 -4.16 2.92 -8.47
CA TYR B 244 -3.75 1.84 -7.61
C TYR B 244 -4.98 1.02 -7.25
N GLY B 245 -4.80 -0.29 -7.07
CA GLY B 245 -5.93 -1.20 -6.91
C GLY B 245 -5.69 -2.26 -5.87
N SER B 246 -6.77 -2.96 -5.54
CA SER B 246 -6.75 -4.03 -4.55
C SER B 246 -8.09 -4.74 -4.61
N ILE B 247 -8.11 -5.99 -4.15
CA ILE B 247 -9.32 -6.81 -4.19
C ILE B 247 -9.13 -8.01 -3.28
N GLN B 248 -10.23 -8.50 -2.74
CA GLN B 248 -10.30 -9.83 -2.17
C GLN B 248 -11.72 -10.31 -2.23
N THR B 249 -11.90 -11.57 -2.63
CA THR B 249 -13.22 -12.17 -2.83
C THR B 249 -13.41 -13.32 -1.89
N GLY B 250 -14.54 -13.35 -1.20
CA GLY B 250 -14.83 -14.43 -0.29
C GLY B 250 -16.23 -14.34 0.22
N SER B 251 -16.71 -15.47 0.75
CA SER B 251 -18.06 -15.50 1.31
C SER B 251 -18.19 -14.53 2.47
N GLN B 252 -17.45 -14.76 3.55
CA GLN B 252 -17.45 -13.86 4.69
C GLN B 252 -16.03 -13.63 5.18
N THR B 253 -15.05 -13.62 4.28
CA THR B 253 -13.68 -13.35 4.65
C THR B 253 -13.57 -11.97 5.27
N PRO B 254 -12.67 -11.77 6.23
CA PRO B 254 -12.61 -10.50 6.96
C PRO B 254 -12.08 -9.42 6.06
N THR B 255 -12.58 -8.21 6.29
CA THR B 255 -12.03 -7.04 5.64
C THR B 255 -11.01 -6.40 6.58
N VAL B 256 -9.88 -5.98 6.03
CA VAL B 256 -8.80 -5.41 6.80
C VAL B 256 -8.43 -4.07 6.18
N LEU B 257 -8.30 -3.05 7.00
CA LEU B 257 -7.96 -1.71 6.54
C LEU B 257 -7.13 -1.02 7.60
N GLN B 258 -6.15 -0.26 7.16
CA GLN B 258 -5.37 0.59 8.04
C GLN B 258 -5.38 2.00 7.49
N PHE B 259 -5.06 2.96 8.34
CA PHE B 259 -5.23 4.36 7.97
C PHE B 259 -4.36 5.25 8.85
N SER B 260 -3.89 6.34 8.25
CA SER B 260 -3.10 7.34 8.95
C SER B 260 -3.02 8.57 8.06
N ASN B 261 -2.46 9.65 8.62
CA ASN B 261 -2.26 10.88 7.88
C ASN B 261 -0.80 11.14 7.58
N THR B 262 0.08 10.19 7.91
CA THR B 262 1.50 10.35 7.61
C THR B 262 1.88 9.73 6.27
N LEU B 263 1.19 8.65 5.89
CA LEU B 263 1.54 7.96 4.65
C LEU B 263 1.11 8.82 3.47
N THR B 264 2.09 9.23 2.67
CA THR B 264 1.84 9.94 1.43
C THR B 264 2.35 9.11 0.24
N THR B 265 1.75 9.35 -0.92
CA THR B 265 2.07 8.60 -2.14
C THR B 265 2.55 9.56 -3.21
N VAL B 266 3.68 9.24 -3.81
CA VAL B 266 4.29 10.09 -4.83
C VAL B 266 3.77 9.69 -6.19
N LEU B 267 3.49 10.70 -7.03
CA LEU B 267 2.89 10.47 -8.35
C LEU B 267 3.85 10.74 -9.50
N LEU B 268 5.08 11.17 -9.20
CA LEU B 268 6.04 11.41 -10.25
C LEU B 268 6.34 10.08 -10.97
N ASP B 269 6.76 10.20 -12.21
CA ASP B 269 7.05 9.02 -13.02
C ASP B 269 8.55 8.70 -12.97
N GLU B 270 8.96 7.74 -13.82
CA GLU B 270 10.38 7.44 -13.96
C GLU B 270 11.14 8.58 -14.63
N ASN B 271 10.45 9.49 -15.30
CA ASN B 271 11.07 10.63 -15.97
C ASN B 271 10.96 11.92 -15.19
N GLY B 272 10.35 11.90 -14.01
CA GLY B 272 10.30 13.06 -13.14
C GLY B 272 9.12 13.99 -13.35
N VAL B 273 8.04 13.53 -13.97
CA VAL B 273 6.85 14.34 -14.16
C VAL B 273 5.65 13.60 -13.61
N GLY B 274 4.66 14.36 -13.18
CA GLY B 274 3.42 13.79 -12.72
C GLY B 274 2.35 13.94 -13.77
N PRO B 275 1.10 13.69 -13.39
CA PRO B 275 0.00 13.87 -14.35
C PRO B 275 -0.22 15.34 -14.64
N LEU B 276 -0.34 15.67 -15.92
CA LEU B 276 -0.55 17.04 -16.36
C LEU B 276 -2.04 17.28 -16.58
N CYS B 277 -2.58 18.32 -15.95
CA CYS B 277 -4.01 18.57 -15.95
C CYS B 277 -4.39 19.20 -17.28
N LYS B 278 -4.75 18.36 -18.25
CA LYS B 278 -5.25 18.86 -19.51
C LYS B 278 -6.57 19.59 -19.30
N GLY B 279 -6.72 20.74 -19.96
CA GLY B 279 -7.91 21.53 -19.77
C GLY B 279 -8.03 22.14 -18.40
N ASP B 280 -6.90 22.28 -17.70
CA ASP B 280 -6.88 22.84 -16.34
C ASP B 280 -7.85 22.12 -15.42
N GLY B 281 -8.07 20.84 -15.67
CA GLY B 281 -8.98 20.06 -14.86
C GLY B 281 -8.31 18.87 -14.19
N LEU B 282 -8.53 18.70 -12.89
CA LEU B 282 -8.03 17.56 -12.14
C LEU B 282 -9.09 16.46 -12.12
N PHE B 283 -8.74 15.29 -12.62
CA PHE B 283 -9.67 14.19 -12.72
C PHE B 283 -9.36 13.17 -11.64
N ILE B 284 -10.39 12.79 -10.89
CA ILE B 284 -10.27 11.90 -9.75
C ILE B 284 -11.33 10.83 -9.83
N SER B 285 -10.94 9.59 -9.55
CA SER B 285 -11.87 8.48 -9.58
C SER B 285 -11.52 7.50 -8.49
N CYS B 286 -12.53 6.97 -7.80
CA CYS B 286 -12.30 6.05 -6.70
C CYS B 286 -13.48 5.13 -6.54
N ALA B 287 -13.25 4.04 -5.83
CA ALA B 287 -14.28 3.06 -5.53
C ALA B 287 -13.81 2.14 -4.43
N ASP B 288 -14.62 1.96 -3.38
CA ASP B 288 -14.22 1.19 -2.21
C ASP B 288 -15.39 0.37 -1.69
N ILE B 289 -15.34 -0.94 -1.92
CA ILE B 289 -16.31 -1.89 -1.37
C ILE B 289 -15.73 -2.48 -0.10
N VAL B 290 -16.53 -2.51 0.96
CA VAL B 290 -16.06 -2.98 2.26
C VAL B 290 -16.63 -4.34 2.66
N GLY B 291 -17.64 -4.83 1.99
CA GLY B 291 -18.12 -6.17 2.28
C GLY B 291 -19.62 -6.24 2.18
N PHE B 292 -20.17 -7.32 2.73
CA PHE B 292 -21.60 -7.59 2.67
C PHE B 292 -22.30 -7.09 3.93
N LEU B 293 -23.62 -7.09 3.87
CA LEU B 293 -24.45 -6.75 5.02
C LEU B 293 -25.40 -7.93 5.21
N PHE B 294 -24.99 -8.86 6.07
CA PHE B 294 -25.75 -10.09 6.27
C PHE B 294 -27.05 -9.81 7.01
N LYS B 295 -28.18 -10.16 6.39
CA LYS B 295 -29.49 -9.86 6.95
C LYS B 295 -30.08 -11.15 7.53
N THR B 296 -30.97 -10.96 8.53
CA THR B 296 -31.64 -12.11 9.15
C THR B 296 -32.38 -12.93 8.11
N SER B 297 -32.90 -12.28 7.07
CA SER B 297 -33.53 -12.99 5.98
C SER B 297 -32.57 -13.85 5.20
N GLY B 298 -31.28 -13.81 5.52
CA GLY B 298 -30.27 -14.46 4.73
C GLY B 298 -29.84 -13.67 3.51
N LYS B 299 -30.65 -12.70 3.06
CA LYS B 299 -30.29 -11.90 1.91
C LYS B 299 -29.02 -11.12 2.18
N MET B 300 -28.38 -10.69 1.10
CA MET B 300 -27.07 -10.06 1.20
C MET B 300 -27.02 -8.84 0.29
N ALA B 301 -26.17 -7.89 0.66
CA ALA B 301 -26.04 -6.65 -0.10
C ALA B 301 -24.69 -6.03 0.20
N LEU B 302 -24.06 -5.45 -0.82
CA LEU B 302 -22.74 -4.89 -0.65
C LEU B 302 -22.84 -3.53 0.04
N HIS B 303 -21.67 -2.97 0.39
CA HIS B 303 -21.63 -1.71 1.10
C HIS B 303 -20.30 -1.02 0.81
N GLY B 304 -20.33 0.31 0.86
CA GLY B 304 -19.15 1.12 0.63
C GLY B 304 -19.16 2.33 1.52
N LEU B 305 -18.12 3.16 1.36
CA LEU B 305 -17.94 4.33 2.20
C LEU B 305 -16.88 5.22 1.57
N PRO B 306 -16.89 6.51 1.86
CA PRO B 306 -16.18 7.47 1.02
C PRO B 306 -14.67 7.39 1.08
N ARG B 307 -14.00 8.32 0.39
CA ARG B 307 -12.55 8.33 0.25
C ARG B 307 -12.04 9.76 0.34
N TYR B 308 -10.90 9.93 0.99
CA TYR B 308 -10.34 11.24 1.24
C TYR B 308 -9.13 11.47 0.37
N PHE B 309 -9.01 12.67 -0.18
CA PHE B 309 -7.95 13.03 -1.11
C PHE B 309 -7.36 14.39 -0.76
N ASN B 310 -6.03 14.48 -0.77
CA ASN B 310 -5.28 15.68 -0.43
C ASN B 310 -4.23 15.96 -1.50
N VAL B 311 -4.66 15.98 -2.75
CA VAL B 311 -3.75 16.13 -3.87
C VAL B 311 -2.95 17.41 -3.73
N THR B 312 -1.64 17.29 -3.96
CA THR B 312 -0.71 18.42 -3.98
C THR B 312 -0.38 18.75 -5.41
N LEU B 313 -0.38 20.04 -5.74
CA LEU B 313 -0.19 20.49 -7.11
C LEU B 313 0.90 21.55 -7.17
N ARG B 314 1.63 21.59 -8.29
CA ARG B 314 2.61 22.63 -8.55
C ARG B 314 2.48 23.09 -9.99
N LYS B 315 3.16 24.17 -10.29
CA LYS B 315 3.19 24.75 -11.63
C LYS B 315 4.41 24.29 -12.39
N ARG B 316 4.19 23.72 -13.58
CA ARG B 316 5.29 23.27 -14.43
C ARG B 316 5.17 23.88 -15.80
N TRP B 317 6.30 24.43 -16.28
CA TRP B 317 6.37 24.95 -17.64
C TRP B 317 6.46 23.80 -18.64
N VAL B 318 5.85 23.94 -19.81
CA VAL B 318 5.88 22.91 -20.89
C VAL B 318 6.05 23.57 -22.24
N LYS B 319 6.30 22.79 -23.28
CA LYS B 319 6.44 23.45 -24.56
C LYS B 319 5.22 23.12 -25.37
N ASN B 320 4.56 24.08 -26.01
CA ASN B 320 3.32 23.76 -26.71
C ASN B 320 3.69 22.74 -27.76
N PRO B 321 3.03 21.48 -27.67
CA PRO B 321 3.37 20.43 -28.65
C PRO B 321 2.75 20.75 -29.99
N TYR B 322 1.54 21.31 -29.99
CA TYR B 322 0.84 21.62 -31.22
C TYR B 322 1.00 23.10 -31.51
N PRO B 323 1.74 23.48 -32.55
CA PRO B 323 1.91 24.91 -32.84
C PRO B 323 0.60 25.54 -33.26
N VAL B 324 0.36 26.76 -32.76
CA VAL B 324 -0.95 27.38 -32.84
C VAL B 324 -1.40 27.52 -34.29
N VAL B 325 -0.47 27.88 -35.18
CA VAL B 325 -0.83 28.15 -36.57
C VAL B 325 -1.58 26.97 -37.16
N ASN B 326 -1.08 25.76 -36.92
CA ASN B 326 -1.74 24.58 -37.47
C ASN B 326 -3.13 24.40 -36.90
N LEU B 327 -3.34 24.79 -35.64
CA LEU B 327 -4.67 24.69 -35.05
C LEU B 327 -5.63 25.69 -35.68
N ILE B 328 -5.15 26.92 -35.93
CA ILE B 328 -6.02 27.97 -36.48
C ILE B 328 -6.68 27.49 -37.76
N ASN B 329 -5.86 27.11 -38.75
CA ASN B 329 -6.40 26.62 -40.01
C ASN B 329 -7.25 25.39 -39.79
N SER B 330 -6.80 24.47 -38.94
CA SER B 330 -7.57 23.27 -38.66
C SER B 330 -8.90 23.57 -37.99
N LEU B 331 -9.05 24.78 -37.44
CA LEU B 331 -10.28 25.11 -36.72
C LEU B 331 -11.30 25.76 -37.64
N PHE B 332 -10.93 26.88 -38.27
CA PHE B 332 -11.88 27.59 -39.14
C PHE B 332 -12.31 26.74 -40.32
N SER B 333 -11.41 25.89 -40.83
CA SER B 333 -11.77 25.01 -41.94
C SER B 333 -13.01 24.19 -41.59
N ASN B 334 -13.05 23.64 -40.37
CA ASN B 334 -14.25 22.94 -39.93
C ASN B 334 -15.39 23.94 -39.70
N LEU B 335 -15.07 25.14 -39.23
CA LEU B 335 -16.11 26.15 -39.00
C LEU B 335 -16.61 26.74 -40.31
N MET B 336 -15.72 26.94 -41.27
CA MET B 336 -16.11 27.51 -42.55
C MET B 336 -17.06 26.54 -43.26
N PRO B 337 -17.93 27.06 -44.13
CA PRO B 337 -18.85 26.18 -44.86
C PRO B 337 -18.11 25.14 -45.68
N LYS B 338 -18.55 23.89 -45.56
CA LYS B 338 -17.91 22.80 -46.27
C LYS B 338 -18.10 22.95 -47.78
N VAL B 339 -17.31 22.19 -48.52
CA VAL B 339 -17.32 22.22 -49.98
C VAL B 339 -17.44 20.79 -50.48
N SER B 340 -18.61 20.44 -51.03
CA SER B 340 -18.85 19.09 -51.52
C SER B 340 -18.68 19.07 -53.04
N GLY B 341 -17.41 19.01 -53.46
CA GLY B 341 -17.08 18.91 -54.87
C GLY B 341 -16.82 17.48 -55.29
N GLN B 342 -16.35 17.33 -56.53
CA GLN B 342 -15.99 16.02 -57.02
C GLN B 342 -14.80 15.48 -56.22
N PRO B 343 -14.74 14.17 -56.02
CA PRO B 343 -13.69 13.61 -55.16
C PRO B 343 -12.31 13.89 -55.73
N MET B 344 -11.47 14.51 -54.91
CA MET B 344 -10.10 14.83 -55.30
C MET B 344 -9.09 14.25 -54.32
N GLU B 345 -9.52 13.36 -53.43
CA GLU B 345 -8.63 12.70 -52.51
C GLU B 345 -9.26 11.39 -52.09
N GLY B 346 -8.42 10.43 -51.74
CA GLY B 346 -8.93 9.13 -51.31
C GLY B 346 -8.91 8.08 -52.39
N LYS B 347 -9.81 7.10 -52.28
CA LYS B 347 -9.78 5.96 -53.18
C LYS B 347 -10.11 6.36 -54.61
N ASP B 348 -11.07 7.27 -54.79
CA ASP B 348 -11.54 7.67 -56.10
C ASP B 348 -11.11 9.09 -56.46
N ASN B 349 -9.87 9.44 -56.10
CA ASN B 349 -9.36 10.76 -56.42
C ASN B 349 -9.33 10.97 -57.93
N GLN B 350 -9.71 12.17 -58.35
CA GLN B 350 -9.66 12.54 -59.76
C GLN B 350 -8.40 13.36 -60.06
N VAL B 351 -7.25 12.73 -59.83
CA VAL B 351 -5.96 13.36 -60.01
C VAL B 351 -5.02 12.34 -60.65
N GLU B 352 -4.24 12.78 -61.61
CA GLU B 352 -3.48 11.76 -62.35
C GLU B 352 -2.01 11.86 -62.06
N GLU B 353 -1.43 13.02 -62.21
CA GLU B 353 0.02 13.16 -61.96
C GLU B 353 0.20 14.31 -60.98
N VAL B 354 1.29 14.33 -60.26
CA VAL B 354 1.57 15.49 -59.39
C VAL B 354 3.07 15.64 -59.43
N ARG B 355 3.60 16.68 -60.03
CA ARG B 355 5.06 16.77 -60.07
C ARG B 355 5.50 17.88 -59.15
N ILE B 356 6.73 17.84 -58.70
CA ILE B 356 7.36 18.78 -57.80
C ILE B 356 8.79 19.02 -58.26
N TYR B 357 9.13 20.28 -58.51
CA TYR B 357 10.45 20.66 -58.97
C TYR B 357 11.13 21.55 -57.94
N GLU B 358 12.46 21.53 -57.95
CA GLU B 358 13.24 22.39 -57.07
C GLU B 358 14.66 22.48 -57.60
N GLY B 359 15.12 23.69 -57.89
CA GLY B 359 16.46 23.89 -58.38
C GLY B 359 16.63 23.36 -59.80
N SER B 360 17.81 23.62 -60.34
CA SER B 360 18.14 23.24 -61.72
C SER B 360 19.17 22.12 -61.71
N GLU B 361 18.99 21.16 -62.61
CA GLU B 361 19.94 20.09 -62.82
C GLU B 361 20.27 20.01 -64.30
N GLN B 362 21.34 19.29 -64.61
CA GLN B 362 21.65 19.01 -66.00
C GLN B 362 20.54 18.17 -66.61
N LEU B 363 20.27 18.41 -67.89
CA LEU B 363 19.15 17.77 -68.56
C LEU B 363 19.28 16.25 -68.55
N PRO B 364 18.35 15.53 -67.94
CA PRO B 364 18.39 14.07 -68.01
C PRO B 364 17.89 13.59 -69.36
N GLY B 365 18.31 12.39 -69.72
CA GLY B 365 17.92 11.79 -70.98
C GLY B 365 16.44 11.54 -71.08
N ASP B 366 15.93 10.61 -70.30
CA ASP B 366 14.52 10.22 -70.36
C ASP B 366 13.63 11.35 -69.86
N PRO B 367 12.81 11.97 -70.73
CA PRO B 367 11.87 12.99 -70.25
C PRO B 367 10.70 12.40 -69.51
N ASP B 368 10.46 11.09 -69.63
CA ASP B 368 9.44 10.40 -68.87
C ASP B 368 9.99 9.86 -67.56
N ILE B 369 11.09 10.42 -67.07
CA ILE B 369 11.68 9.96 -65.83
C ILE B 369 10.69 10.12 -64.69
N VAL B 370 10.81 9.24 -63.70
CA VAL B 370 9.99 9.29 -62.50
C VAL B 370 10.90 9.17 -61.30
N ARG B 371 10.73 10.07 -60.34
CA ARG B 371 11.52 10.09 -59.12
C ARG B 371 10.57 10.17 -57.93
N PHE B 372 11.08 9.77 -56.77
CA PHE B 372 10.33 9.92 -55.53
C PHE B 372 11.33 9.91 -54.37
N LEU B 373 10.80 9.90 -53.15
CA LEU B 373 11.63 9.89 -51.95
C LEU B 373 11.46 8.55 -51.26
N ASP B 374 12.59 7.94 -50.89
CA ASP B 374 12.57 6.62 -50.29
C ASP B 374 11.93 6.67 -48.90
N LYS B 375 11.69 5.48 -48.34
CA LYS B 375 11.19 5.39 -46.98
C LYS B 375 12.13 6.01 -45.96
N PHE B 376 13.36 6.32 -46.36
CA PHE B 376 14.33 6.94 -45.47
C PHE B 376 14.47 8.44 -45.69
N GLY B 377 13.71 9.00 -46.61
CA GLY B 377 13.75 10.42 -46.86
C GLY B 377 14.82 10.88 -47.83
N GLN B 378 15.61 9.96 -48.37
CA GLN B 378 16.65 10.32 -49.33
C GLN B 378 16.06 10.37 -50.75
N GLU B 379 16.75 11.11 -51.62
CA GLU B 379 16.33 11.22 -53.00
C GLU B 379 16.65 9.95 -53.76
N LYS B 380 15.72 9.51 -54.60
CA LYS B 380 15.92 8.30 -55.38
C LYS B 380 15.35 8.49 -56.78
N THR B 381 15.96 7.79 -57.74
CA THR B 381 15.53 7.81 -59.13
C THR B 381 15.07 6.42 -59.52
N VAL B 382 13.91 6.32 -60.13
CA VAL B 382 13.31 5.03 -60.43
C VAL B 382 13.94 4.47 -61.70
N TYR B 383 14.36 3.21 -61.66
CA TYR B 383 14.75 2.51 -62.87
C TYR B 383 13.51 1.88 -63.49
N PRO B 384 13.17 2.20 -64.72
CA PRO B 384 11.94 1.66 -65.31
C PRO B 384 11.98 0.14 -65.40
N LYS B 385 10.82 -0.48 -65.17
CA LYS B 385 10.66 -1.91 -65.21
C LYS B 385 9.42 -2.26 -66.03
N PRO B 386 9.40 -3.41 -66.67
CA PRO B 386 8.22 -3.80 -67.47
C PRO B 386 7.02 -4.03 -66.57
N SER B 387 5.93 -3.31 -66.86
CA SER B 387 4.71 -3.39 -66.06
C SER B 387 3.93 -4.65 -66.46
N VAL B 388 4.48 -5.79 -66.06
CA VAL B 388 3.88 -7.10 -66.31
C VAL B 388 3.61 -7.30 -67.80
N CYS C 18 44.12 17.66 43.18
CA CYS C 18 44.13 16.23 43.45
C CYS C 18 43.25 15.50 42.44
N ILE C 19 43.68 15.50 41.17
CA ILE C 19 42.91 14.89 40.10
C ILE C 19 43.83 14.09 39.21
N PRO C 20 43.32 12.99 38.65
CA PRO C 20 44.15 12.15 37.79
C PRO C 20 44.40 12.78 36.44
N LYS C 21 45.45 12.32 35.78
CA LYS C 21 45.79 12.79 34.45
C LYS C 21 44.75 12.29 33.45
N PRO C 22 44.14 13.17 32.65
CA PRO C 22 43.13 12.70 31.70
C PRO C 22 43.68 11.75 30.66
N GLY C 23 44.95 11.88 30.29
CA GLY C 23 45.54 10.93 29.35
C GLY C 23 45.65 9.53 29.92
N CYS C 24 45.70 9.41 31.25
CA CYS C 24 45.76 8.09 31.87
C CYS C 24 44.40 7.41 31.86
N CYS C 25 43.33 8.18 32.04
CA CYS C 25 42.00 7.61 32.16
C CYS C 25 41.58 6.96 30.84
N PRO C 26 41.00 5.77 30.89
CA PRO C 26 40.51 5.15 29.65
C PRO C 26 39.27 5.86 29.14
N ASN C 27 39.14 5.89 27.82
CA ASN C 27 38.03 6.59 27.20
C ASN C 27 36.71 5.90 27.54
N VAL C 28 35.66 6.70 27.71
CA VAL C 28 34.33 6.20 28.00
C VAL C 28 33.33 7.00 27.18
N ALA C 29 32.30 6.32 26.69
CA ALA C 29 31.34 6.97 25.82
C ALA C 29 30.51 7.98 26.61
N SER C 30 29.75 8.83 25.74
CA SER C 30 28.96 9.78 26.51
C SER C 30 27.51 9.56 26.12
N VAL C 31 26.60 9.91 27.01
CA VAL C 31 25.17 9.72 26.80
C VAL C 31 24.44 10.96 27.29
N PRO C 32 23.20 11.14 26.87
CA PRO C 32 22.41 12.25 27.39
C PRO C 32 22.31 12.21 28.91
N LYS C 33 22.69 13.32 29.54
CA LYS C 33 22.73 13.40 30.99
C LYS C 33 21.34 13.41 31.59
N LEU C 34 21.08 12.50 32.52
CA LEU C 34 19.81 12.49 33.21
C LEU C 34 19.86 13.47 34.37
N LEU C 35 18.87 14.37 34.41
CA LEU C 35 18.75 15.31 35.52
C LEU C 35 17.76 14.85 36.56
N VAL C 36 16.54 14.49 36.14
CA VAL C 36 15.47 14.17 37.08
C VAL C 36 14.73 12.93 36.59
N LYS C 37 14.32 12.07 37.51
CA LYS C 37 13.41 10.99 37.23
C LYS C 37 12.43 10.87 38.36
N GLY C 38 11.14 10.82 38.03
CA GLY C 38 10.12 10.70 39.06
C GLY C 38 8.74 10.84 38.48
N GLY C 39 7.77 11.11 39.36
CA GLY C 39 6.38 11.22 38.97
C GLY C 39 6.05 12.44 38.15
N VAL C 40 4.78 12.84 38.12
CA VAL C 40 4.40 13.99 37.31
C VAL C 40 4.84 15.30 37.96
N GLU C 41 5.11 15.28 39.28
CA GLU C 41 5.50 16.51 39.95
C GLU C 41 6.73 17.15 39.34
N VAL C 42 7.56 16.36 38.64
CA VAL C 42 8.83 16.88 38.15
C VAL C 42 8.66 17.70 36.88
N LEU C 43 7.44 17.84 36.38
CA LEU C 43 7.24 18.69 35.22
C LEU C 43 7.44 20.16 35.53
N SER C 44 7.21 20.56 36.77
CA SER C 44 7.39 21.95 37.15
C SER C 44 8.86 22.37 37.21
N VAL C 45 9.80 21.47 36.89
CA VAL C 45 11.21 21.82 36.93
C VAL C 45 11.54 22.72 35.74
N VAL C 46 12.22 23.81 36.01
CA VAL C 46 12.74 24.68 34.95
C VAL C 46 13.97 24.03 34.35
N THR C 47 14.13 24.19 33.04
CA THR C 47 15.25 23.56 32.34
C THR C 47 15.84 24.53 31.34
N GLY C 48 17.00 24.15 30.79
CA GLY C 48 17.63 24.93 29.76
C GLY C 48 16.87 24.85 28.45
N GLU C 49 17.47 25.44 27.43
CA GLU C 49 16.81 25.46 26.14
C GLU C 49 16.96 24.12 25.42
N ASP C 50 18.06 23.41 25.65
CA ASP C 50 18.34 22.16 24.94
C ASP C 50 17.85 20.93 25.67
N SER C 51 17.06 21.11 26.71
CA SER C 51 16.62 19.97 27.49
C SER C 51 15.62 19.13 26.71
N ILE C 52 15.42 17.90 27.16
CA ILE C 52 14.50 16.97 26.53
C ILE C 52 13.72 16.26 27.63
N THR C 53 12.41 16.27 27.52
CA THR C 53 11.53 15.66 28.50
C THR C 53 10.84 14.46 27.88
N GLN C 54 10.62 13.42 28.70
CA GLN C 54 10.15 12.13 28.20
C GLN C 54 9.11 11.59 29.18
N ILE C 55 7.86 11.48 28.72
CA ILE C 55 6.72 11.15 29.56
C ILE C 55 6.22 9.75 29.25
N GLU C 56 6.01 8.97 30.31
CA GLU C 56 5.49 7.61 30.19
C GLU C 56 4.16 7.53 30.90
N LEU C 57 3.10 7.18 30.20
CA LEU C 57 1.78 7.12 30.81
C LEU C 57 1.00 5.93 30.22
N TYR C 58 -0.25 5.77 30.66
CA TYR C 58 -1.07 4.65 30.19
C TYR C 58 -2.52 5.10 30.16
N LEU C 59 -3.32 4.40 29.35
CA LEU C 59 -4.72 4.73 29.22
C LEU C 59 -5.54 3.44 29.25
N ASN C 60 -6.34 3.24 30.29
CA ASN C 60 -7.28 2.12 30.31
C ASN C 60 -8.35 2.29 29.25
N PRO C 61 -8.91 1.20 28.75
CA PRO C 61 -9.90 1.31 27.68
C PRO C 61 -11.29 1.58 28.21
N ARG C 62 -12.10 2.21 27.37
CA ARG C 62 -13.46 2.58 27.69
C ARG C 62 -14.40 1.88 26.72
N MET C 63 -14.89 0.73 27.12
CA MET C 63 -15.74 -0.10 26.27
C MET C 63 -17.19 -0.07 26.73
N GLY C 64 -17.65 1.07 27.20
CA GLY C 64 -19.02 1.23 27.70
C GLY C 64 -19.13 1.06 29.20
N VAL C 65 -18.47 0.05 29.76
CA VAL C 65 -18.30 -0.08 31.18
C VAL C 65 -17.00 0.61 31.54
N ASN C 66 -17.09 1.75 32.20
CA ASN C 66 -16.00 2.70 32.25
C ASN C 66 -15.43 2.93 33.64
N SER C 67 -15.80 2.12 34.62
CA SER C 67 -15.26 2.38 35.96
C SER C 67 -15.33 1.12 36.81
N PRO C 68 -14.25 0.78 37.52
CA PRO C 68 -14.33 -0.33 38.47
C PRO C 68 -14.89 0.06 39.82
N ASP C 69 -14.97 1.36 40.13
CA ASP C 69 -15.46 1.78 41.44
C ASP C 69 -16.95 1.60 41.62
N LEU C 70 -17.70 1.42 40.53
CA LEU C 70 -19.14 1.20 40.64
C LEU C 70 -19.41 -0.09 41.42
N PRO C 71 -20.31 -0.08 42.38
CA PRO C 71 -20.48 -1.26 43.24
C PRO C 71 -21.21 -2.38 42.50
N THR C 72 -22.11 -2.01 41.60
CA THR C 72 -23.02 -2.97 41.01
C THR C 72 -22.43 -3.66 39.77
N THR C 73 -22.06 -2.87 38.78
CA THR C 73 -21.78 -3.40 37.45
C THR C 73 -20.32 -3.23 37.04
N SER C 74 -19.41 -3.23 38.00
CA SER C 74 -18.00 -3.12 37.66
C SER C 74 -17.38 -4.45 37.28
N ASN C 75 -18.16 -5.54 37.31
CA ASN C 75 -17.58 -6.84 37.00
C ASN C 75 -17.18 -6.95 35.54
N TRP C 76 -17.70 -6.09 34.69
CA TRP C 76 -17.41 -6.13 33.27
C TRP C 76 -16.58 -4.94 32.81
N TYR C 77 -15.70 -4.45 33.67
CA TYR C 77 -14.80 -3.38 33.28
C TYR C 77 -13.89 -3.88 32.17
N THR C 78 -13.62 -3.02 31.19
CA THR C 78 -12.95 -3.41 29.94
C THR C 78 -13.74 -4.46 29.17
N TYR C 79 -15.05 -4.41 29.26
CA TYR C 79 -15.92 -5.31 28.54
C TYR C 79 -17.15 -4.55 28.09
N THR C 80 -18.16 -5.29 27.66
CA THR C 80 -19.36 -4.70 27.09
C THR C 80 -20.53 -5.60 27.40
N TYR C 81 -21.69 -5.02 27.65
CA TYR C 81 -22.89 -5.83 27.79
C TYR C 81 -23.15 -6.58 26.48
N ASP C 82 -24.00 -7.59 26.57
CA ASP C 82 -24.18 -8.53 25.46
C ASP C 82 -24.69 -7.80 24.22
N LEU C 83 -24.03 -8.01 23.10
CA LEU C 83 -24.37 -7.36 21.84
C LEU C 83 -25.24 -8.30 21.02
N GLN C 84 -26.36 -7.77 20.52
CA GLN C 84 -27.22 -8.53 19.61
C GLN C 84 -28.22 -7.58 18.98
N PRO C 85 -28.62 -7.84 17.74
CA PRO C 85 -29.55 -6.93 17.06
C PRO C 85 -30.95 -7.00 17.68
N LYS C 86 -31.64 -5.85 17.62
CA LYS C 86 -32.97 -5.77 18.22
C LYS C 86 -33.97 -6.68 17.50
N GLY C 87 -33.78 -6.91 16.21
CA GLY C 87 -34.71 -7.70 15.43
C GLY C 87 -35.91 -6.94 14.90
N SER C 88 -36.10 -5.68 15.31
CA SER C 88 -37.23 -4.90 14.86
C SER C 88 -36.84 -3.43 14.83
N SER C 89 -37.05 -2.80 13.68
CA SER C 89 -36.67 -1.40 13.52
C SER C 89 -37.44 -0.54 14.51
N PRO C 90 -36.83 0.53 15.05
CA PRO C 90 -35.42 0.87 14.85
C PRO C 90 -34.56 0.41 16.00
N ASP C 91 -33.23 0.43 15.79
CA ASP C 91 -32.32 0.06 16.85
C ASP C 91 -32.31 1.09 17.96
N GLN C 92 -32.19 0.61 19.21
CA GLN C 92 -32.13 1.49 20.39
C GLN C 92 -31.08 0.94 21.34
N PRO C 93 -29.80 1.09 21.00
CA PRO C 93 -28.74 0.52 21.84
C PRO C 93 -28.56 1.34 23.11
N ILE C 94 -27.94 0.69 24.10
CA ILE C 94 -27.68 1.32 25.37
C ILE C 94 -26.23 1.73 25.43
N LYS C 95 -25.93 2.71 26.30
CA LYS C 95 -24.57 3.23 26.43
C LYS C 95 -23.50 2.16 26.52
N GLU C 96 -23.77 1.12 27.30
CA GLU C 96 -22.75 0.10 27.55
C GLU C 96 -22.36 -0.67 26.30
N ASN C 97 -23.24 -0.78 25.31
CA ASN C 97 -22.92 -1.48 24.07
C ASN C 97 -22.31 -0.56 23.01
N LEU C 98 -21.79 0.59 23.42
CA LEU C 98 -21.17 1.54 22.50
C LEU C 98 -19.75 1.82 22.98
N PRO C 99 -18.76 1.09 22.51
CA PRO C 99 -17.38 1.40 22.86
C PRO C 99 -16.98 2.77 22.33
N ALA C 100 -16.21 3.48 23.12
CA ALA C 100 -15.84 4.85 22.81
C ALA C 100 -14.33 5.03 22.88
N TYR C 101 -13.85 6.09 22.24
CA TYR C 101 -12.43 6.39 22.25
C TYR C 101 -12.00 6.77 23.67
N SER C 102 -10.74 6.51 23.95
CA SER C 102 -10.11 6.98 25.19
C SER C 102 -9.28 8.22 24.89
N VAL C 103 -9.14 9.08 25.89
CA VAL C 103 -8.45 10.36 25.67
C VAL C 103 -7.99 10.88 27.02
N ALA C 104 -6.92 11.67 27.01
CA ALA C 104 -6.43 12.32 28.22
C ALA C 104 -5.52 13.47 27.83
N ARG C 105 -5.36 14.41 28.75
CA ARG C 105 -4.55 15.60 28.55
C ARG C 105 -3.46 15.66 29.60
N VAL C 106 -2.27 16.09 29.20
CA VAL C 106 -1.13 16.20 30.11
C VAL C 106 -0.79 17.68 30.22
N SER C 107 -1.02 18.27 31.39
CA SER C 107 -0.80 19.69 31.57
C SER C 107 0.71 19.93 31.64
N LEU C 108 1.28 20.38 30.54
CA LEU C 108 2.70 20.67 30.47
C LEU C 108 3.04 21.96 31.20
N PRO C 109 4.30 22.15 31.57
CA PRO C 109 4.68 23.40 32.24
C PRO C 109 4.74 24.55 31.26
N MET C 110 4.31 25.71 31.72
CA MET C 110 4.31 26.90 30.87
C MET C 110 5.79 27.42 30.65
N LEU C 111 6.18 27.72 29.46
CA LEU C 111 7.56 28.04 29.13
C LEU C 111 7.75 29.55 28.98
N ASN C 112 8.96 29.93 28.58
CA ASN C 112 9.31 31.34 28.43
C ASN C 112 8.77 31.90 27.13
N GLU C 113 8.72 33.22 27.06
CA GLU C 113 8.29 33.92 25.85
C GLU C 113 9.02 35.25 25.76
N ASP C 114 9.22 35.72 24.53
CA ASP C 114 9.97 36.93 24.26
C ASP C 114 9.11 37.86 23.43
N ILE C 115 8.75 39.01 23.99
CA ILE C 115 7.86 39.94 23.30
C ILE C 115 8.61 40.71 22.22
N THR C 116 9.80 41.21 22.56
CA THR C 116 10.51 42.10 21.64
C THR C 116 10.85 41.40 20.32
N CYS C 117 10.93 40.07 20.33
CA CYS C 117 11.08 39.32 19.09
C CYS C 117 9.76 38.77 18.57
N ASP C 118 8.69 38.87 19.36
CA ASP C 118 7.39 38.32 19.00
C ASP C 118 7.49 36.82 18.75
N THR C 119 8.34 36.15 19.53
CA THR C 119 8.53 34.71 19.46
C THR C 119 8.28 34.11 20.84
N LEU C 120 8.20 32.79 20.84
CA LEU C 120 7.93 32.08 22.10
C LEU C 120 8.25 30.59 21.97
N GLN C 121 8.78 30.01 23.05
CA GLN C 121 8.97 28.56 23.08
C GLN C 121 7.64 27.83 23.16
N MET C 122 7.65 26.59 22.70
CA MET C 122 6.45 25.77 22.68
C MET C 122 6.87 24.31 22.66
N TRP C 123 6.13 23.48 23.41
CA TRP C 123 6.49 22.07 23.48
C TRP C 123 6.22 21.35 22.18
N GLU C 124 7.18 20.56 21.74
CA GLU C 124 7.09 19.79 20.51
C GLU C 124 7.31 18.32 20.80
N ALA C 125 6.40 17.47 20.33
CA ALA C 125 6.60 16.03 20.38
C ALA C 125 7.33 15.57 19.14
N ILE C 126 8.30 14.67 19.32
CA ILE C 126 9.10 14.18 18.22
C ILE C 126 8.93 12.67 18.01
N SER C 127 8.90 11.90 19.09
CA SER C 127 8.83 10.46 18.96
C SER C 127 8.03 9.89 20.10
N VAL C 128 7.32 8.80 19.82
CA VAL C 128 6.54 8.10 20.81
C VAL C 128 6.80 6.61 20.70
N LYS C 129 6.89 5.95 21.84
CA LYS C 129 7.00 4.50 21.93
C LYS C 129 5.70 3.97 22.51
N THR C 130 5.11 2.99 21.86
CA THR C 130 3.83 2.47 22.30
C THR C 130 3.75 0.97 22.12
N GLU C 131 2.89 0.35 22.93
CA GLU C 131 2.56 -1.08 22.83
C GLU C 131 1.34 -1.32 23.70
N VAL C 132 0.58 -2.35 23.37
CA VAL C 132 -0.60 -2.71 24.11
C VAL C 132 -0.21 -3.61 25.27
N VAL C 133 -0.65 -3.27 26.46
CA VAL C 133 -0.32 -4.06 27.65
C VAL C 133 -1.37 -5.11 27.87
N GLY C 134 -0.98 -6.20 28.51
CA GLY C 134 -1.92 -7.26 28.84
C GLY C 134 -2.24 -8.19 27.70
N ILE C 135 -1.43 -8.21 26.65
CA ILE C 135 -1.68 -9.12 25.53
C ILE C 135 -1.70 -10.56 25.99
N SER C 136 -0.77 -10.92 26.86
CA SER C 136 -0.66 -12.31 27.29
C SER C 136 -1.90 -12.78 28.02
N SER C 137 -2.77 -11.86 28.46
CA SER C 137 -3.97 -12.26 29.16
C SER C 137 -4.94 -13.00 28.25
N LEU C 138 -4.76 -12.92 26.94
CA LEU C 138 -5.74 -13.44 26.01
C LEU C 138 -5.74 -14.95 25.93
N ILE C 139 -4.68 -15.61 26.39
CA ILE C 139 -4.59 -17.05 26.28
C ILE C 139 -5.51 -17.74 27.28
N ASN C 140 -6.25 -16.95 28.07
CA ASN C 140 -7.12 -17.54 29.08
C ASN C 140 -8.30 -18.18 28.37
N VAL C 141 -8.19 -19.47 28.04
CA VAL C 141 -9.25 -20.20 27.39
C VAL C 141 -10.17 -20.87 28.39
N HIS C 142 -9.87 -20.78 29.69
CA HIS C 142 -10.64 -21.47 30.72
C HIS C 142 -11.48 -20.51 31.57
N TYR C 143 -11.97 -19.43 30.99
CA TYR C 143 -12.99 -18.64 31.65
C TYR C 143 -14.27 -19.43 31.77
N TRP C 144 -14.86 -19.40 32.96
CA TRP C 144 -15.86 -20.40 33.30
C TRP C 144 -17.11 -20.33 32.41
N ASP C 145 -17.42 -19.16 31.85
CA ASP C 145 -18.62 -19.03 31.06
C ASP C 145 -18.34 -18.99 29.56
N MET C 146 -17.12 -19.34 29.15
CA MET C 146 -16.80 -19.35 27.73
C MET C 146 -17.57 -20.44 27.00
N LYS C 147 -17.63 -20.30 25.69
CA LYS C 147 -18.28 -21.26 24.82
C LYS C 147 -17.27 -22.23 24.27
N ARG C 148 -17.49 -23.51 24.50
CA ARG C 148 -16.57 -24.52 24.01
C ARG C 148 -16.65 -24.69 22.51
N VAL C 149 -15.48 -24.86 21.88
CA VAL C 149 -15.44 -25.02 20.43
C VAL C 149 -16.04 -26.35 20.02
N HIS C 150 -15.87 -27.39 20.83
CA HIS C 150 -16.54 -28.66 20.60
C HIS C 150 -16.67 -29.38 21.94
N ASP C 151 -17.40 -30.49 21.91
CA ASP C 151 -17.74 -31.21 23.13
C ASP C 151 -16.49 -31.53 23.93
N TYR C 152 -16.53 -31.21 25.22
CA TYR C 152 -15.47 -31.46 26.19
C TYR C 152 -14.17 -30.73 25.84
N GLY C 153 -14.20 -29.85 24.84
CA GLY C 153 -13.03 -29.09 24.49
C GLY C 153 -12.88 -27.86 25.37
N ALA C 154 -11.92 -27.03 24.99
CA ALA C 154 -11.71 -25.76 25.66
C ALA C 154 -12.47 -24.65 24.94
N GLY C 155 -12.62 -23.51 25.63
CA GLY C 155 -13.40 -22.41 25.09
C GLY C 155 -12.83 -21.81 23.83
N ILE C 156 -13.50 -20.82 23.27
CA ILE C 156 -13.03 -20.14 22.07
C ILE C 156 -12.35 -18.86 22.51
N PRO C 157 -11.05 -18.70 22.32
CA PRO C 157 -10.35 -17.53 22.85
C PRO C 157 -10.85 -16.24 22.20
N VAL C 158 -10.42 -15.13 22.79
CA VAL C 158 -10.84 -13.83 22.30
C VAL C 158 -10.36 -13.67 20.86
N SER C 159 -11.30 -13.47 19.95
CA SER C 159 -10.96 -13.33 18.54
C SER C 159 -12.12 -12.64 17.84
N GLY C 160 -11.86 -12.21 16.61
CA GLY C 160 -12.88 -11.55 15.83
C GLY C 160 -12.55 -10.11 15.52
N VAL C 161 -13.46 -9.19 15.88
CA VAL C 161 -13.30 -7.80 15.51
C VAL C 161 -12.08 -7.20 16.20
N ASN C 162 -11.30 -6.42 15.44
CA ASN C 162 -10.18 -5.68 16.01
C ASN C 162 -10.23 -4.26 15.46
N TYR C 163 -10.15 -3.29 16.36
CA TYR C 163 -10.03 -1.88 15.98
C TYR C 163 -8.93 -1.29 16.84
N HIS C 164 -7.80 -1.01 16.23
CA HIS C 164 -6.66 -0.41 16.90
C HIS C 164 -6.38 0.97 16.35
N MET C 165 -6.12 1.91 17.26
CA MET C 165 -5.96 3.31 16.89
C MET C 165 -5.38 4.08 18.07
N PHE C 166 -4.44 4.96 17.78
CA PHE C 166 -3.96 5.91 18.76
C PHE C 166 -3.61 7.20 18.03
N ALA C 167 -3.50 8.29 18.80
CA ALA C 167 -3.22 9.58 18.19
C ALA C 167 -2.55 10.49 19.21
N ILE C 168 -1.69 11.38 18.71
CA ILE C 168 -0.97 12.32 19.55
C ILE C 168 -0.94 13.66 18.82
N GLY C 169 -1.21 14.74 19.56
CA GLY C 169 -1.18 16.06 18.96
C GLY C 169 -1.32 17.12 20.03
N GLY C 170 -1.00 18.36 19.63
CA GLY C 170 -1.17 19.49 20.51
C GLY C 170 -2.59 20.01 20.60
N GLU C 171 -3.46 19.56 19.72
CA GLU C 171 -4.87 19.91 19.74
C GLU C 171 -5.69 18.68 20.08
N PRO C 172 -6.91 18.86 20.57
CA PRO C 172 -7.82 17.72 20.68
C PRO C 172 -8.05 17.11 19.30
N LEU C 173 -8.17 15.79 19.27
CA LEU C 173 -8.29 15.09 18.01
C LEU C 173 -9.56 15.46 17.28
N ASP C 174 -9.41 16.09 16.12
CA ASP C 174 -10.58 16.33 15.26
C ASP C 174 -11.05 15.04 14.65
N LEU C 175 -12.35 14.93 14.43
CA LEU C 175 -12.90 13.67 13.96
C LEU C 175 -14.18 13.90 13.18
N GLN C 176 -14.50 12.95 12.31
CA GLN C 176 -15.65 12.97 11.42
C GLN C 176 -16.66 11.93 11.86
N GLY C 177 -17.93 12.19 11.60
CA GLY C 177 -18.99 11.28 11.95
C GLY C 177 -19.48 10.49 10.73
N LEU C 178 -19.73 9.21 10.95
CA LEU C 178 -20.30 8.39 9.89
C LEU C 178 -20.93 7.16 10.54
N VAL C 179 -22.17 6.86 10.18
CA VAL C 179 -22.94 5.81 10.82
C VAL C 179 -23.30 4.76 9.79
N LEU C 180 -23.35 3.51 10.24
CA LEU C 180 -23.77 2.43 9.34
C LEU C 180 -25.22 2.56 8.95
N ASP C 181 -26.07 3.10 9.83
CA ASP C 181 -27.49 3.28 9.53
C ASP C 181 -28.03 4.41 10.38
N TYR C 182 -28.53 5.47 9.71
CA TYR C 182 -29.05 6.60 10.45
C TYR C 182 -30.32 6.26 11.22
N GLN C 183 -30.98 5.16 10.87
CA GLN C 183 -32.20 4.76 11.56
C GLN C 183 -31.97 4.59 13.06
N THR C 184 -30.73 4.29 13.46
CA THR C 184 -30.44 4.04 14.87
C THR C 184 -30.71 5.27 15.72
N GLN C 185 -31.30 5.05 16.87
CA GLN C 185 -31.65 6.12 17.82
C GLN C 185 -30.72 5.94 19.01
N TYR C 186 -29.57 6.60 18.95
CA TYR C 186 -28.61 6.48 20.03
C TYR C 186 -29.14 7.11 21.31
N PRO C 187 -28.62 6.71 22.47
CA PRO C 187 -29.11 7.27 23.72
C PRO C 187 -28.98 8.77 23.78
N LYS C 188 -29.90 9.39 24.51
CA LYS C 188 -29.93 10.84 24.60
C LYS C 188 -28.73 11.34 25.38
N THR C 189 -28.30 12.56 25.02
CA THR C 189 -27.12 13.13 25.67
C THR C 189 -27.51 13.70 27.04
N THR C 190 -28.75 14.20 27.20
CA THR C 190 -29.17 14.84 28.45
C THR C 190 -28.93 13.96 29.68
N ASN C 191 -28.78 12.63 29.48
CA ASN C 191 -28.39 11.73 30.55
C ASN C 191 -26.88 11.80 30.83
N GLY C 192 -26.16 12.78 30.25
CA GLY C 192 -24.73 12.84 30.40
C GLY C 192 -23.98 11.74 29.69
N GLY C 193 -24.67 10.91 28.88
CA GLY C 193 -24.07 9.76 28.26
C GLY C 193 -23.26 10.11 27.04
N PRO C 194 -23.38 9.31 25.99
CA PRO C 194 -22.53 9.46 24.82
C PRO C 194 -22.95 10.65 23.96
N ILE C 195 -22.11 10.95 22.98
CA ILE C 195 -22.31 12.07 22.07
C ILE C 195 -22.42 11.49 20.67
N THR C 196 -23.60 11.49 20.11
CA THR C 196 -23.79 11.03 18.75
C THR C 196 -23.92 12.23 17.81
N ILE C 197 -24.15 11.93 16.53
CA ILE C 197 -24.19 12.99 15.53
C ILE C 197 -25.34 13.95 15.80
N GLU C 198 -26.54 13.39 16.01
CA GLU C 198 -27.69 14.24 16.20
C GLU C 198 -27.54 15.15 17.41
N THR C 199 -26.68 14.79 18.37
CA THR C 199 -26.34 15.71 19.44
C THR C 199 -25.62 16.93 18.89
N VAL C 200 -24.72 16.73 17.94
CA VAL C 200 -23.98 17.85 17.36
C VAL C 200 -24.86 18.67 16.43
N LEU C 201 -25.52 18.00 15.48
CA LEU C 201 -26.34 18.71 14.51
C LEU C 201 -27.60 19.30 15.13
N GLY C 202 -28.07 18.77 16.27
CA GLY C 202 -29.30 19.22 16.84
C GLY C 202 -30.54 18.71 16.16
N ARG C 203 -30.41 17.92 15.09
CA ARG C 203 -31.54 17.35 14.40
C ARG C 203 -31.28 15.88 14.12
N LYS C 204 -32.34 15.14 13.83
CA LYS C 204 -32.20 13.72 13.54
C LYS C 204 -31.33 13.55 12.31
N MET C 205 -30.60 12.44 12.28
CA MET C 205 -29.71 12.17 11.16
C MET C 205 -30.51 11.93 9.88
N THR C 206 -29.81 12.07 8.76
CA THR C 206 -30.42 11.87 7.45
C THR C 206 -29.61 10.80 6.73
N PRO C 207 -30.08 10.26 5.60
CA PRO C 207 -29.23 9.35 4.83
C PRO C 207 -27.90 9.94 4.42
N LYS C 208 -27.79 11.27 4.35
CA LYS C 208 -26.49 11.90 4.10
C LYS C 208 -25.48 11.46 5.14
N ASN C 209 -25.87 11.51 6.42
CA ASN C 209 -24.98 11.12 7.51
C ASN C 209 -24.54 9.68 7.41
N GLN C 210 -25.31 8.84 6.72
CA GLN C 210 -24.92 7.45 6.53
C GLN C 210 -23.70 7.32 5.63
N GLY C 211 -23.44 8.33 4.81
CA GLY C 211 -22.17 8.47 4.14
C GLY C 211 -21.39 9.60 4.77
N LEU C 212 -20.65 10.37 3.98
CA LEU C 212 -19.89 11.48 4.53
C LEU C 212 -20.77 12.72 4.63
N ASP C 213 -20.62 13.45 5.72
CA ASP C 213 -21.38 14.68 5.96
C ASP C 213 -20.50 15.73 6.62
N PRO C 214 -20.11 16.78 5.90
CA PRO C 214 -19.25 17.80 6.53
C PRO C 214 -19.92 18.50 7.68
N GLN C 215 -21.26 18.55 7.70
CA GLN C 215 -21.95 19.13 8.85
C GLN C 215 -21.63 18.37 10.13
N ALA C 216 -21.36 17.07 10.02
CA ALA C 216 -21.12 16.20 11.17
C ALA C 216 -19.64 16.15 11.47
N LYS C 217 -19.17 17.04 12.33
CA LYS C 217 -17.80 17.05 12.81
C LYS C 217 -17.80 17.43 14.26
N ALA C 218 -16.77 16.97 14.96
CA ALA C 218 -16.63 17.32 16.37
C ALA C 218 -15.20 17.07 16.79
N LYS C 219 -14.80 17.72 17.88
CA LYS C 219 -13.48 17.53 18.45
C LYS C 219 -13.60 16.59 19.64
N LEU C 220 -12.52 15.84 19.89
CA LEU C 220 -12.51 14.77 20.91
C LEU C 220 -12.44 15.44 22.29
N ASP C 221 -13.60 15.85 22.78
CA ASP C 221 -13.68 16.54 24.08
C ASP C 221 -13.49 15.60 25.24
N LYS C 222 -14.39 14.64 25.38
CA LYS C 222 -14.49 13.84 26.58
C LYS C 222 -14.11 12.38 26.34
N ASP C 223 -13.86 11.67 27.43
CA ASP C 223 -13.62 10.25 27.42
C ASP C 223 -14.90 9.45 27.51
N GLY C 224 -14.92 8.31 26.84
CA GLY C 224 -16.02 7.38 26.98
C GLY C 224 -17.35 7.92 26.54
N ASN C 225 -17.34 9.01 25.76
CA ASN C 225 -18.58 9.60 25.31
C ASN C 225 -18.68 9.72 23.81
N TYR C 226 -17.61 9.40 23.05
CA TYR C 226 -17.71 9.42 21.60
C TYR C 226 -17.67 7.99 21.10
N PRO C 227 -18.81 7.37 20.79
CA PRO C 227 -18.82 5.97 20.36
C PRO C 227 -17.96 5.75 19.14
N ILE C 228 -17.23 4.64 19.15
CA ILE C 228 -16.32 4.35 18.05
C ILE C 228 -17.10 4.10 16.78
N GLU C 229 -18.26 3.44 16.89
CA GLU C 229 -18.99 3.06 15.69
C GLU C 229 -19.64 4.26 15.01
N VAL C 230 -19.48 5.47 15.54
CA VAL C 230 -20.09 6.66 14.99
C VAL C 230 -19.03 7.63 14.47
N TRP C 231 -18.00 7.87 15.26
CA TRP C 231 -17.03 8.90 14.94
C TRP C 231 -15.74 8.28 14.39
N CYS C 232 -15.19 8.91 13.36
CA CYS C 232 -13.93 8.49 12.75
C CYS C 232 -13.01 9.70 12.63
N PRO C 233 -11.72 9.51 12.72
CA PRO C 233 -10.80 10.66 12.66
C PRO C 233 -10.89 11.39 11.34
N ASP C 234 -11.09 12.71 11.40
CA ASP C 234 -11.16 13.52 10.20
C ASP C 234 -9.77 13.75 9.64
N PRO C 235 -9.46 13.25 8.45
CA PRO C 235 -8.12 13.46 7.90
C PRO C 235 -7.87 14.90 7.45
N SER C 236 -8.92 15.68 7.28
CA SER C 236 -8.64 17.04 6.79
C SER C 236 -8.13 17.90 7.93
N LYS C 237 -8.97 18.14 8.93
CA LYS C 237 -8.60 19.04 10.03
C LYS C 237 -7.47 18.52 10.91
N ASN C 238 -7.25 17.22 11.02
CA ASN C 238 -6.22 16.77 11.98
C ASN C 238 -4.86 17.12 11.40
N GLU C 239 -4.41 18.37 11.47
CA GLU C 239 -3.08 18.65 10.87
C GLU C 239 -2.05 18.85 11.95
N ASN C 240 -2.48 19.00 13.18
CA ASN C 240 -1.45 19.17 14.23
C ASN C 240 -1.47 17.90 15.04
N SER C 241 -1.88 16.79 14.43
CA SER C 241 -1.91 15.55 15.20
C SER C 241 -1.47 14.41 14.30
N ARG C 242 -1.08 13.31 14.92
CA ARG C 242 -0.61 12.14 14.21
C ARG C 242 -1.42 10.95 14.68
N TYR C 243 -2.24 10.38 13.81
CA TYR C 243 -3.11 9.28 14.18
C TYR C 243 -2.81 8.09 13.30
N TYR C 244 -2.78 6.91 13.91
CA TYR C 244 -2.52 5.65 13.24
C TYR C 244 -3.62 4.66 13.60
N GLY C 245 -4.02 3.83 12.63
CA GLY C 245 -5.13 2.94 12.91
C GLY C 245 -5.18 1.75 11.99
N SER C 246 -5.98 0.77 12.41
CA SER C 246 -6.20 -0.46 11.64
C SER C 246 -7.49 -1.10 12.09
N ILE C 247 -7.99 -2.03 11.29
CA ILE C 247 -9.24 -2.71 11.58
C ILE C 247 -9.16 -4.16 11.11
N GLN C 248 -10.01 -4.98 11.68
CA GLN C 248 -10.09 -6.41 11.34
C GLN C 248 -11.46 -6.88 11.79
N THR C 249 -12.33 -7.21 10.85
CA THR C 249 -13.72 -7.53 11.15
C THR C 249 -14.03 -8.95 10.69
N GLY C 250 -14.44 -9.81 11.61
CA GLY C 250 -14.81 -11.16 11.26
C GLY C 250 -15.44 -11.85 12.44
N SER C 251 -16.10 -12.97 12.14
CA SER C 251 -16.77 -13.75 13.18
C SER C 251 -15.76 -14.25 14.22
N GLN C 252 -14.82 -15.10 13.79
CA GLN C 252 -13.86 -15.67 14.72
C GLN C 252 -12.45 -15.47 14.19
N THR C 253 -12.23 -14.41 13.41
CA THR C 253 -10.90 -14.14 12.89
C THR C 253 -9.92 -13.93 14.03
N PRO C 254 -8.69 -14.43 13.91
CA PRO C 254 -7.78 -14.42 15.04
C PRO C 254 -7.28 -13.01 15.36
N THR C 255 -6.78 -12.87 16.57
CA THR C 255 -6.21 -11.61 17.04
C THR C 255 -4.70 -11.71 16.92
N VAL C 256 -4.14 -11.02 15.93
CA VAL C 256 -2.70 -10.98 15.73
C VAL C 256 -2.18 -9.66 16.27
N LEU C 257 -1.20 -9.71 17.18
CA LEU C 257 -0.70 -8.51 17.83
C LEU C 257 0.80 -8.61 18.00
N GLN C 258 1.46 -7.47 17.93
CA GLN C 258 2.90 -7.34 18.11
C GLN C 258 3.19 -6.50 19.32
N PHE C 259 4.36 -6.73 19.93
CA PHE C 259 4.77 -5.87 21.05
C PHE C 259 6.27 -6.02 21.29
N SER C 260 6.92 -4.89 21.54
CA SER C 260 8.34 -4.84 21.87
C SER C 260 8.65 -3.43 22.38
N ASN C 261 9.85 -3.27 22.93
CA ASN C 261 10.26 -1.98 23.45
C ASN C 261 11.35 -1.36 22.58
N THR C 262 11.66 -1.96 21.43
CA THR C 262 12.62 -1.40 20.50
C THR C 262 11.98 -0.59 19.39
N LEU C 263 10.67 -0.72 19.21
CA LEU C 263 9.99 0.01 18.16
C LEU C 263 9.74 1.44 18.61
N THR C 264 10.23 2.38 17.83
CA THR C 264 10.02 3.81 18.09
C THR C 264 9.45 4.44 16.84
N THR C 265 8.37 5.22 17.02
CA THR C 265 7.70 5.88 15.90
C THR C 265 7.98 7.36 15.95
N VAL C 266 8.44 7.91 14.82
CA VAL C 266 8.79 9.32 14.74
C VAL C 266 7.57 10.11 14.32
N LEU C 267 7.30 11.21 15.02
CA LEU C 267 6.12 12.03 14.77
C LEU C 267 6.40 13.23 13.87
N LEU C 268 7.65 13.44 13.47
CA LEU C 268 7.99 14.61 12.69
C LEU C 268 7.26 14.58 11.34
N ASP C 269 7.06 15.75 10.77
CA ASP C 269 6.38 15.89 9.49
C ASP C 269 7.40 15.99 8.36
N GLU C 270 6.91 16.28 7.16
CA GLU C 270 7.81 16.49 6.02
C GLU C 270 8.62 17.77 6.16
N ASN C 271 8.16 18.71 6.98
CA ASN C 271 8.93 19.91 7.26
C ASN C 271 9.93 19.74 8.38
N GLY C 272 9.89 18.62 9.09
CA GLY C 272 10.80 18.41 10.20
C GLY C 272 10.35 18.95 11.52
N VAL C 273 9.05 19.19 11.68
CA VAL C 273 8.49 19.70 12.93
C VAL C 273 7.41 18.74 13.41
N GLY C 274 7.35 18.52 14.71
CA GLY C 274 6.38 17.64 15.28
C GLY C 274 5.13 18.39 15.69
N PRO C 275 4.23 17.71 16.41
CA PRO C 275 3.06 18.39 16.95
C PRO C 275 3.47 19.47 17.94
N LEU C 276 2.77 20.60 17.88
CA LEU C 276 3.03 21.73 18.75
C LEU C 276 1.95 21.78 19.81
N CYS C 277 2.36 21.73 21.08
CA CYS C 277 1.41 21.63 22.18
C CYS C 277 0.76 22.99 22.40
N LYS C 278 -0.35 23.21 21.70
CA LYS C 278 -1.12 24.44 21.89
C LYS C 278 -1.67 24.49 23.31
N GLY C 279 -1.64 25.68 23.89
CA GLY C 279 -2.12 25.84 25.24
C GLY C 279 -1.30 25.14 26.30
N ASP C 280 -0.03 24.84 25.99
CA ASP C 280 0.86 24.15 26.92
C ASP C 280 0.24 22.84 27.40
N GLY C 281 -0.44 22.17 26.48
CA GLY C 281 -1.12 20.93 26.80
C GLY C 281 -0.82 19.86 25.77
N LEU C 282 -0.63 18.63 26.25
CA LEU C 282 -0.44 17.46 25.40
C LEU C 282 -1.73 16.66 25.33
N PHE C 283 -2.14 16.35 24.11
CA PHE C 283 -3.39 15.62 23.89
C PHE C 283 -3.07 14.25 23.33
N ILE C 284 -3.55 13.23 24.02
CA ILE C 284 -3.31 11.83 23.69
C ILE C 284 -4.63 11.11 23.65
N SER C 285 -4.78 10.23 22.68
CA SER C 285 -6.01 9.46 22.53
C SER C 285 -5.72 8.12 21.87
N CYS C 286 -6.49 7.10 22.25
CA CYS C 286 -6.27 5.77 21.70
C CYS C 286 -7.51 4.93 21.94
N ALA C 287 -7.54 3.77 21.31
CA ALA C 287 -8.59 2.79 21.48
C ALA C 287 -8.13 1.50 20.85
N ASP C 288 -8.35 0.38 21.55
CA ASP C 288 -7.94 -0.95 21.08
C ASP C 288 -9.01 -1.98 21.41
N ILE C 289 -9.65 -2.53 20.38
CA ILE C 289 -10.61 -3.60 20.55
C ILE C 289 -9.93 -4.89 20.12
N VAL C 290 -10.04 -5.91 20.96
CA VAL C 290 -9.30 -7.14 20.78
C VAL C 290 -10.15 -8.30 20.29
N GLY C 291 -11.43 -8.32 20.55
CA GLY C 291 -12.29 -9.36 20.02
C GLY C 291 -13.45 -9.60 20.94
N PHE C 292 -14.26 -10.59 20.56
CA PHE C 292 -15.44 -10.93 21.33
C PHE C 292 -15.09 -11.85 22.51
N LEU C 293 -16.10 -12.11 23.34
CA LEU C 293 -16.00 -13.11 24.41
C LEU C 293 -17.21 -14.01 24.23
N PHE C 294 -16.98 -15.19 23.69
CA PHE C 294 -18.07 -16.11 23.35
C PHE C 294 -18.59 -16.75 24.63
N LYS C 295 -19.67 -16.19 25.18
CA LYS C 295 -20.27 -16.75 26.37
C LYS C 295 -20.92 -18.09 26.06
N THR C 296 -21.15 -18.88 27.12
CA THR C 296 -21.71 -20.22 26.93
C THR C 296 -23.10 -20.16 26.33
N SER C 297 -23.91 -19.20 26.79
CA SER C 297 -25.26 -19.06 26.25
C SER C 297 -25.29 -18.67 24.79
N GLY C 298 -24.16 -18.42 24.17
CA GLY C 298 -24.09 -17.98 22.80
C GLY C 298 -23.95 -16.47 22.63
N LYS C 299 -24.19 -15.69 23.69
CA LYS C 299 -24.07 -14.26 23.61
C LYS C 299 -22.62 -13.85 23.39
N MET C 300 -22.42 -12.58 23.06
CA MET C 300 -21.10 -12.05 22.77
C MET C 300 -20.89 -10.72 23.48
N ALA C 301 -19.61 -10.37 23.63
CA ALA C 301 -19.24 -9.14 24.32
C ALA C 301 -17.81 -8.81 23.94
N LEU C 302 -17.58 -7.53 23.64
CA LEU C 302 -16.24 -7.10 23.22
C LEU C 302 -15.33 -6.90 24.42
N HIS C 303 -14.04 -6.73 24.13
CA HIS C 303 -13.05 -6.59 25.18
C HIS C 303 -11.96 -5.66 24.68
N GLY C 304 -11.36 -4.91 25.60
CA GLY C 304 -10.32 -3.96 25.25
C GLY C 304 -9.15 -4.02 26.20
N LEU C 305 -8.02 -3.48 25.76
CA LEU C 305 -6.79 -3.47 26.53
C LEU C 305 -6.19 -2.09 26.53
N PRO C 306 -5.45 -1.74 27.57
CA PRO C 306 -4.83 -0.41 27.65
C PRO C 306 -3.65 -0.28 26.70
N ARG C 307 -3.02 0.92 26.69
CA ARG C 307 -1.84 1.16 25.88
C ARG C 307 -0.82 1.93 26.69
N TYR C 308 0.45 1.68 26.41
CA TYR C 308 1.54 2.38 27.12
C TYR C 308 2.11 3.34 26.11
N PHE C 309 2.35 4.56 26.54
CA PHE C 309 2.82 5.68 25.73
C PHE C 309 4.07 6.27 26.34
N ASN C 310 5.07 6.51 25.50
CA ASN C 310 6.34 7.08 25.94
C ASN C 310 6.66 8.24 24.99
N VAL C 311 6.15 9.41 25.31
CA VAL C 311 6.28 10.58 24.45
C VAL C 311 7.61 11.27 24.73
N THR C 312 8.32 11.64 23.68
CA THR C 312 9.58 12.35 23.78
C THR C 312 9.34 13.78 23.33
N LEU C 313 9.51 14.72 24.23
CA LEU C 313 9.22 16.13 24.00
C LEU C 313 10.49 16.96 23.96
N ARG C 314 10.41 18.10 23.27
CA ARG C 314 11.51 19.06 23.26
C ARG C 314 10.93 20.46 23.09
N LYS C 315 11.82 21.45 23.14
CA LYS C 315 11.44 22.86 23.10
C LYS C 315 11.80 23.42 21.74
N ARG C 316 10.85 24.13 21.12
CA ARG C 316 11.10 24.76 19.83
C ARG C 316 10.66 26.21 19.88
N TRP C 317 11.40 27.08 19.21
CA TRP C 317 11.07 28.49 19.08
C TRP C 317 10.15 28.68 17.88
N VAL C 318 9.05 29.40 18.07
CA VAL C 318 8.10 29.69 17.02
C VAL C 318 7.63 31.12 17.13
N LYS C 319 7.18 31.67 16.00
CA LYS C 319 6.66 33.03 15.96
C LYS C 319 5.22 33.06 16.43
N ASN C 320 4.85 34.10 17.17
CA ASN C 320 3.48 34.24 17.63
C ASN C 320 2.60 34.64 16.46
N PRO C 321 1.71 33.80 16.14
CA PRO C 321 0.87 34.13 15.00
C PRO C 321 -0.27 35.07 15.33
N TYR C 322 -0.71 35.11 16.59
CA TYR C 322 -1.91 35.91 16.75
C TYR C 322 -1.59 37.24 17.41
N PRO C 323 -2.19 38.32 16.92
CA PRO C 323 -1.94 39.64 17.53
C PRO C 323 -2.48 39.69 18.94
N VAL C 324 -1.62 40.08 19.88
CA VAL C 324 -1.98 40.07 21.29
C VAL C 324 -3.15 41.00 21.55
N VAL C 325 -3.06 42.23 21.04
CA VAL C 325 -4.05 43.23 21.38
C VAL C 325 -5.43 42.84 20.85
N ASN C 326 -5.50 42.37 19.61
CA ASN C 326 -6.78 41.98 19.05
C ASN C 326 -7.44 40.87 19.85
N LEU C 327 -6.64 40.03 20.50
CA LEU C 327 -7.20 38.97 21.33
C LEU C 327 -8.01 39.55 22.49
N ILE C 328 -7.36 40.35 23.33
CA ILE C 328 -8.04 40.89 24.50
C ILE C 328 -9.18 41.80 24.09
N ASN C 329 -9.09 42.39 22.90
CA ASN C 329 -10.20 43.21 22.42
C ASN C 329 -11.45 42.38 22.23
N SER C 330 -11.30 41.10 21.89
CA SER C 330 -12.46 40.24 21.74
C SER C 330 -13.20 40.05 23.05
N LEU C 331 -12.49 40.07 24.16
CA LEU C 331 -13.08 39.68 25.43
C LEU C 331 -14.04 40.75 25.96
N PHE C 332 -13.91 41.98 25.50
CA PHE C 332 -14.73 43.08 25.99
C PHE C 332 -15.86 43.35 25.03
N SER C 333 -17.08 43.49 25.57
CA SER C 333 -18.23 43.82 24.72
C SER C 333 -18.13 45.23 24.16
N ASN C 334 -17.41 46.12 24.85
CA ASN C 334 -17.25 47.49 24.36
C ASN C 334 -16.36 47.52 23.13
N LEU C 335 -15.21 46.85 23.19
CA LEU C 335 -14.24 46.88 22.11
C LEU C 335 -14.52 45.84 21.03
N MET C 336 -15.51 44.96 21.25
CA MET C 336 -15.99 44.04 20.21
C MET C 336 -17.50 44.01 20.29
N PRO C 337 -18.16 45.04 19.78
CA PRO C 337 -19.62 45.03 19.80
C PRO C 337 -20.18 44.03 18.80
N LYS C 338 -21.29 43.42 19.18
CA LYS C 338 -21.96 42.44 18.34
C LYS C 338 -23.37 42.93 18.04
N VAL C 339 -23.96 42.36 16.99
CA VAL C 339 -25.28 42.76 16.55
C VAL C 339 -25.97 41.55 15.95
N SER C 340 -27.26 41.40 16.24
CA SER C 340 -28.06 40.32 15.68
C SER C 340 -28.77 40.83 14.43
N GLY C 341 -27.98 41.01 13.38
CA GLY C 341 -28.45 41.56 12.13
C GLY C 341 -28.59 40.51 11.04
N GLN C 342 -28.86 41.00 9.83
CA GLN C 342 -29.04 40.12 8.69
C GLN C 342 -27.76 39.34 8.42
N PRO C 343 -27.87 38.13 7.88
CA PRO C 343 -26.69 37.27 7.76
C PRO C 343 -25.72 37.78 6.72
N MET C 344 -24.45 37.84 7.10
CA MET C 344 -23.36 38.19 6.18
C MET C 344 -22.30 37.10 6.14
N GLU C 345 -22.65 35.87 6.51
CA GLU C 345 -21.76 34.74 6.41
C GLU C 345 -22.59 33.47 6.45
N GLY C 346 -21.99 32.38 5.99
CA GLY C 346 -22.68 31.11 5.99
C GLY C 346 -23.40 30.84 4.69
N LYS C 347 -24.37 29.93 4.76
CA LYS C 347 -25.08 29.50 3.57
C LYS C 347 -25.94 30.63 2.99
N ASP C 348 -26.54 31.43 3.86
CA ASP C 348 -27.45 32.49 3.43
C ASP C 348 -26.83 33.87 3.55
N ASN C 349 -25.53 33.99 3.27
CA ASN C 349 -24.89 35.30 3.35
C ASN C 349 -25.48 36.26 2.33
N GLN C 350 -25.29 37.55 2.60
CA GLN C 350 -25.85 38.61 1.76
C GLN C 350 -24.75 39.52 1.24
N VAL C 351 -23.62 38.93 0.86
CA VAL C 351 -22.52 39.65 0.22
C VAL C 351 -22.37 39.08 -1.18
N GLU C 352 -22.63 39.88 -2.19
CA GLU C 352 -22.67 39.35 -3.56
C GLU C 352 -21.28 39.15 -4.14
N GLU C 353 -20.35 40.00 -3.79
CA GLU C 353 -19.00 39.89 -4.37
C GLU C 353 -18.01 40.59 -3.46
N VAL C 354 -16.75 40.18 -3.50
CA VAL C 354 -15.70 40.83 -2.73
C VAL C 354 -14.49 40.98 -3.64
N ARG C 355 -13.89 42.16 -3.68
CA ARG C 355 -12.68 42.31 -4.51
C ARG C 355 -11.60 42.87 -3.62
N ILE C 356 -10.38 42.42 -3.81
CA ILE C 356 -9.20 42.77 -3.04
C ILE C 356 -8.12 43.21 -4.00
N TYR C 357 -7.67 44.46 -3.85
CA TYR C 357 -6.67 45.04 -4.72
C TYR C 357 -5.38 45.28 -3.94
N GLU C 358 -4.25 45.03 -4.58
CA GLU C 358 -2.96 45.34 -4.00
C GLU C 358 -1.95 45.58 -5.11
N GLY C 359 -1.18 46.65 -4.99
CA GLY C 359 -0.21 46.92 -6.03
C GLY C 359 -0.87 47.46 -7.28
N SER C 360 -0.14 47.33 -8.39
CA SER C 360 -0.60 47.85 -9.67
C SER C 360 -0.05 46.97 -10.79
N GLU C 361 -0.79 46.93 -11.89
CA GLU C 361 -0.38 46.20 -13.08
C GLU C 361 -0.81 46.97 -14.31
N GLN C 362 -0.47 46.43 -15.47
CA GLN C 362 -0.94 47.00 -16.71
C GLN C 362 -2.42 46.68 -16.90
N LEU C 363 -3.10 47.54 -17.64
CA LEU C 363 -4.56 47.45 -17.74
C LEU C 363 -4.97 46.14 -18.39
N PRO C 364 -5.83 45.35 -17.77
CA PRO C 364 -6.36 44.16 -18.43
C PRO C 364 -7.46 44.52 -19.41
N GLY C 365 -7.62 43.66 -20.40
CA GLY C 365 -8.61 43.86 -21.43
C GLY C 365 -10.01 43.39 -21.10
N ASP C 366 -10.27 43.00 -19.86
CA ASP C 366 -11.58 42.52 -19.47
C ASP C 366 -11.80 42.78 -17.99
N PRO C 367 -12.68 43.70 -17.62
CA PRO C 367 -12.99 43.90 -16.19
C PRO C 367 -13.66 42.69 -15.57
N ASP C 368 -14.38 41.91 -16.35
CA ASP C 368 -15.01 40.68 -15.85
C ASP C 368 -14.05 39.51 -16.01
N ILE C 369 -12.94 39.59 -15.29
CA ILE C 369 -11.90 38.57 -15.39
C ILE C 369 -12.46 37.22 -14.96
N VAL C 370 -12.28 36.21 -15.80
CA VAL C 370 -12.57 34.84 -15.45
C VAL C 370 -11.26 34.09 -15.36
N ARG C 371 -11.23 33.05 -14.53
CA ARG C 371 -10.03 32.27 -14.35
C ARG C 371 -10.19 30.81 -14.76
N PHE C 372 -11.41 30.37 -15.05
CA PHE C 372 -11.68 28.96 -15.30
C PHE C 372 -12.15 28.79 -16.72
N LEU C 373 -11.53 27.86 -17.46
CA LEU C 373 -11.99 27.59 -18.82
C LEU C 373 -13.42 27.10 -18.85
N ASP C 374 -13.84 26.38 -17.81
CA ASP C 374 -15.21 25.88 -17.76
C ASP C 374 -16.23 26.99 -17.76
N LYS C 375 -15.84 28.20 -17.39
CA LYS C 375 -16.81 29.29 -17.27
C LYS C 375 -17.12 29.97 -18.60
N PHE C 376 -16.30 29.77 -19.63
CA PHE C 376 -16.55 30.42 -20.91
C PHE C 376 -17.85 29.92 -21.54
N GLY C 377 -18.21 28.67 -21.31
CA GLY C 377 -19.43 28.12 -21.87
C GLY C 377 -20.70 28.68 -21.24
N ILE D 19 62.30 -18.81 8.48
CA ILE D 19 62.49 -17.60 7.70
C ILE D 19 61.74 -17.71 6.37
N PRO D 20 60.45 -17.36 6.38
CA PRO D 20 59.65 -17.42 5.16
C PRO D 20 59.80 -16.16 4.31
N LYS D 21 59.42 -16.30 3.04
CA LYS D 21 59.46 -15.19 2.09
C LYS D 21 58.06 -14.60 1.97
N PRO D 22 57.86 -13.33 2.35
CA PRO D 22 56.51 -12.75 2.28
C PRO D 22 55.95 -12.68 0.88
N GLY D 23 56.76 -12.25 -0.10
CA GLY D 23 56.26 -12.13 -1.45
C GLY D 23 55.79 -13.44 -2.05
N CYS D 24 56.43 -14.55 -1.67
CA CYS D 24 56.03 -15.86 -2.17
C CYS D 24 54.66 -16.28 -1.66
N CYS D 25 54.19 -15.70 -0.55
CA CYS D 25 52.97 -16.30 -0.03
C CYS D 25 51.77 -15.41 -0.28
N PRO D 26 50.63 -16.00 -0.63
CA PRO D 26 49.47 -15.21 -1.04
C PRO D 26 48.75 -14.59 0.13
N ASN D 27 48.05 -13.49 -0.15
CA ASN D 27 47.30 -12.80 0.88
C ASN D 27 46.04 -13.58 1.23
N VAL D 28 45.77 -13.67 2.53
CA VAL D 28 44.60 -14.37 3.03
C VAL D 28 43.83 -13.42 3.94
N ALA D 29 42.51 -13.58 3.96
CA ALA D 29 41.65 -12.69 4.73
C ALA D 29 41.95 -12.78 6.21
N SER D 30 41.50 -11.92 6.91
CA SER D 30 41.61 -11.67 8.39
C SER D 30 40.23 -11.78 9.06
N VAL D 31 40.08 -12.77 9.93
CA VAL D 31 38.83 -12.98 10.66
C VAL D 31 39.13 -12.87 12.13
N PRO D 32 38.13 -12.64 12.96
CA PRO D 32 38.38 -12.57 14.40
C PRO D 32 39.01 -13.85 14.94
N LYS D 33 39.96 -13.68 15.86
CA LYS D 33 40.74 -14.78 16.39
C LYS D 33 40.02 -15.44 17.55
N LEU D 34 39.92 -16.76 17.50
CA LEU D 34 39.30 -17.50 18.57
C LEU D 34 40.37 -17.92 19.58
N LEU D 35 40.07 -17.75 20.88
CA LEU D 35 40.99 -18.14 21.93
C LEU D 35 40.60 -19.47 22.55
N VAL D 36 39.39 -19.56 23.09
CA VAL D 36 38.97 -20.75 23.81
C VAL D 36 37.57 -21.13 23.39
N LYS D 37 37.26 -22.42 23.49
CA LYS D 37 35.95 -22.94 23.14
C LYS D 37 35.64 -24.11 24.07
N GLY D 38 34.43 -24.13 24.63
CA GLY D 38 34.06 -25.20 25.53
C GLY D 38 32.75 -24.91 26.22
N GLY D 39 32.58 -25.49 27.39
CA GLY D 39 31.38 -25.35 28.19
C GLY D 39 31.42 -24.15 29.11
N VAL D 40 30.66 -24.25 30.21
CA VAL D 40 30.56 -23.13 31.12
C VAL D 40 31.91 -22.83 31.78
N GLU D 41 32.76 -23.84 31.93
CA GLU D 41 34.04 -23.65 32.59
C GLU D 41 34.89 -22.61 31.88
N VAL D 42 34.56 -22.28 30.63
CA VAL D 42 35.30 -21.27 29.90
C VAL D 42 35.24 -19.92 30.59
N LEU D 43 34.08 -19.62 31.20
CA LEU D 43 33.86 -18.28 31.74
C LEU D 43 34.91 -17.91 32.78
N SER D 44 35.50 -18.90 33.46
CA SER D 44 36.47 -18.61 34.50
C SER D 44 37.79 -18.06 33.93
N VAL D 45 38.02 -18.18 32.61
CA VAL D 45 39.28 -17.71 32.06
C VAL D 45 39.32 -16.19 32.08
N VAL D 46 40.54 -15.66 32.08
CA VAL D 46 40.77 -14.22 32.06
C VAL D 46 41.07 -13.80 30.64
N THR D 47 40.52 -12.66 30.23
CA THR D 47 40.68 -12.14 28.88
C THR D 47 41.13 -10.68 28.93
N GLY D 48 41.44 -10.14 27.76
CA GLY D 48 41.83 -8.75 27.65
C GLY D 48 40.63 -7.82 27.68
N GLU D 49 40.91 -6.56 27.35
CA GLU D 49 39.85 -5.56 27.38
C GLU D 49 38.95 -5.67 26.15
N ASP D 50 39.51 -6.10 25.02
CA ASP D 50 38.79 -6.09 23.75
C ASP D 50 38.22 -7.45 23.38
N SER D 51 38.16 -8.38 24.34
CA SER D 51 37.66 -9.70 24.04
C SER D 51 36.15 -9.67 23.83
N ILE D 52 35.67 -10.63 23.06
CA ILE D 52 34.25 -10.80 22.78
C ILE D 52 33.87 -12.24 23.09
N THR D 53 32.79 -12.42 23.81
CA THR D 53 32.38 -13.75 24.27
C THR D 53 30.97 -14.05 23.76
N GLN D 54 30.78 -15.26 23.26
CA GLN D 54 29.48 -15.76 22.83
C GLN D 54 29.04 -16.92 23.70
N ILE D 55 27.74 -16.96 24.00
CA ILE D 55 27.18 -17.99 24.86
C ILE D 55 26.00 -18.63 24.14
N GLU D 56 26.02 -19.95 24.05
CA GLU D 56 24.92 -20.67 23.39
C GLU D 56 24.25 -21.47 24.47
N LEU D 57 22.95 -21.34 24.61
CA LEU D 57 22.20 -22.02 25.65
C LEU D 57 20.79 -22.32 25.16
N TYR D 58 20.00 -22.95 26.02
CA TYR D 58 18.62 -23.28 25.67
C TYR D 58 17.75 -23.21 26.90
N LEU D 59 16.45 -23.09 26.67
CA LEU D 59 15.46 -23.00 27.75
C LEU D 59 14.28 -23.87 27.39
N ASN D 60 14.07 -24.95 28.14
CA ASN D 60 12.91 -25.80 27.92
C ASN D 60 11.64 -25.03 28.32
N PRO D 61 10.51 -25.34 27.72
CA PRO D 61 9.27 -24.66 28.08
C PRO D 61 8.72 -25.15 29.41
N ARG D 62 7.78 -24.39 29.96
CA ARG D 62 7.19 -24.68 31.26
C ARG D 62 5.70 -24.44 31.13
N MET D 63 4.94 -25.50 30.93
CA MET D 63 3.51 -25.42 30.65
C MET D 63 2.70 -26.03 31.79
N GLY D 64 3.12 -25.79 33.04
CA GLY D 64 2.48 -26.40 34.20
C GLY D 64 3.09 -27.74 34.57
N VAL D 65 3.43 -28.55 33.56
CA VAL D 65 4.23 -29.74 33.77
C VAL D 65 5.68 -29.31 33.57
N ASN D 66 6.44 -29.23 34.65
CA ASN D 66 7.69 -28.49 34.64
C ASN D 66 8.91 -29.35 34.89
N SER D 67 8.78 -30.68 34.79
CA SER D 67 9.94 -31.52 35.01
C SER D 67 9.68 -32.91 34.43
N PRO D 68 10.67 -33.53 33.78
CA PRO D 68 10.54 -34.93 33.40
C PRO D 68 11.03 -35.91 34.46
N ASP D 69 11.72 -35.42 35.49
CA ASP D 69 12.37 -36.31 36.43
C ASP D 69 11.39 -37.06 37.32
N LEU D 70 10.21 -36.48 37.59
CA LEU D 70 9.23 -37.19 38.42
C LEU D 70 8.44 -38.20 37.59
N PRO D 71 8.62 -39.50 37.83
CA PRO D 71 7.97 -40.51 36.96
C PRO D 71 6.47 -40.59 37.18
N THR D 72 5.93 -39.91 38.19
CA THR D 72 4.51 -39.99 38.44
C THR D 72 3.71 -39.49 37.24
N THR D 73 4.03 -38.30 36.76
CA THR D 73 3.22 -37.68 35.72
C THR D 73 4.02 -36.97 34.63
N SER D 74 5.30 -37.26 34.51
CA SER D 74 6.13 -36.56 33.53
C SER D 74 5.78 -36.90 32.09
N ASN D 75 4.81 -37.78 31.85
CA ASN D 75 4.48 -38.15 30.48
C ASN D 75 4.03 -36.96 29.68
N TRP D 76 3.28 -36.06 30.30
CA TRP D 76 2.79 -34.86 29.61
C TRP D 76 3.73 -33.68 29.80
N TYR D 77 5.01 -33.89 29.55
CA TYR D 77 5.97 -32.81 29.67
C TYR D 77 5.84 -31.89 28.47
N THR D 78 5.89 -30.58 28.73
CA THR D 78 5.61 -29.53 27.74
C THR D 78 4.14 -29.55 27.31
N TYR D 79 3.24 -29.80 28.26
CA TYR D 79 1.80 -29.84 27.97
C TYR D 79 1.04 -29.39 29.18
N THR D 80 -0.27 -29.31 29.03
CA THR D 80 -1.17 -28.92 30.12
C THR D 80 -2.19 -30.02 30.35
N TYR D 81 -2.85 -29.97 31.51
CA TYR D 81 -3.80 -31.00 31.86
C TYR D 81 -5.19 -30.60 31.30
N ASP D 82 -5.35 -30.81 30.01
CA ASP D 82 -6.66 -30.87 29.35
C ASP D 82 -7.53 -29.69 29.78
N LEU D 83 -6.98 -28.49 29.65
CA LEU D 83 -7.66 -27.31 30.17
C LEU D 83 -9.01 -27.12 29.47
N GLN D 84 -10.00 -26.68 30.25
CA GLN D 84 -11.36 -26.43 29.75
C GLN D 84 -12.14 -25.61 30.77
N PRO D 85 -13.13 -24.85 30.34
CA PRO D 85 -13.88 -24.01 31.29
C PRO D 85 -14.72 -24.86 32.23
N LYS D 86 -14.88 -24.35 33.46
CA LYS D 86 -15.66 -25.07 34.45
C LYS D 86 -17.13 -25.11 34.07
N GLY D 87 -17.74 -23.94 33.88
CA GLY D 87 -19.16 -23.83 33.65
C GLY D 87 -19.95 -23.26 34.81
N SER D 88 -19.29 -22.89 35.90
CA SER D 88 -19.98 -22.32 37.05
C SER D 88 -19.02 -21.42 37.80
N SER D 89 -19.50 -20.25 38.18
CA SER D 89 -18.68 -19.32 38.95
C SER D 89 -18.44 -19.87 40.35
N PRO D 90 -17.25 -19.65 40.94
CA PRO D 90 -16.09 -19.01 40.29
C PRO D 90 -15.21 -20.03 39.61
N ASP D 91 -14.08 -19.59 39.09
CA ASP D 91 -13.15 -20.50 38.43
C ASP D 91 -11.99 -20.80 39.38
N GLN D 92 -11.61 -22.09 39.44
CA GLN D 92 -10.50 -22.55 40.27
C GLN D 92 -9.54 -23.33 39.39
N PRO D 93 -8.79 -22.64 38.53
CA PRO D 93 -7.85 -23.33 37.66
C PRO D 93 -6.68 -23.88 38.44
N ILE D 94 -6.16 -25.01 37.97
CA ILE D 94 -5.07 -25.70 38.64
C ILE D 94 -3.75 -25.31 38.00
N LYS D 95 -2.65 -25.55 38.75
CA LYS D 95 -1.33 -25.12 38.28
C LYS D 95 -1.02 -25.67 36.89
N GLU D 96 -1.33 -26.92 36.66
CA GLU D 96 -0.99 -27.56 35.39
C GLU D 96 -1.79 -27.03 34.20
N ASN D 97 -2.71 -26.09 34.41
CA ASN D 97 -3.36 -25.38 33.33
C ASN D 97 -2.87 -23.95 33.21
N LEU D 98 -1.79 -23.60 33.90
CA LEU D 98 -1.25 -22.24 33.92
C LEU D 98 0.14 -22.25 33.30
N PRO D 99 0.24 -22.11 31.98
CA PRO D 99 1.55 -21.99 31.37
C PRO D 99 2.26 -20.74 31.87
N ALA D 100 3.57 -20.86 32.07
CA ALA D 100 4.33 -19.78 32.68
C ALA D 100 5.60 -19.51 31.87
N TYR D 101 6.16 -18.34 32.09
CA TYR D 101 7.40 -17.97 31.43
C TYR D 101 8.54 -18.87 31.88
N SER D 102 9.55 -18.95 31.04
CA SER D 102 10.81 -19.60 31.39
C SER D 102 11.86 -18.55 31.66
N VAL D 103 12.84 -18.89 32.49
CA VAL D 103 13.86 -17.92 32.87
C VAL D 103 15.10 -18.67 33.33
N ALA D 104 16.25 -18.03 33.20
CA ALA D 104 17.49 -18.57 33.73
C ALA D 104 18.48 -17.43 33.87
N ARG D 105 19.51 -17.66 34.68
CA ARG D 105 20.56 -16.67 34.92
C ARG D 105 21.89 -17.29 34.57
N VAL D 106 22.71 -16.54 33.85
CA VAL D 106 24.06 -16.96 33.54
C VAL D 106 25.00 -16.17 34.45
N SER D 107 25.86 -16.87 35.17
CA SER D 107 26.76 -16.23 36.13
C SER D 107 28.05 -15.86 35.40
N LEU D 108 28.22 -14.61 35.10
CA LEU D 108 29.38 -14.14 34.35
C LEU D 108 30.52 -13.81 35.32
N PRO D 109 31.76 -13.81 34.84
CA PRO D 109 32.91 -13.62 35.73
C PRO D 109 33.16 -12.15 36.06
N MET D 110 34.03 -11.96 37.04
CA MET D 110 34.36 -10.61 37.53
C MET D 110 35.36 -9.96 36.61
N LEU D 111 35.45 -8.64 36.64
CA LEU D 111 36.34 -7.95 35.68
C LEU D 111 37.29 -7.00 36.37
N ASN D 112 37.99 -6.23 35.56
CA ASN D 112 38.98 -5.23 36.01
C ASN D 112 38.31 -3.91 36.25
N GLU D 113 39.09 -2.92 36.67
CA GLU D 113 38.62 -1.54 36.92
C GLU D 113 39.83 -0.62 37.07
N ASP D 114 39.59 0.68 37.13
CA ASP D 114 40.69 1.64 37.37
C ASP D 114 40.16 2.56 38.47
N ILE D 115 40.61 2.31 39.71
CA ILE D 115 40.13 3.08 40.84
C ILE D 115 40.57 4.53 40.75
N THR D 116 41.72 4.79 40.13
CA THR D 116 42.23 6.16 40.04
C THR D 116 41.24 7.05 39.31
N CYS D 117 40.76 6.61 38.16
CA CYS D 117 39.84 7.40 37.34
C CYS D 117 38.39 7.20 37.73
N ASP D 118 38.12 6.45 38.80
CA ASP D 118 36.77 6.20 39.29
C ASP D 118 35.89 5.61 38.19
N THR D 119 36.46 4.74 37.38
CA THR D 119 35.73 4.04 36.34
C THR D 119 35.86 2.54 36.56
N LEU D 120 35.13 1.82 35.60
CA LEU D 120 35.25 0.36 35.67
C LEU D 120 34.57 -0.17 34.44
N GLN D 121 34.55 -1.49 34.30
CA GLN D 121 33.97 -2.16 33.15
C GLN D 121 33.02 -3.26 33.58
N MET D 122 31.88 -3.33 32.92
CA MET D 122 30.93 -4.42 33.10
C MET D 122 30.47 -4.90 31.74
N TRP D 123 29.91 -6.11 31.72
CA TRP D 123 29.51 -6.71 30.47
C TRP D 123 28.35 -5.98 29.83
N GLU D 124 28.19 -6.17 28.52
CA GLU D 124 27.02 -5.68 27.80
C GLU D 124 26.68 -6.68 26.70
N ALA D 125 25.40 -6.85 26.43
CA ALA D 125 24.97 -7.64 25.29
C ALA D 125 24.83 -6.73 24.09
N ILE D 126 25.27 -7.21 22.94
CA ILE D 126 25.25 -6.37 21.76
C ILE D 126 24.38 -6.99 20.69
N SER D 127 24.27 -8.32 20.70
CA SER D 127 23.50 -9.01 19.66
C SER D 127 23.20 -10.41 20.14
N VAL D 128 22.02 -10.90 19.80
CA VAL D 128 21.60 -12.24 20.15
C VAL D 128 21.03 -12.94 18.94
N LYS D 129 21.52 -14.13 18.65
CA LYS D 129 20.99 -14.98 17.61
C LYS D 129 20.09 -16.00 18.27
N THR D 130 18.89 -16.17 17.74
CA THR D 130 17.91 -17.05 18.37
C THR D 130 16.99 -17.67 17.35
N GLU D 131 16.40 -18.80 17.74
CA GLU D 131 15.39 -19.50 16.94
C GLU D 131 14.76 -20.55 17.83
N VAL D 132 13.55 -20.98 17.46
CA VAL D 132 12.87 -22.03 18.19
C VAL D 132 13.49 -23.37 17.81
N VAL D 133 13.37 -24.35 18.70
CA VAL D 133 13.90 -25.69 18.48
C VAL D 133 12.75 -26.65 18.43
N GLY D 134 12.79 -27.56 17.45
CA GLY D 134 11.78 -28.59 17.35
C GLY D 134 10.57 -28.23 16.54
N ILE D 135 10.69 -27.27 15.63
CA ILE D 135 9.55 -26.92 14.78
C ILE D 135 9.13 -28.12 13.96
N SER D 136 10.10 -28.90 13.47
CA SER D 136 9.80 -30.00 12.58
C SER D 136 8.93 -31.06 13.24
N SER D 137 8.95 -31.15 14.56
CA SER D 137 8.19 -32.18 15.24
C SER D 137 6.70 -31.96 15.18
N LEU D 138 6.24 -30.85 14.61
CA LEU D 138 4.81 -30.55 14.60
C LEU D 138 4.05 -31.29 13.52
N ILE D 139 4.74 -31.89 12.55
CA ILE D 139 4.03 -32.60 11.48
C ILE D 139 3.52 -33.95 11.95
N ASN D 140 3.72 -34.31 13.21
CA ASN D 140 3.27 -35.59 13.73
C ASN D 140 1.75 -35.59 13.87
N VAL D 141 1.06 -35.96 12.80
CA VAL D 141 -0.38 -36.00 12.80
C VAL D 141 -0.91 -37.40 13.09
N HIS D 142 -0.07 -38.26 13.67
CA HIS D 142 -0.45 -39.64 13.96
C HIS D 142 -0.22 -39.96 15.44
N TYR D 143 -0.45 -38.99 16.31
CA TYR D 143 -0.51 -39.28 17.74
C TYR D 143 -1.68 -40.20 18.03
N TRP D 144 -1.41 -41.29 18.74
CA TRP D 144 -2.41 -42.35 18.84
C TRP D 144 -3.75 -41.88 19.42
N ASP D 145 -3.75 -40.81 20.21
CA ASP D 145 -5.00 -40.29 20.75
C ASP D 145 -5.36 -38.94 20.15
N MET D 146 -4.71 -38.57 19.05
CA MET D 146 -5.03 -37.32 18.39
C MET D 146 -6.40 -37.41 17.72
N LYS D 147 -7.15 -36.31 17.76
CA LYS D 147 -8.50 -36.30 17.22
C LYS D 147 -8.46 -36.26 15.70
N ARG D 148 -9.22 -37.14 15.07
CA ARG D 148 -9.34 -37.12 13.62
C ARG D 148 -10.07 -35.85 13.18
N VAL D 149 -9.70 -35.35 12.01
CA VAL D 149 -10.43 -34.23 11.45
C VAL D 149 -11.78 -34.68 10.92
N HIS D 150 -11.87 -35.91 10.46
CA HIS D 150 -13.11 -36.54 10.05
C HIS D 150 -12.89 -38.04 9.91
N ASP D 151 -13.99 -38.77 9.77
CA ASP D 151 -13.92 -40.23 9.71
C ASP D 151 -12.87 -40.73 8.76
N TYR D 152 -12.10 -41.71 9.21
CA TYR D 152 -11.05 -42.36 8.43
C TYR D 152 -10.00 -41.38 7.93
N GLY D 153 -9.99 -40.17 8.50
CA GLY D 153 -9.04 -39.16 8.11
C GLY D 153 -7.75 -39.26 8.91
N ALA D 154 -7.07 -38.12 9.01
CA ALA D 154 -5.83 -38.01 9.76
C ALA D 154 -6.03 -37.06 10.93
N GLY D 155 -5.06 -37.10 11.84
CA GLY D 155 -5.17 -36.27 13.02
C GLY D 155 -5.09 -34.79 12.70
N ILE D 156 -5.72 -33.98 13.57
CA ILE D 156 -5.65 -32.53 13.41
C ILE D 156 -4.30 -32.07 13.93
N PRO D 157 -3.51 -31.38 13.10
CA PRO D 157 -2.17 -30.99 13.55
C PRO D 157 -2.24 -29.98 14.67
N VAL D 158 -1.09 -29.80 15.32
CA VAL D 158 -0.99 -28.80 16.39
C VAL D 158 -1.28 -27.43 15.80
N SER D 159 -2.33 -26.79 16.27
CA SER D 159 -2.70 -25.49 15.74
C SER D 159 -3.51 -24.75 16.80
N GLY D 160 -3.71 -23.45 16.58
CA GLY D 160 -4.49 -22.64 17.47
C GLY D 160 -3.70 -21.50 18.11
N VAL D 161 -3.85 -21.35 19.42
CA VAL D 161 -3.24 -20.24 20.13
C VAL D 161 -1.73 -20.30 20.04
N ASN D 162 -1.11 -19.13 19.85
CA ASN D 162 0.34 -19.01 19.92
C ASN D 162 0.70 -17.78 20.73
N TYR D 163 1.78 -17.90 21.50
CA TYR D 163 2.31 -16.77 22.26
C TYR D 163 3.82 -16.94 22.30
N HIS D 164 4.52 -16.10 21.57
CA HIS D 164 5.97 -16.14 21.50
C HIS D 164 6.56 -14.86 22.09
N MET D 165 7.55 -15.00 22.97
CA MET D 165 8.32 -13.85 23.39
C MET D 165 9.64 -14.32 23.96
N PHE D 166 10.64 -13.44 23.90
CA PHE D 166 11.92 -13.70 24.52
C PHE D 166 12.50 -12.36 24.94
N ALA D 167 13.41 -12.40 25.91
CA ALA D 167 13.96 -11.18 26.45
C ALA D 167 15.39 -11.40 26.92
N ILE D 168 16.23 -10.39 26.74
CA ILE D 168 17.60 -10.42 27.20
C ILE D 168 17.85 -9.11 27.93
N GLY D 169 18.41 -9.19 29.12
CA GLY D 169 18.66 -7.99 29.90
C GLY D 169 19.63 -8.26 31.02
N GLY D 170 20.17 -7.16 31.57
CA GLY D 170 21.10 -7.26 32.67
C GLY D 170 20.47 -7.41 34.03
N GLU D 171 19.19 -7.10 34.15
CA GLU D 171 18.41 -7.31 35.34
C GLU D 171 17.16 -8.12 35.01
N PRO D 172 16.58 -8.80 35.98
CA PRO D 172 15.39 -9.62 35.67
C PRO D 172 14.27 -8.79 35.10
N LEU D 173 13.47 -9.43 34.24
CA LEU D 173 12.44 -8.72 33.52
C LEU D 173 11.37 -8.22 34.48
N ASP D 174 10.89 -7.00 34.23
CA ASP D 174 9.86 -6.38 35.07
C ASP D 174 8.50 -6.65 34.45
N LEU D 175 7.59 -7.17 35.23
CA LEU D 175 6.29 -7.62 34.73
C LEU D 175 5.17 -6.65 35.07
N GLN D 176 4.06 -6.84 34.38
CA GLN D 176 2.80 -6.12 34.59
C GLN D 176 1.67 -7.11 34.71
N GLY D 177 0.77 -6.87 35.66
CA GLY D 177 -0.32 -7.78 35.91
C GLY D 177 -1.61 -7.30 35.27
N LEU D 178 -2.25 -8.20 34.52
CA LEU D 178 -3.55 -7.93 33.93
C LEU D 178 -4.23 -9.26 33.66
N VAL D 179 -5.45 -9.42 34.14
CA VAL D 179 -6.15 -10.69 34.07
C VAL D 179 -7.44 -10.49 33.30
N LEU D 180 -7.85 -11.53 32.59
CA LEU D 180 -9.09 -11.45 31.84
C LEU D 180 -10.31 -11.42 32.75
N ASP D 181 -10.20 -11.97 33.96
CA ASP D 181 -11.32 -11.97 34.91
C ASP D 181 -10.77 -11.98 36.33
N TYR D 182 -11.09 -10.96 37.13
CA TYR D 182 -10.62 -10.95 38.51
C TYR D 182 -11.39 -11.95 39.35
N GLN D 183 -12.63 -12.28 38.95
CA GLN D 183 -13.39 -13.33 39.62
C GLN D 183 -12.59 -14.63 39.68
N THR D 184 -11.82 -14.92 38.63
CA THR D 184 -10.95 -16.08 38.59
C THR D 184 -10.00 -16.09 39.77
N GLN D 185 -10.17 -17.02 40.67
CA GLN D 185 -9.30 -17.13 41.84
C GLN D 185 -8.29 -18.24 41.59
N TYR D 186 -7.04 -17.90 41.68
CA TYR D 186 -5.92 -18.77 41.35
C TYR D 186 -5.46 -19.54 42.56
N PRO D 187 -4.69 -20.61 42.37
CA PRO D 187 -4.28 -21.42 43.51
C PRO D 187 -3.48 -20.62 44.53
N LYS D 188 -3.67 -20.97 45.80
CA LYS D 188 -2.94 -20.33 46.87
C LYS D 188 -1.44 -20.54 46.65
N THR D 189 -0.67 -19.50 46.95
CA THR D 189 0.77 -19.52 46.69
C THR D 189 1.45 -20.39 47.75
N THR D 190 1.29 -21.69 47.59
CA THR D 190 2.09 -22.62 48.37
C THR D 190 3.52 -22.58 47.85
N ASN D 191 4.47 -22.80 48.77
CA ASN D 191 5.88 -22.84 48.38
C ASN D 191 6.11 -23.79 47.21
N GLY D 192 6.53 -23.22 46.07
CA GLY D 192 6.55 -23.96 44.83
C GLY D 192 5.28 -23.84 43.99
N GLY D 193 4.42 -22.85 44.29
CA GLY D 193 3.21 -22.65 43.53
C GLY D 193 3.33 -21.47 42.59
N PRO D 194 2.23 -21.15 41.90
CA PRO D 194 2.27 -20.03 40.95
C PRO D 194 2.13 -18.69 41.65
N ILE D 195 2.89 -17.72 41.16
CA ILE D 195 2.87 -16.35 41.67
C ILE D 195 1.84 -15.55 40.87
N THR D 196 0.77 -15.15 41.53
CA THR D 196 -0.31 -14.42 40.91
C THR D 196 -0.43 -13.02 41.50
N ILE D 197 -1.47 -12.29 41.08
CA ILE D 197 -1.66 -10.92 41.54
C ILE D 197 -1.79 -10.87 43.05
N GLU D 198 -2.80 -11.57 43.57
CA GLU D 198 -3.08 -11.49 45.00
C GLU D 198 -1.90 -11.98 45.83
N THR D 199 -0.98 -12.74 45.22
CA THR D 199 0.24 -13.09 45.93
C THR D 199 1.09 -11.86 46.16
N VAL D 200 1.11 -10.93 45.21
CA VAL D 200 1.93 -9.73 45.36
C VAL D 200 1.26 -8.72 46.28
N LEU D 201 -0.01 -8.40 45.99
CA LEU D 201 -0.68 -7.36 46.75
C LEU D 201 -1.03 -7.81 48.18
N GLY D 202 -1.16 -9.12 48.39
CA GLY D 202 -1.59 -9.60 49.68
C GLY D 202 -3.06 -9.40 49.95
N ARG D 203 -3.84 -9.06 48.92
CA ARG D 203 -5.27 -8.82 49.05
C ARG D 203 -5.95 -9.24 47.78
N LYS D 204 -7.23 -9.62 47.91
CA LYS D 204 -7.97 -10.13 46.77
C LYS D 204 -8.04 -9.09 45.66
N MET D 205 -8.05 -9.58 44.42
CA MET D 205 -8.06 -8.68 43.28
C MET D 205 -9.35 -7.87 43.22
N THR D 206 -9.29 -6.80 42.45
CA THR D 206 -10.40 -5.89 42.20
C THR D 206 -10.66 -5.80 40.71
N PRO D 207 -11.82 -5.30 40.30
CA PRO D 207 -12.07 -5.12 38.87
C PRO D 207 -11.04 -4.25 38.17
N LYS D 208 -10.24 -3.50 38.90
CA LYS D 208 -9.26 -2.67 38.15
C LYS D 208 -8.28 -3.60 37.49
N ASN D 209 -7.97 -4.71 38.13
CA ASN D 209 -6.95 -5.57 37.58
C ASN D 209 -7.32 -6.13 36.21
N GLN D 210 -8.60 -6.15 35.85
CA GLN D 210 -8.96 -6.48 34.47
C GLN D 210 -8.46 -5.42 33.51
N GLY D 211 -8.25 -4.21 33.99
CA GLY D 211 -7.51 -3.17 33.27
C GLY D 211 -6.08 -3.10 33.74
N LEU D 212 -5.51 -1.90 33.70
CA LEU D 212 -4.13 -1.72 34.13
C LEU D 212 -4.15 -1.17 35.56
N ASP D 213 -3.30 -1.75 36.41
CA ASP D 213 -3.17 -1.30 37.80
C ASP D 213 -1.70 -1.07 38.09
N PRO D 214 -1.27 0.17 38.30
CA PRO D 214 0.16 0.41 38.54
C PRO D 214 0.67 -0.30 39.77
N GLN D 215 -0.20 -0.55 40.75
CA GLN D 215 0.24 -1.19 41.97
C GLN D 215 0.52 -2.67 41.77
N ALA D 216 -0.03 -3.28 40.73
CA ALA D 216 0.15 -4.72 40.49
C ALA D 216 1.32 -4.96 39.54
N LYS D 217 2.52 -4.77 40.05
CA LYS D 217 3.75 -5.01 39.33
C LYS D 217 4.58 -6.03 40.08
N ALA D 218 5.46 -6.70 39.35
CA ALA D 218 6.30 -7.70 39.96
C ALA D 218 7.50 -7.97 39.06
N LYS D 219 8.57 -8.46 39.68
CA LYS D 219 9.76 -8.89 38.97
C LYS D 219 9.72 -10.39 38.75
N LEU D 220 10.30 -10.83 37.63
CA LEU D 220 10.22 -12.24 37.23
C LEU D 220 11.23 -13.00 38.08
N ASP D 221 10.76 -13.49 39.26
CA ASP D 221 11.66 -14.10 40.24
C ASP D 221 12.05 -15.50 39.80
N LYS D 222 11.07 -16.39 39.66
CA LYS D 222 11.30 -17.81 39.56
C LYS D 222 10.86 -18.35 38.21
N ASP D 223 11.26 -19.58 37.94
CA ASP D 223 11.00 -20.23 36.66
C ASP D 223 9.70 -21.02 36.76
N GLY D 224 8.86 -20.90 35.75
CA GLY D 224 7.65 -21.70 35.69
C GLY D 224 6.63 -21.41 36.76
N ASN D 225 6.75 -20.29 37.46
CA ASN D 225 5.79 -19.92 38.48
C ASN D 225 5.04 -18.64 38.17
N TYR D 226 5.38 -17.95 37.08
CA TYR D 226 4.68 -16.74 36.68
C TYR D 226 3.76 -17.01 35.50
N PRO D 227 2.47 -17.23 35.73
CA PRO D 227 1.57 -17.61 34.64
C PRO D 227 1.53 -16.56 33.54
N ILE D 228 1.39 -17.03 32.31
CA ILE D 228 1.38 -16.11 31.19
C ILE D 228 0.05 -15.41 31.09
N GLU D 229 -1.05 -16.11 31.36
CA GLU D 229 -2.37 -15.50 31.23
C GLU D 229 -2.61 -14.39 32.23
N VAL D 230 -1.64 -14.09 33.09
CA VAL D 230 -1.75 -13.03 34.07
C VAL D 230 -0.72 -11.95 33.85
N TRP D 231 0.54 -12.34 33.72
CA TRP D 231 1.64 -11.39 33.70
C TRP D 231 2.04 -11.03 32.26
N CYS D 232 2.34 -9.76 32.02
CA CYS D 232 2.85 -9.25 30.76
C CYS D 232 4.01 -8.32 31.04
N PRO D 233 4.97 -8.24 30.13
CA PRO D 233 6.16 -7.41 30.38
C PRO D 233 5.79 -5.95 30.54
N ASP D 234 6.16 -5.38 31.68
CA ASP D 234 5.92 -3.96 31.95
C ASP D 234 6.81 -3.10 31.07
N PRO D 235 6.27 -2.30 30.16
CA PRO D 235 7.12 -1.51 29.26
C PRO D 235 7.80 -0.34 29.95
N SER D 236 7.23 0.14 31.03
CA SER D 236 7.90 1.30 31.65
C SER D 236 9.15 0.84 32.35
N LYS D 237 9.01 -0.05 33.29
CA LYS D 237 10.15 -0.36 34.16
C LYS D 237 11.31 -1.02 33.39
N ASN D 238 11.00 -1.68 32.27
CA ASN D 238 12.03 -2.49 31.59
C ASN D 238 12.98 -1.66 30.76
N GLU D 239 13.76 -0.81 31.39
CA GLU D 239 14.65 0.03 30.57
C GLU D 239 15.94 -0.70 30.29
N ASN D 240 16.22 -1.75 31.01
CA ASN D 240 17.54 -2.38 30.88
C ASN D 240 17.45 -3.72 30.20
N SER D 241 16.36 -3.97 29.51
CA SER D 241 16.28 -5.25 28.76
C SER D 241 15.43 -5.03 27.54
N ARG D 242 15.62 -5.89 26.55
CA ARG D 242 14.97 -5.86 25.25
C ARG D 242 14.12 -7.10 25.12
N TYR D 243 12.82 -6.92 24.89
CA TYR D 243 11.88 -8.01 24.78
C TYR D 243 11.09 -7.88 23.49
N TYR D 244 10.90 -8.99 22.82
CA TYR D 244 10.15 -9.07 21.58
C TYR D 244 9.05 -10.08 21.74
N GLY D 245 7.92 -9.87 21.08
CA GLY D 245 6.81 -10.79 21.28
C GLY D 245 5.74 -10.66 20.22
N SER D 246 4.88 -11.68 20.18
CA SER D 246 3.78 -11.72 19.23
C SER D 246 2.71 -12.66 19.77
N ILE D 247 1.61 -12.79 19.04
CA ILE D 247 0.48 -13.62 19.47
C ILE D 247 -0.46 -13.86 18.31
N GLN D 248 -1.12 -15.01 18.30
CA GLN D 248 -2.31 -15.20 17.51
C GLN D 248 -3.26 -16.10 18.26
N THR D 249 -4.52 -15.73 18.31
CA THR D 249 -5.53 -16.43 19.09
C THR D 249 -6.61 -16.93 18.15
N GLY D 250 -6.61 -18.23 17.92
CA GLY D 250 -7.66 -18.84 17.12
C GLY D 250 -7.94 -20.22 17.63
N SER D 251 -9.18 -20.66 17.43
CA SER D 251 -9.54 -22.03 17.84
C SER D 251 -8.71 -23.06 17.09
N GLN D 252 -8.59 -22.91 15.78
CA GLN D 252 -7.86 -23.89 14.98
C GLN D 252 -6.99 -23.20 13.95
N THR D 253 -6.71 -21.91 14.12
CA THR D 253 -5.89 -21.17 13.18
C THR D 253 -4.49 -21.79 13.06
N PRO D 254 -3.90 -21.78 11.87
CA PRO D 254 -2.63 -22.46 11.67
C PRO D 254 -1.51 -21.79 12.41
N THR D 255 -0.42 -22.53 12.58
CA THR D 255 0.79 -22.05 13.25
C THR D 255 1.89 -21.93 12.21
N VAL D 256 2.22 -20.71 11.82
CA VAL D 256 3.31 -20.46 10.90
C VAL D 256 4.53 -20.06 11.71
N LEU D 257 5.66 -20.69 11.42
CA LEU D 257 6.90 -20.43 12.13
C LEU D 257 8.06 -20.49 11.15
N GLN D 258 8.96 -19.55 11.24
CA GLN D 258 10.17 -19.53 10.45
C GLN D 258 11.38 -19.81 11.34
N PHE D 259 12.47 -20.25 10.72
CA PHE D 259 13.68 -20.51 11.50
C PHE D 259 14.87 -20.54 10.54
N SER D 260 15.97 -19.93 10.97
CA SER D 260 17.22 -19.94 10.25
C SER D 260 18.33 -19.50 11.19
N ASN D 261 19.57 -19.67 10.73
CA ASN D 261 20.73 -19.27 11.50
C ASN D 261 21.40 -18.02 10.96
N THR D 262 20.89 -17.46 9.87
CA THR D 262 21.44 -16.22 9.34
C THR D 262 20.84 -14.98 9.99
N LEU D 263 19.74 -15.13 10.74
CA LEU D 263 19.11 -13.98 11.37
C LEU D 263 19.83 -13.61 12.64
N THR D 264 19.93 -12.29 12.89
CA THR D 264 20.59 -11.79 14.09
C THR D 264 19.95 -10.48 14.45
N THR D 265 19.69 -10.29 15.73
CA THR D 265 18.99 -9.09 16.20
C THR D 265 19.95 -8.25 17.05
N VAL D 266 20.10 -6.99 16.69
CA VAL D 266 20.94 -6.08 17.44
C VAL D 266 20.20 -5.60 18.68
N LEU D 267 20.90 -5.56 19.80
CA LEU D 267 20.30 -5.16 21.07
C LEU D 267 20.63 -3.72 21.45
N LEU D 268 21.47 -3.04 20.68
CA LEU D 268 21.84 -1.68 21.00
C LEU D 268 20.62 -0.76 21.00
N ASP D 269 20.66 0.24 21.86
CA ASP D 269 19.56 1.19 21.99
C ASP D 269 19.81 2.40 21.08
N GLU D 270 19.03 3.45 21.28
CA GLU D 270 19.21 4.70 20.54
C GLU D 270 20.63 5.21 20.69
N ASN D 271 21.14 5.23 21.90
CA ASN D 271 22.46 5.77 22.17
C ASN D 271 23.59 4.79 21.89
N GLY D 272 23.30 3.67 21.26
CA GLY D 272 24.36 2.73 20.92
C GLY D 272 24.95 1.97 22.08
N VAL D 273 24.16 1.69 23.10
CA VAL D 273 24.58 0.89 24.25
C VAL D 273 23.56 -0.22 24.48
N GLY D 274 24.07 -1.42 24.75
CA GLY D 274 23.19 -2.53 25.00
C GLY D 274 22.78 -2.61 26.44
N PRO D 275 22.20 -3.73 26.85
CA PRO D 275 21.87 -3.91 28.28
C PRO D 275 23.11 -4.26 29.06
N LEU D 276 23.24 -3.68 30.26
CA LEU D 276 24.41 -3.87 31.07
C LEU D 276 24.11 -4.92 32.14
N CYS D 277 24.99 -5.93 32.23
CA CYS D 277 24.77 -7.06 33.12
C CYS D 277 25.06 -6.64 34.55
N LYS D 278 24.02 -6.14 35.23
CA LYS D 278 24.17 -5.80 36.63
C LYS D 278 24.31 -7.08 37.46
N GLY D 279 25.27 -7.07 38.38
CA GLY D 279 25.50 -8.25 39.18
C GLY D 279 26.33 -9.31 38.50
N ASP D 280 27.07 -8.94 37.45
CA ASP D 280 27.91 -9.88 36.71
C ASP D 280 27.12 -11.10 36.27
N GLY D 281 25.91 -10.86 35.77
CA GLY D 281 25.09 -11.93 35.26
C GLY D 281 23.97 -11.46 34.39
N LEU D 282 23.81 -12.05 33.20
CA LEU D 282 22.74 -11.67 32.29
C LEU D 282 21.49 -12.49 32.57
N PHE D 283 20.35 -11.84 32.44
CA PHE D 283 19.06 -12.46 32.70
C PHE D 283 18.32 -12.59 31.38
N ILE D 284 17.75 -13.77 31.15
CA ILE D 284 17.02 -14.03 29.92
C ILE D 284 15.71 -14.72 30.25
N SER D 285 14.71 -14.50 29.41
CA SER D 285 13.39 -15.05 29.64
C SER D 285 12.75 -15.32 28.30
N CYS D 286 11.95 -16.37 28.23
CA CYS D 286 11.29 -16.71 26.98
C CYS D 286 10.09 -17.59 27.28
N ALA D 287 9.19 -17.65 26.31
CA ALA D 287 8.00 -18.49 26.40
C ALA D 287 7.43 -18.63 25.01
N ASP D 288 7.17 -19.86 24.57
CA ASP D 288 6.64 -20.13 23.24
C ASP D 288 5.49 -21.12 23.31
N ILE D 289 4.27 -20.62 23.25
CA ILE D 289 3.09 -21.44 23.02
C ILE D 289 3.06 -21.82 21.55
N VAL D 290 2.81 -23.08 21.26
CA VAL D 290 2.89 -23.58 19.90
C VAL D 290 1.53 -23.96 19.33
N GLY D 291 0.56 -24.29 20.16
CA GLY D 291 -0.77 -24.60 19.67
C GLY D 291 -1.42 -25.62 20.58
N PHE D 292 -2.64 -26.00 20.19
CA PHE D 292 -3.37 -26.99 20.95
C PHE D 292 -2.98 -28.40 20.50
N LEU D 293 -3.42 -29.39 21.27
CA LEU D 293 -3.35 -30.80 20.91
C LEU D 293 -4.72 -31.37 21.07
N PHE D 294 -5.36 -31.72 19.94
CA PHE D 294 -6.75 -32.13 19.98
C PHE D 294 -6.78 -33.65 20.25
N LYS D 295 -7.44 -34.06 21.33
CA LYS D 295 -7.52 -35.46 21.69
C LYS D 295 -8.83 -36.04 21.16
N THR D 296 -8.85 -37.36 20.96
CA THR D 296 -10.05 -38.01 20.46
C THR D 296 -11.25 -37.76 21.36
N SER D 297 -11.03 -37.66 22.68
CA SER D 297 -12.12 -37.38 23.59
C SER D 297 -12.73 -36.00 23.36
N GLY D 298 -12.05 -35.15 22.59
CA GLY D 298 -12.45 -33.79 22.40
C GLY D 298 -11.69 -32.77 23.24
N LYS D 299 -11.04 -33.23 24.31
CA LYS D 299 -10.31 -32.33 25.18
C LYS D 299 -9.17 -31.66 24.43
N MET D 300 -8.66 -30.58 25.02
CA MET D 300 -7.67 -29.74 24.39
C MET D 300 -6.57 -29.40 25.39
N ALA D 301 -5.34 -29.30 24.90
CA ALA D 301 -4.21 -28.96 25.76
C ALA D 301 -3.15 -28.26 24.94
N LEU D 302 -2.43 -27.34 25.59
CA LEU D 302 -1.42 -26.52 24.93
C LEU D 302 -0.08 -27.24 24.90
N HIS D 303 0.84 -26.68 24.13
CA HIS D 303 2.15 -27.28 23.91
C HIS D 303 3.17 -26.21 23.64
N GLY D 304 4.40 -26.45 24.08
CA GLY D 304 5.47 -25.49 23.90
C GLY D 304 6.72 -26.14 23.33
N LEU D 305 7.70 -25.30 23.00
CA LEU D 305 8.97 -25.74 22.45
C LEU D 305 10.08 -24.89 23.03
N PRO D 306 11.27 -25.43 23.13
CA PRO D 306 12.38 -24.66 23.68
C PRO D 306 12.88 -23.58 22.74
N ARG D 307 13.83 -22.75 23.20
CA ARG D 307 14.44 -21.73 22.34
C ARG D 307 15.95 -21.78 22.47
N TYR D 308 16.64 -21.52 21.38
CA TYR D 308 18.11 -21.51 21.42
C TYR D 308 18.51 -20.05 21.44
N PHE D 309 19.42 -19.68 22.31
CA PHE D 309 19.95 -18.34 22.53
C PHE D 309 21.45 -18.30 22.28
N ASN D 310 21.90 -17.33 21.48
CA ASN D 310 23.32 -17.13 21.19
C ASN D 310 23.63 -15.66 21.43
N VAL D 311 23.97 -15.32 22.65
CA VAL D 311 24.21 -13.94 23.05
C VAL D 311 25.67 -13.59 22.80
N THR D 312 25.91 -12.47 22.15
CA THR D 312 27.26 -11.95 21.93
C THR D 312 27.52 -10.84 22.94
N LEU D 313 28.60 -10.98 23.68
CA LEU D 313 28.90 -10.07 24.78
C LEU D 313 30.25 -9.39 24.56
N ARG D 314 30.40 -8.21 25.15
CA ARG D 314 31.68 -7.49 25.14
C ARG D 314 31.84 -6.75 26.44
N LYS D 315 33.01 -6.14 26.60
CA LYS D 315 33.34 -5.40 27.80
C LYS D 315 33.26 -3.92 27.50
N ARG D 316 32.45 -3.19 28.28
CA ARG D 316 32.33 -1.75 28.09
C ARG D 316 32.77 -1.04 29.36
N TRP D 317 33.54 0.03 29.19
CA TRP D 317 33.89 0.89 30.31
C TRP D 317 32.70 1.76 30.69
N VAL D 318 32.47 1.92 31.99
CA VAL D 318 31.40 2.74 32.53
C VAL D 318 31.94 3.52 33.73
N LYS D 319 31.15 4.48 34.18
CA LYS D 319 31.56 5.36 35.27
C LYS D 319 30.78 4.99 36.53
N ASN D 320 31.45 5.05 37.67
CA ASN D 320 30.79 4.80 38.94
C ASN D 320 30.05 6.06 39.36
N PRO D 321 28.69 5.90 39.45
CA PRO D 321 27.87 7.02 39.88
C PRO D 321 27.71 7.13 41.38
N TYR D 322 28.15 6.13 42.13
CA TYR D 322 27.84 6.16 43.55
C TYR D 322 29.10 6.31 44.37
N PRO D 323 29.03 6.99 45.52
CA PRO D 323 30.22 7.16 46.36
C PRO D 323 30.60 5.87 47.04
N VAL D 324 31.90 5.74 47.33
CA VAL D 324 32.42 4.49 47.87
C VAL D 324 31.95 4.27 49.29
N VAL D 325 31.95 5.32 50.12
CA VAL D 325 31.65 5.14 51.53
C VAL D 325 30.21 4.66 51.71
N ASN D 326 29.26 5.26 50.99
CA ASN D 326 27.91 4.74 51.02
C ASN D 326 27.83 3.36 50.40
N LEU D 327 28.78 3.04 49.51
CA LEU D 327 28.77 1.75 48.84
C LEU D 327 29.27 0.65 49.76
N ILE D 328 30.32 0.92 50.54
CA ILE D 328 30.94 -0.13 51.35
C ILE D 328 30.05 -0.47 52.54
N ASN D 329 29.40 0.52 53.15
CA ASN D 329 28.54 0.23 54.29
C ASN D 329 27.37 -0.65 53.88
N SER D 330 26.88 -0.50 52.66
CA SER D 330 25.81 -1.37 52.18
C SER D 330 26.23 -2.83 52.25
N LEU D 331 27.47 -3.12 51.84
CA LEU D 331 27.99 -4.47 51.99
C LEU D 331 27.96 -4.92 53.43
N PHE D 332 28.44 -4.06 54.34
CA PHE D 332 28.40 -4.42 55.76
C PHE D 332 26.97 -4.61 56.22
N SER D 333 26.04 -3.83 55.69
CA SER D 333 24.64 -3.99 56.05
C SER D 333 24.14 -5.39 55.72
N ASN D 334 24.63 -5.92 54.62
CA ASN D 334 24.18 -7.26 54.20
C ASN D 334 24.99 -8.30 54.96
N LEU D 335 26.31 -8.13 55.03
CA LEU D 335 27.10 -9.17 55.71
C LEU D 335 26.74 -9.27 57.19
N MET D 336 26.59 -8.17 57.91
CA MET D 336 26.29 -8.38 59.35
C MET D 336 24.80 -8.23 59.61
N PRO D 337 24.24 -9.12 60.43
CA PRO D 337 22.79 -9.13 60.61
C PRO D 337 22.31 -7.93 61.41
N LYS D 338 21.04 -7.58 61.17
CA LYS D 338 20.41 -6.54 61.97
C LYS D 338 20.34 -6.99 63.42
N VAL D 339 20.38 -6.03 64.33
CA VAL D 339 20.45 -6.29 65.76
C VAL D 339 19.23 -5.68 66.43
N SER D 340 18.48 -6.52 67.15
CA SER D 340 17.37 -6.05 67.96
C SER D 340 17.85 -6.01 69.42
N GLY D 341 18.54 -4.92 69.76
CA GLY D 341 19.08 -4.73 71.08
C GLY D 341 18.31 -3.71 71.88
N GLN D 342 18.81 -3.45 73.08
CA GLN D 342 18.18 -2.46 73.93
C GLN D 342 18.24 -1.09 73.25
N PRO D 343 17.22 -0.26 73.42
CA PRO D 343 17.08 0.92 72.56
C PRO D 343 18.17 1.94 72.80
N MET D 344 18.56 2.61 71.70
CA MET D 344 19.47 3.74 71.76
C MET D 344 18.99 4.88 70.87
N GLU D 345 17.71 4.87 70.50
CA GLU D 345 17.10 5.93 69.72
C GLU D 345 16.36 6.90 70.64
N GLY D 346 15.91 8.00 70.04
CA GLY D 346 15.38 9.12 70.81
C GLY D 346 14.18 8.80 71.67
N LYS D 347 13.48 7.69 71.40
CA LYS D 347 12.27 7.38 72.14
C LYS D 347 12.57 7.16 73.62
N ASP D 348 13.31 6.11 73.93
CA ASP D 348 13.66 5.75 75.31
C ASP D 348 15.15 5.43 75.39
N ASN D 349 15.98 6.31 74.85
CA ASN D 349 17.40 6.07 74.77
C ASN D 349 17.99 5.67 76.11
N GLN D 350 18.84 4.66 76.08
CA GLN D 350 19.60 4.25 77.25
C GLN D 350 21.02 4.80 77.22
N VAL D 351 21.23 5.90 76.50
CA VAL D 351 22.48 6.64 76.53
C VAL D 351 22.24 7.91 77.34
N GLU D 352 23.11 8.18 78.31
CA GLU D 352 22.79 9.29 79.23
C GLU D 352 23.61 10.53 78.96
N GLU D 353 24.72 10.41 78.28
CA GLU D 353 25.54 11.62 78.10
C GLU D 353 26.44 11.35 76.91
N VAL D 354 26.74 12.38 76.17
CA VAL D 354 27.60 12.34 74.99
C VAL D 354 28.51 13.55 75.02
N ARG D 355 29.78 13.33 74.84
CA ARG D 355 30.70 14.47 74.79
C ARG D 355 31.56 14.31 73.55
N ILE D 356 32.09 15.39 73.07
CA ILE D 356 32.96 15.43 71.89
C ILE D 356 34.03 16.49 72.11
N TYR D 357 35.28 16.10 71.89
CA TYR D 357 36.42 16.99 72.09
C TYR D 357 37.11 17.20 70.74
N GLU D 358 37.63 18.40 70.53
CA GLU D 358 38.35 18.70 69.30
C GLU D 358 39.33 19.82 69.59
N GLY D 359 40.60 19.46 69.75
CA GLY D 359 41.65 20.42 69.98
C GLY D 359 41.84 20.74 71.46
N SER D 360 42.98 21.36 71.75
CA SER D 360 43.32 21.74 73.11
C SER D 360 42.88 23.16 73.40
N GLU D 361 42.69 23.45 74.68
CA GLU D 361 42.23 24.76 75.12
C GLU D 361 42.65 24.96 76.57
N GLN D 362 42.05 25.96 77.22
CA GLN D 362 42.35 26.29 78.60
C GLN D 362 41.20 25.85 79.50
N LEU D 363 41.56 25.44 80.72
CA LEU D 363 40.56 24.97 81.66
C LEU D 363 39.69 26.13 82.14
N PRO D 364 38.37 25.92 82.27
CA PRO D 364 37.45 26.95 82.77
C PRO D 364 37.53 27.11 84.28
N PRO E 26 32.68 -0.87 -31.97
CA PRO E 26 32.72 0.05 -30.83
C PRO E 26 33.01 -0.65 -29.51
N ASN E 27 32.10 -0.53 -28.54
CA ASN E 27 32.29 -1.07 -27.21
C ASN E 27 31.31 -2.20 -26.93
N VAL E 28 31.73 -3.13 -26.08
CA VAL E 28 30.91 -4.26 -25.65
C VAL E 28 30.94 -4.32 -24.13
N ALA E 29 30.06 -5.15 -23.58
CA ALA E 29 29.91 -5.22 -22.14
C ALA E 29 30.96 -6.12 -21.51
N SER E 30 31.22 -5.88 -20.28
CA SER E 30 32.14 -6.63 -19.40
C SER E 30 31.40 -7.84 -18.80
N VAL E 31 31.36 -8.94 -19.54
CA VAL E 31 30.67 -10.15 -19.13
C VAL E 31 31.72 -11.16 -18.66
N PRO E 32 31.52 -11.83 -17.54
CA PRO E 32 32.47 -12.87 -17.13
C PRO E 32 32.51 -14.01 -18.15
N LYS E 33 33.73 -14.46 -18.48
CA LYS E 33 33.91 -15.44 -19.54
C LYS E 33 33.41 -16.80 -19.09
N LEU E 34 32.72 -17.49 -20.01
CA LEU E 34 32.30 -18.87 -19.81
C LEU E 34 33.30 -19.77 -20.49
N LEU E 35 34.06 -20.53 -19.69
CA LEU E 35 35.10 -21.36 -20.27
C LEU E 35 34.57 -22.72 -20.71
N VAL E 36 33.61 -23.29 -19.96
CA VAL E 36 33.13 -24.64 -20.24
C VAL E 36 31.75 -24.79 -19.64
N LYS E 37 30.95 -25.65 -20.27
CA LYS E 37 29.61 -25.93 -19.79
C LYS E 37 29.27 -27.37 -20.14
N GLY E 38 28.70 -28.10 -19.19
CA GLY E 38 28.35 -29.48 -19.45
C GLY E 38 27.85 -30.19 -18.21
N GLY E 39 28.16 -31.48 -18.13
CA GLY E 39 27.69 -32.34 -17.05
C GLY E 39 28.67 -32.41 -15.90
N VAL E 40 28.45 -33.43 -15.04
CA VAL E 40 29.27 -33.57 -13.85
C VAL E 40 30.73 -33.80 -14.19
N GLU E 41 31.00 -34.42 -15.33
CA GLU E 41 32.39 -34.71 -15.72
C GLU E 41 33.22 -33.45 -15.85
N VAL E 42 32.57 -32.28 -15.98
CA VAL E 42 33.31 -31.04 -16.07
C VAL E 42 34.09 -30.77 -14.80
N LEU E 43 33.58 -31.23 -13.66
CA LEU E 43 34.25 -30.97 -12.40
C LEU E 43 35.68 -31.49 -12.39
N SER E 44 35.97 -32.50 -13.22
CA SER E 44 37.30 -33.09 -13.24
C SER E 44 38.35 -32.19 -13.89
N VAL E 45 37.96 -31.06 -14.47
CA VAL E 45 38.94 -30.22 -15.16
C VAL E 45 39.62 -29.30 -14.17
N VAL E 46 40.88 -28.99 -14.43
CA VAL E 46 41.59 -27.99 -13.64
C VAL E 46 41.24 -26.61 -14.15
N THR E 47 41.57 -25.60 -13.36
CA THR E 47 41.26 -24.23 -13.70
C THR E 47 42.12 -23.30 -12.85
N GLY E 48 41.96 -21.99 -13.10
CA GLY E 48 42.75 -20.99 -12.41
C GLY E 48 42.27 -20.71 -11.00
N GLU E 49 42.99 -19.82 -10.33
CA GLU E 49 42.64 -19.46 -8.96
C GLU E 49 41.41 -18.59 -8.90
N ASP E 50 41.30 -17.62 -9.81
CA ASP E 50 40.20 -16.67 -9.79
C ASP E 50 38.89 -17.24 -10.32
N SER E 51 38.88 -18.51 -10.74
CA SER E 51 37.69 -19.08 -11.33
C SER E 51 36.57 -19.23 -10.32
N ILE E 52 35.34 -19.20 -10.80
CA ILE E 52 34.16 -19.48 -10.00
C ILE E 52 33.31 -20.46 -10.78
N THR E 53 32.64 -21.35 -10.07
CA THR E 53 31.89 -22.43 -10.69
C THR E 53 30.46 -22.49 -10.15
N GLN E 54 29.53 -22.84 -10.99
CA GLN E 54 28.13 -23.03 -10.62
C GLN E 54 27.73 -24.47 -10.89
N ILE E 55 26.90 -25.02 -10.02
CA ILE E 55 26.45 -26.40 -10.14
C ILE E 55 24.93 -26.41 -10.06
N GLU E 56 24.32 -27.04 -11.04
CA GLU E 56 22.85 -27.12 -11.10
C GLU E 56 22.49 -28.54 -10.80
N LEU E 57 21.66 -28.76 -9.80
CA LEU E 57 21.28 -30.11 -9.44
C LEU E 57 19.89 -30.10 -8.81
N TYR E 58 19.39 -31.28 -8.49
CA TYR E 58 18.05 -31.44 -7.95
C TYR E 58 18.03 -32.57 -6.95
N LEU E 59 16.97 -32.61 -6.14
CA LEU E 59 16.78 -33.65 -5.14
C LEU E 59 15.32 -34.02 -5.06
N ASN E 60 14.99 -35.25 -5.44
CA ASN E 60 13.60 -35.72 -5.31
C ASN E 60 13.19 -35.81 -3.86
N PRO E 61 11.89 -35.69 -3.59
CA PRO E 61 11.42 -35.78 -2.21
C PRO E 61 11.36 -37.22 -1.73
N ARG E 62 12.01 -37.50 -0.62
CA ARG E 62 12.00 -38.80 0.00
C ARG E 62 11.05 -38.77 1.19
N MET E 63 9.89 -39.38 1.05
CA MET E 63 8.81 -39.29 2.03
C MET E 63 8.24 -40.66 2.32
N GLY E 64 9.12 -41.62 2.60
CA GLY E 64 8.72 -42.98 2.95
C GLY E 64 8.60 -43.92 1.76
N VAL E 65 8.09 -43.44 0.63
CA VAL E 65 8.13 -44.20 -0.60
C VAL E 65 9.27 -43.63 -1.41
N ASN E 66 10.43 -44.24 -1.30
CA ASN E 66 11.69 -43.59 -1.65
C ASN E 66 12.32 -44.13 -2.92
N SER E 67 11.55 -44.81 -3.75
CA SER E 67 12.11 -45.33 -4.99
C SER E 67 11.01 -45.62 -6.01
N PRO E 68 11.15 -45.14 -7.24
CA PRO E 68 10.19 -45.53 -8.29
C PRO E 68 10.45 -46.91 -8.85
N ASP E 69 11.64 -47.48 -8.63
CA ASP E 69 11.98 -48.77 -9.21
C ASP E 69 11.37 -49.96 -8.49
N LEU E 70 10.71 -49.74 -7.37
CA LEU E 70 10.09 -50.85 -6.65
C LEU E 70 8.91 -51.41 -7.45
N PRO E 71 8.66 -52.71 -7.36
CA PRO E 71 7.67 -53.33 -8.24
C PRO E 71 6.26 -52.86 -7.98
N THR E 72 5.82 -52.97 -6.72
CA THR E 72 4.41 -52.77 -6.40
C THR E 72 4.11 -51.56 -5.52
N THR E 73 5.12 -51.01 -4.84
CA THR E 73 4.85 -49.90 -3.94
C THR E 73 5.10 -48.54 -4.59
N SER E 74 5.82 -48.50 -5.71
CA SER E 74 6.19 -47.23 -6.34
C SER E 74 4.99 -46.46 -6.88
N ASN E 75 3.79 -47.01 -6.79
CA ASN E 75 2.62 -46.25 -7.24
C ASN E 75 2.42 -44.98 -6.45
N TRP E 76 2.92 -44.95 -5.22
CA TRP E 76 2.77 -43.79 -4.35
C TRP E 76 4.12 -43.10 -4.11
N TYR E 77 4.96 -43.04 -5.14
CA TYR E 77 6.19 -42.28 -5.05
C TYR E 77 5.90 -40.82 -4.79
N THR E 78 6.73 -40.18 -3.98
CA THR E 78 6.49 -38.82 -3.48
C THR E 78 5.21 -38.75 -2.67
N TYR E 79 4.88 -39.81 -1.94
CA TYR E 79 3.70 -39.83 -1.09
C TYR E 79 3.98 -40.71 0.11
N THR E 80 3.11 -40.63 1.09
CA THR E 80 3.13 -41.51 2.24
C THR E 80 1.90 -42.42 2.19
N TYR E 81 1.92 -43.46 2.99
CA TYR E 81 0.73 -44.27 3.14
C TYR E 81 -0.32 -43.50 3.93
N ASP E 82 -1.47 -44.13 4.10
CA ASP E 82 -2.59 -43.46 4.73
C ASP E 82 -2.25 -43.11 6.18
N LEU E 83 -2.40 -41.85 6.52
CA LEU E 83 -2.07 -41.34 7.85
C LEU E 83 -3.31 -41.32 8.71
N GLN E 84 -3.26 -41.99 9.86
CA GLN E 84 -4.36 -41.93 10.80
C GLN E 84 -3.85 -42.44 12.13
N PRO E 85 -4.37 -41.93 13.25
CA PRO E 85 -3.93 -42.40 14.56
C PRO E 85 -4.39 -43.83 14.83
N LYS E 86 -3.57 -44.54 15.60
CA LYS E 86 -3.88 -45.93 15.90
C LYS E 86 -5.13 -46.05 16.78
N GLY E 87 -5.40 -45.05 17.61
CA GLY E 87 -6.53 -45.09 18.49
C GLY E 87 -6.28 -45.71 19.85
N SER E 88 -5.07 -46.25 20.08
CA SER E 88 -4.75 -46.86 21.36
C SER E 88 -3.24 -46.86 21.54
N SER E 89 -2.81 -46.64 22.78
CA SER E 89 -1.38 -46.63 23.08
C SER E 89 -0.81 -48.05 22.95
N PRO E 90 0.44 -48.17 22.48
CA PRO E 90 1.29 -47.09 21.97
C PRO E 90 1.16 -46.94 20.47
N ASP E 91 1.91 -46.01 19.90
CA ASP E 91 1.89 -45.80 18.46
C ASP E 91 3.02 -46.57 17.80
N GLN E 92 2.69 -47.34 16.77
CA GLN E 92 3.65 -48.12 16.00
C GLN E 92 3.59 -47.68 14.55
N PRO E 93 4.25 -46.59 14.20
CA PRO E 93 4.21 -46.12 12.82
C PRO E 93 5.16 -46.89 11.93
N ILE E 94 4.77 -47.07 10.69
CA ILE E 94 5.60 -47.74 9.71
C ILE E 94 6.46 -46.73 8.97
N LYS E 95 7.51 -47.23 8.33
CA LYS E 95 8.46 -46.34 7.66
C LYS E 95 7.78 -45.48 6.61
N GLU E 96 6.82 -46.04 5.89
CA GLU E 96 6.19 -45.33 4.78
C GLU E 96 5.31 -44.16 5.24
N ASN E 97 5.12 -43.98 6.54
CA ASN E 97 4.43 -42.80 7.06
C ASN E 97 5.38 -41.81 7.71
N LEU E 98 6.70 -41.99 7.56
CA LEU E 98 7.70 -41.13 8.20
C LEU E 98 8.49 -40.44 7.10
N PRO E 99 8.04 -39.28 6.63
CA PRO E 99 8.81 -38.55 5.61
C PRO E 99 10.11 -38.04 6.21
N ALA E 100 11.17 -38.16 5.43
CA ALA E 100 12.52 -37.89 5.92
C ALA E 100 13.22 -36.84 5.08
N TYR E 101 14.36 -36.40 5.56
CA TYR E 101 15.14 -35.38 4.86
C TYR E 101 15.84 -35.97 3.66
N SER E 102 15.81 -35.24 2.56
CA SER E 102 16.62 -35.59 1.41
C SER E 102 18.03 -35.04 1.59
N VAL E 103 19.00 -35.70 0.98
CA VAL E 103 20.40 -35.31 1.14
C VAL E 103 21.19 -35.87 -0.03
N ALA E 104 22.32 -35.23 -0.34
CA ALA E 104 23.24 -35.73 -1.35
C ALA E 104 24.59 -35.05 -1.16
N ARG E 105 25.63 -35.72 -1.61
CA ARG E 105 26.99 -35.18 -1.61
C ARG E 105 27.48 -35.07 -3.03
N VAL E 106 28.09 -33.94 -3.35
CA VAL E 106 28.75 -33.75 -4.64
C VAL E 106 30.24 -33.68 -4.39
N SER E 107 31.01 -34.35 -5.25
CA SER E 107 32.45 -34.43 -5.08
C SER E 107 33.12 -33.30 -5.83
N LEU E 108 33.90 -32.55 -5.14
CA LEU E 108 34.61 -31.46 -5.79
C LEU E 108 36.06 -31.85 -6.05
N PRO E 109 36.71 -31.26 -7.05
CA PRO E 109 38.08 -31.67 -7.37
C PRO E 109 39.08 -31.18 -6.33
N MET E 110 40.21 -31.87 -6.28
CA MET E 110 41.27 -31.52 -5.34
C MET E 110 41.93 -30.20 -5.80
N LEU E 111 42.64 -29.56 -4.95
CA LEU E 111 43.25 -28.26 -5.24
C LEU E 111 44.72 -28.30 -4.90
N ASN E 112 45.41 -27.22 -5.26
CA ASN E 112 46.83 -27.07 -5.02
C ASN E 112 47.06 -26.49 -3.62
N GLU E 113 48.33 -26.27 -3.27
CA GLU E 113 48.67 -25.72 -1.97
C GLU E 113 50.11 -25.23 -1.98
N ASP E 114 50.43 -24.40 -0.99
CA ASP E 114 51.77 -23.86 -0.80
C ASP E 114 52.30 -24.35 0.54
N ILE E 115 53.39 -25.12 0.50
CA ILE E 115 53.94 -25.68 1.73
C ILE E 115 54.80 -24.67 2.49
N THR E 116 55.20 -23.57 1.84
CA THR E 116 56.07 -22.59 2.48
C THR E 116 55.38 -21.95 3.68
N CYS E 117 54.29 -21.22 3.45
CA CYS E 117 53.58 -20.56 4.53
C CYS E 117 52.42 -21.38 5.07
N ASP E 118 52.36 -22.68 4.76
CA ASP E 118 51.33 -23.56 5.29
C ASP E 118 49.94 -23.05 4.93
N THR E 119 49.79 -22.55 3.71
CA THR E 119 48.53 -21.99 3.24
C THR E 119 48.01 -22.84 2.10
N LEU E 120 46.79 -23.40 2.34
CA LEU E 120 46.17 -24.14 1.32
C LEU E 120 44.89 -23.46 0.90
N GLN E 121 44.24 -24.04 -0.10
CA GLN E 121 43.02 -23.47 -0.65
C GLN E 121 41.90 -24.49 -0.67
N MET E 122 40.69 -24.04 -0.32
CA MET E 122 39.51 -24.87 -0.35
C MET E 122 38.38 -24.13 -1.04
N TRP E 123 37.38 -24.87 -1.48
CA TRP E 123 36.24 -24.27 -2.13
C TRP E 123 35.43 -23.43 -1.15
N GLU E 124 34.48 -22.66 -1.68
CA GLU E 124 33.64 -21.80 -0.86
C GLU E 124 32.34 -21.55 -1.59
N ALA E 125 31.24 -22.03 -1.04
CA ALA E 125 29.94 -21.67 -1.57
C ALA E 125 29.61 -20.25 -1.15
N ILE E 126 29.19 -19.41 -2.10
CA ILE E 126 28.92 -18.01 -1.85
C ILE E 126 27.45 -17.67 -2.05
N SER E 127 26.81 -18.22 -3.06
CA SER E 127 25.43 -17.89 -3.34
C SER E 127 24.73 -19.08 -3.96
N VAL E 128 23.52 -19.34 -3.51
CA VAL E 128 22.67 -20.38 -4.07
C VAL E 128 21.37 -19.77 -4.56
N LYS E 129 20.88 -20.28 -5.69
CA LYS E 129 19.61 -19.85 -6.24
C LYS E 129 18.76 -21.09 -6.38
N THR E 130 17.60 -21.07 -5.74
CA THR E 130 16.77 -22.26 -5.66
C THR E 130 15.30 -21.92 -5.85
N GLU E 131 14.50 -22.97 -6.10
CA GLU E 131 13.05 -22.88 -6.19
C GLU E 131 12.50 -24.30 -6.17
N VAL E 132 11.25 -24.42 -5.84
CA VAL E 132 10.57 -25.71 -5.78
C VAL E 132 10.09 -26.07 -7.17
N VAL E 133 10.30 -27.33 -7.56
CA VAL E 133 9.98 -27.81 -8.90
C VAL E 133 8.65 -28.54 -8.86
N GLY E 134 7.86 -28.35 -9.90
CA GLY E 134 6.61 -29.07 -10.01
C GLY E 134 5.47 -28.46 -9.25
N ILE E 135 5.48 -27.14 -9.07
CA ILE E 135 4.42 -26.52 -8.29
C ILE E 135 3.12 -26.47 -9.09
N SER E 136 3.23 -26.29 -10.42
CA SER E 136 2.03 -26.21 -11.23
C SER E 136 1.23 -27.51 -11.22
N SER E 137 1.84 -28.61 -10.77
CA SER E 137 1.16 -29.88 -10.74
C SER E 137 0.14 -29.99 -9.62
N LEU E 138 0.03 -28.98 -8.78
CA LEU E 138 -0.86 -29.07 -7.62
C LEU E 138 -2.28 -28.65 -7.90
N ILE E 139 -2.55 -28.14 -9.09
CA ILE E 139 -3.90 -27.67 -9.37
C ILE E 139 -4.76 -28.83 -9.89
N ASN E 140 -4.20 -30.03 -9.87
CA ASN E 140 -4.95 -31.21 -10.30
C ASN E 140 -6.00 -31.52 -9.24
N VAL E 141 -7.22 -31.03 -9.43
CA VAL E 141 -8.30 -31.27 -8.51
C VAL E 141 -9.23 -32.37 -9.03
N HIS E 142 -8.76 -33.21 -9.95
CA HIS E 142 -9.59 -34.25 -10.54
C HIS E 142 -8.90 -35.62 -10.46
N TYR E 143 -8.10 -35.86 -9.42
CA TYR E 143 -7.62 -37.20 -9.16
C TYR E 143 -8.79 -38.14 -8.92
N TRP E 144 -8.76 -39.30 -9.56
CA TRP E 144 -9.94 -40.16 -9.59
C TRP E 144 -10.43 -40.55 -8.19
N ASP E 145 -9.52 -40.70 -7.25
CA ASP E 145 -9.90 -41.05 -5.88
C ASP E 145 -9.89 -39.85 -4.96
N MET E 146 -9.68 -38.64 -5.50
CA MET E 146 -9.65 -37.45 -4.67
C MET E 146 -11.03 -37.15 -4.09
N LYS E 147 -11.06 -36.73 -2.83
CA LYS E 147 -12.33 -36.47 -2.15
C LYS E 147 -12.95 -35.20 -2.68
N ARG E 148 -14.24 -35.27 -2.98
CA ARG E 148 -14.94 -34.09 -3.48
C ARG E 148 -15.09 -33.05 -2.38
N VAL E 149 -14.97 -31.78 -2.77
CA VAL E 149 -15.25 -30.69 -1.83
C VAL E 149 -16.66 -30.81 -1.29
N HIS E 150 -17.59 -31.06 -2.18
CA HIS E 150 -19.00 -31.29 -1.85
C HIS E 150 -19.64 -32.08 -2.98
N ASP E 151 -20.88 -32.48 -2.75
CA ASP E 151 -21.57 -33.35 -3.72
C ASP E 151 -21.57 -32.69 -5.09
N TYR E 152 -21.25 -33.49 -6.11
CA TYR E 152 -21.15 -33.07 -7.50
C TYR E 152 -20.05 -32.04 -7.72
N GLY E 153 -19.20 -31.81 -6.72
CA GLY E 153 -18.14 -30.83 -6.82
C GLY E 153 -16.85 -31.42 -7.32
N ALA E 154 -15.79 -30.62 -7.20
CA ALA E 154 -14.45 -31.02 -7.60
C ALA E 154 -13.68 -31.55 -6.40
N GLY E 155 -12.55 -32.18 -6.70
CA GLY E 155 -11.73 -32.73 -5.64
C GLY E 155 -11.01 -31.64 -4.87
N ILE E 156 -10.79 -31.89 -3.57
CA ILE E 156 -10.09 -30.93 -2.72
C ILE E 156 -8.62 -30.86 -3.12
N PRO E 157 -8.11 -29.68 -3.45
CA PRO E 157 -6.71 -29.58 -3.88
C PRO E 157 -5.78 -29.91 -2.74
N VAL E 158 -4.53 -30.18 -3.12
CA VAL E 158 -3.52 -30.49 -2.12
C VAL E 158 -3.40 -29.33 -1.15
N SER E 159 -3.51 -29.62 0.13
CA SER E 159 -3.41 -28.59 1.17
C SER E 159 -3.17 -29.27 2.50
N GLY E 160 -3.11 -28.44 3.55
CA GLY E 160 -2.90 -28.95 4.89
C GLY E 160 -1.51 -28.63 5.45
N VAL E 161 -0.97 -29.56 6.25
CA VAL E 161 0.36 -29.37 6.79
C VAL E 161 1.36 -29.07 5.69
N ASN E 162 2.25 -28.14 5.95
CA ASN E 162 3.22 -27.70 4.97
C ASN E 162 4.54 -27.42 5.68
N TYR E 163 5.63 -27.91 5.10
CA TYR E 163 6.95 -27.81 5.70
C TYR E 163 7.98 -27.64 4.60
N HIS E 164 8.91 -26.72 4.80
CA HIS E 164 9.95 -26.43 3.83
C HIS E 164 11.27 -26.16 4.52
N MET E 165 12.35 -26.69 3.97
CA MET E 165 13.68 -26.49 4.50
C MET E 165 14.72 -26.87 3.47
N PHE E 166 15.82 -26.12 3.42
CA PHE E 166 16.98 -26.52 2.65
C PHE E 166 18.22 -26.00 3.36
N ALA E 167 19.30 -26.75 3.25
CA ALA E 167 20.53 -26.45 3.96
C ALA E 167 21.72 -26.72 3.06
N ILE E 168 22.74 -25.90 3.19
CA ILE E 168 23.95 -26.01 2.39
C ILE E 168 25.17 -25.79 3.28
N GLY E 169 26.20 -26.60 3.06
CA GLY E 169 27.44 -26.42 3.81
C GLY E 169 28.42 -27.50 3.41
N GLY E 170 29.65 -27.36 3.92
CA GLY E 170 30.67 -28.38 3.73
C GLY E 170 30.64 -29.48 4.76
N GLU E 171 29.85 -29.34 5.77
CA GLU E 171 29.65 -30.31 6.83
C GLU E 171 28.27 -30.92 6.77
N PRO E 172 28.12 -32.17 7.17
CA PRO E 172 26.78 -32.76 7.17
C PRO E 172 25.90 -32.04 8.17
N LEU E 173 24.66 -31.78 7.75
CA LEU E 173 23.76 -30.98 8.56
C LEU E 173 23.57 -31.57 9.94
N ASP E 174 24.08 -30.89 10.97
CA ASP E 174 23.89 -31.35 12.34
C ASP E 174 22.43 -31.27 12.74
N LEU E 175 21.98 -32.26 13.50
CA LEU E 175 20.56 -32.38 13.77
C LEU E 175 20.34 -32.47 15.28
N GLN E 176 19.11 -32.23 15.68
CA GLN E 176 18.68 -32.33 17.06
C GLN E 176 17.39 -33.14 17.15
N GLY E 177 17.33 -34.06 18.11
CA GLY E 177 16.17 -34.89 18.27
C GLY E 177 15.17 -34.26 19.20
N LEU E 178 13.94 -34.15 18.73
CA LEU E 178 12.84 -33.67 19.56
C LEU E 178 11.55 -34.22 18.98
N VAL E 179 10.72 -34.83 19.82
CA VAL E 179 9.52 -35.51 19.38
C VAL E 179 8.32 -35.00 20.14
N LEU E 180 7.14 -35.36 19.63
CA LEU E 180 5.91 -34.95 20.28
C LEU E 180 5.55 -35.87 21.44
N ASP E 181 5.84 -37.16 21.31
CA ASP E 181 5.51 -38.15 22.34
C ASP E 181 6.58 -39.21 22.35
N TYR E 182 7.24 -39.39 23.49
CA TYR E 182 8.27 -40.42 23.55
C TYR E 182 7.67 -41.81 23.66
N GLN E 183 6.38 -41.91 23.97
CA GLN E 183 5.72 -43.21 24.02
C GLN E 183 5.77 -43.91 22.66
N THR E 184 5.85 -43.15 21.58
CA THR E 184 5.83 -43.74 20.24
C THR E 184 7.05 -44.65 20.05
N GLN E 185 6.82 -45.75 19.35
CA GLN E 185 7.85 -46.76 19.13
C GLN E 185 8.17 -46.77 17.63
N TYR E 186 9.23 -46.07 17.29
CA TYR E 186 9.63 -46.03 15.89
C TYR E 186 10.33 -47.32 15.49
N PRO E 187 10.23 -47.73 14.23
CA PRO E 187 10.81 -49.00 13.82
C PRO E 187 12.32 -49.04 14.04
N LYS E 188 12.82 -50.23 14.35
CA LYS E 188 14.24 -50.37 14.60
C LYS E 188 14.99 -50.32 13.28
N THR E 189 16.30 -50.13 13.39
CA THR E 189 17.16 -50.02 12.22
C THR E 189 17.78 -51.36 11.83
N THR E 190 17.20 -52.46 12.34
CA THR E 190 17.72 -53.79 11.98
C THR E 190 17.75 -54.00 10.46
N ASN E 191 16.78 -53.41 9.74
CA ASN E 191 16.77 -53.46 8.27
C ASN E 191 17.48 -52.23 7.66
N GLY E 192 18.32 -51.54 8.44
CA GLY E 192 18.92 -50.31 7.97
C GLY E 192 17.89 -49.26 7.58
N GLY E 193 16.77 -49.18 8.32
CA GLY E 193 15.68 -48.30 7.98
C GLY E 193 15.80 -46.96 8.66
N PRO E 194 14.70 -46.49 9.23
CA PRO E 194 14.68 -45.14 9.80
C PRO E 194 15.47 -45.08 11.11
N ILE E 195 16.22 -43.99 11.27
CA ILE E 195 17.09 -43.79 12.42
C ILE E 195 16.43 -42.77 13.33
N THR E 196 15.93 -43.22 14.46
CA THR E 196 15.29 -42.37 15.44
C THR E 196 16.19 -42.15 16.65
N ILE E 197 15.65 -41.49 17.68
CA ILE E 197 16.46 -41.08 18.81
C ILE E 197 16.99 -42.28 19.57
N GLU E 198 16.12 -43.25 19.82
CA GLU E 198 16.55 -44.42 20.59
C GLU E 198 17.63 -45.20 19.84
N THR E 199 17.73 -45.00 18.54
CA THR E 199 18.79 -45.77 17.86
C THR E 199 20.11 -45.04 18.08
N VAL E 200 20.07 -43.73 18.16
CA VAL E 200 21.31 -43.01 18.46
C VAL E 200 21.76 -43.27 19.88
N LEU E 201 20.86 -43.05 20.84
CA LEU E 201 21.23 -43.23 22.25
C LEU E 201 21.49 -44.69 22.59
N GLY E 202 20.90 -45.62 21.85
CA GLY E 202 20.98 -47.01 22.23
C GLY E 202 20.08 -47.38 23.40
N ARG E 203 19.14 -46.50 23.76
CA ARG E 203 18.26 -46.78 24.88
C ARG E 203 16.94 -46.06 24.63
N LYS E 204 15.89 -46.52 25.30
CA LYS E 204 14.55 -45.99 25.08
C LYS E 204 14.50 -44.51 25.43
N MET E 205 13.64 -43.78 24.72
CA MET E 205 13.49 -42.36 25.01
C MET E 205 12.89 -42.12 26.37
N THR E 206 13.10 -40.92 26.87
CA THR E 206 12.57 -40.45 28.15
C THR E 206 11.88 -39.12 27.90
N PRO E 207 10.99 -38.70 28.79
CA PRO E 207 10.29 -37.45 28.56
C PRO E 207 11.20 -36.24 28.39
N LYS E 208 12.47 -36.33 28.78
CA LYS E 208 13.43 -35.30 28.42
C LYS E 208 13.47 -35.10 26.91
N ASN E 209 13.51 -36.20 26.16
CA ASN E 209 13.54 -36.12 24.70
C ASN E 209 12.27 -35.49 24.13
N GLN E 210 11.18 -35.51 24.88
CA GLN E 210 9.97 -34.82 24.45
C GLN E 210 10.13 -33.32 24.51
N GLY E 211 11.09 -32.85 25.30
CA GLY E 211 11.64 -31.51 25.22
C GLY E 211 12.96 -31.52 24.49
N LEU E 212 13.89 -30.70 24.96
CA LEU E 212 15.22 -30.64 24.38
C LEU E 212 16.20 -31.46 25.22
N ASP E 213 16.98 -32.30 24.55
CA ASP E 213 17.95 -33.17 25.23
C ASP E 213 19.27 -33.08 24.48
N PRO E 214 20.30 -32.48 25.06
CA PRO E 214 21.60 -32.40 24.36
C PRO E 214 22.25 -33.75 24.12
N GLN E 215 21.76 -34.81 24.76
CA GLN E 215 22.29 -36.14 24.46
C GLN E 215 21.87 -36.62 23.09
N ALA E 216 20.69 -36.21 22.64
CA ALA E 216 20.12 -36.70 21.39
C ALA E 216 20.51 -35.78 20.24
N LYS E 217 21.65 -36.06 19.68
CA LYS E 217 22.06 -35.30 18.50
C LYS E 217 22.67 -36.29 17.54
N ALA E 218 22.71 -35.92 16.28
CA ALA E 218 23.25 -36.78 15.25
C ALA E 218 23.46 -35.98 13.97
N LYS E 219 24.49 -36.36 13.22
CA LYS E 219 24.77 -35.74 11.94
C LYS E 219 23.91 -36.37 10.86
N LEU E 220 23.59 -35.59 9.82
CA LEU E 220 22.68 -36.06 8.76
C LEU E 220 23.44 -36.97 7.82
N ASP E 221 23.39 -38.28 8.11
CA ASP E 221 24.23 -39.25 7.43
C ASP E 221 23.63 -39.67 6.10
N LYS E 222 22.42 -40.23 6.14
CA LYS E 222 21.87 -40.94 5.01
C LYS E 222 20.54 -40.31 4.58
N ASP E 223 20.13 -40.63 3.36
CA ASP E 223 18.88 -40.16 2.83
C ASP E 223 17.73 -41.05 3.28
N GLY E 224 16.55 -40.47 3.43
CA GLY E 224 15.33 -41.22 3.65
C GLY E 224 15.28 -41.98 4.95
N ASN E 225 16.29 -41.78 5.80
CA ASN E 225 16.37 -42.52 7.06
C ASN E 225 16.26 -41.63 8.28
N TYR E 226 16.10 -40.31 8.10
CA TYR E 226 15.98 -39.41 9.26
C TYR E 226 14.62 -38.75 9.25
N PRO E 227 13.66 -39.24 10.01
CA PRO E 227 12.30 -38.69 9.96
C PRO E 227 12.27 -37.22 10.33
N ILE E 228 11.50 -36.45 9.55
CA ILE E 228 11.38 -35.02 9.81
C ILE E 228 10.71 -34.78 11.14
N GLU E 229 9.68 -35.55 11.44
CA GLU E 229 8.95 -35.32 12.68
C GLU E 229 9.73 -35.66 13.93
N VAL E 230 11.00 -36.09 13.78
CA VAL E 230 11.84 -36.41 14.90
C VAL E 230 13.04 -35.48 15.01
N TRP E 231 13.65 -35.15 13.87
CA TRP E 231 14.90 -34.40 13.86
C TRP E 231 14.69 -32.95 13.39
N CYS E 232 15.48 -32.05 13.92
CA CYS E 232 15.48 -30.63 13.57
C CYS E 232 16.92 -30.14 13.56
N PRO E 233 17.21 -29.15 12.75
CA PRO E 233 18.60 -28.67 12.67
C PRO E 233 19.09 -28.10 14.00
N ASP E 234 20.16 -28.67 14.51
CA ASP E 234 20.61 -28.24 15.84
C ASP E 234 21.10 -26.83 15.65
N PRO E 235 20.53 -25.83 16.31
CA PRO E 235 21.00 -24.51 16.07
C PRO E 235 22.44 -24.36 16.52
N SER E 236 22.80 -24.90 17.67
CA SER E 236 24.17 -24.61 18.15
C SER E 236 25.23 -25.15 17.23
N LYS E 237 25.15 -26.43 16.89
CA LYS E 237 26.26 -27.06 16.15
C LYS E 237 26.36 -26.65 14.69
N ASN E 238 25.32 -26.23 14.02
CA ASN E 238 25.52 -25.98 12.58
C ASN E 238 26.19 -24.65 12.42
N GLU E 239 27.51 -24.58 12.49
CA GLU E 239 28.09 -23.23 12.36
C GLU E 239 28.77 -23.15 11.02
N ASN E 240 28.89 -24.26 10.33
CA ASN E 240 29.62 -24.11 9.07
C ASN E 240 28.63 -24.39 7.97
N SER E 241 27.34 -24.11 8.22
CA SER E 241 26.32 -24.43 7.22
C SER E 241 25.18 -23.45 7.37
N ARG E 242 24.48 -23.17 6.27
CA ARG E 242 23.40 -22.20 6.24
C ARG E 242 22.12 -22.93 5.90
N TYR E 243 21.11 -22.82 6.76
CA TYR E 243 19.86 -23.53 6.56
C TYR E 243 18.69 -22.58 6.76
N TYR E 244 17.66 -22.76 5.96
CA TYR E 244 16.46 -21.95 5.99
C TYR E 244 15.25 -22.85 6.04
N GLY E 245 14.22 -22.47 6.83
CA GLY E 245 13.08 -23.34 7.00
C GLY E 245 11.79 -22.61 7.28
N SER E 246 10.69 -23.35 7.16
CA SER E 246 9.36 -22.80 7.37
C SER E 246 8.44 -23.96 7.76
N ILE E 247 7.18 -23.63 8.05
CA ILE E 247 6.18 -24.62 8.43
C ILE E 247 4.81 -24.00 8.29
N GLN E 248 3.79 -24.85 8.18
CA GLN E 248 2.41 -24.37 8.08
C GLN E 248 1.54 -25.55 8.50
N THR E 249 0.88 -25.43 9.64
CA THR E 249 0.16 -26.55 10.25
C THR E 249 -1.33 -26.25 10.26
N GLY E 250 -2.08 -26.97 9.44
CA GLY E 250 -3.52 -26.86 9.44
C GLY E 250 -4.15 -28.05 8.76
N SER E 251 -5.47 -28.15 8.92
CA SER E 251 -6.19 -29.24 8.27
C SER E 251 -6.30 -28.98 6.76
N GLN E 252 -6.93 -27.87 6.38
CA GLN E 252 -7.09 -27.51 4.98
C GLN E 252 -6.51 -26.15 4.68
N THR E 253 -5.54 -25.70 5.46
CA THR E 253 -4.91 -24.42 5.20
C THR E 253 -4.26 -24.44 3.82
N PRO E 254 -4.52 -23.44 2.98
CA PRO E 254 -4.03 -23.52 1.60
C PRO E 254 -2.52 -23.50 1.53
N THR E 255 -2.00 -24.09 0.47
CA THR E 255 -0.57 -24.10 0.21
C THR E 255 -0.23 -22.91 -0.67
N VAL E 256 0.57 -22.00 -0.13
CA VAL E 256 1.06 -20.85 -0.88
C VAL E 256 2.53 -21.06 -1.19
N LEU E 257 2.91 -20.86 -2.44
CA LEU E 257 4.28 -21.03 -2.87
C LEU E 257 4.62 -20.00 -3.94
N GLN E 258 5.90 -19.73 -4.09
CA GLN E 258 6.40 -18.78 -5.07
C GLN E 258 7.64 -19.35 -5.72
N PHE E 259 7.94 -18.84 -6.91
CA PHE E 259 9.10 -19.34 -7.63
C PHE E 259 9.50 -18.35 -8.72
N SER E 260 10.81 -18.23 -8.95
CA SER E 260 11.38 -17.40 -10.00
C SER E 260 12.86 -17.75 -10.12
N ASN E 261 13.47 -17.25 -11.20
CA ASN E 261 14.90 -17.42 -11.40
C ASN E 261 15.64 -16.09 -11.25
N THR E 262 14.97 -15.06 -10.81
CA THR E 262 15.59 -13.74 -10.66
C THR E 262 16.12 -13.50 -9.27
N LEU E 263 15.49 -14.07 -8.25
CA LEU E 263 15.93 -13.86 -6.88
C LEU E 263 17.03 -14.87 -6.52
N THR E 264 17.99 -14.41 -5.75
CA THR E 264 19.07 -15.23 -5.25
C THR E 264 19.28 -14.91 -3.78
N THR E 265 20.02 -15.78 -3.10
CA THR E 265 20.30 -15.59 -1.68
C THR E 265 21.78 -15.84 -1.43
N VAL E 266 22.36 -15.06 -0.53
CA VAL E 266 23.78 -15.04 -0.27
C VAL E 266 24.10 -15.97 0.89
N LEU E 267 25.21 -16.69 0.78
CA LEU E 267 25.63 -17.62 1.82
C LEU E 267 26.71 -17.05 2.73
N LEU E 268 27.22 -15.86 2.44
CA LEU E 268 28.29 -15.29 3.24
C LEU E 268 27.77 -14.93 4.64
N ASP E 269 28.65 -15.03 5.62
CA ASP E 269 28.31 -14.73 7.00
C ASP E 269 28.64 -13.27 7.32
N GLU E 270 28.62 -12.94 8.63
CA GLU E 270 29.00 -11.61 9.06
C GLU E 270 30.43 -11.28 8.68
N ASN E 271 31.29 -12.27 8.60
CA ASN E 271 32.70 -12.06 8.32
C ASN E 271 33.04 -12.22 6.85
N GLY E 272 32.04 -12.18 5.98
CA GLY E 272 32.28 -12.31 4.55
C GLY E 272 32.90 -13.64 4.16
N VAL E 273 32.53 -14.71 4.85
CA VAL E 273 33.09 -16.03 4.61
C VAL E 273 31.93 -17.01 4.44
N GLY E 274 31.89 -17.71 3.32
CA GLY E 274 30.86 -18.69 3.10
C GLY E 274 31.21 -20.01 3.73
N PRO E 275 30.35 -21.00 3.52
CA PRO E 275 30.66 -22.36 4.00
C PRO E 275 31.82 -22.95 3.24
N LEU E 276 32.81 -23.45 3.97
CA LEU E 276 34.00 -24.01 3.37
C LEU E 276 33.75 -25.49 3.09
N CYS E 277 33.91 -25.88 1.84
CA CYS E 277 33.61 -27.25 1.41
C CYS E 277 34.75 -28.14 1.86
N LYS E 278 34.67 -28.62 3.09
CA LYS E 278 35.68 -29.55 3.57
C LYS E 278 35.57 -30.88 2.84
N GLY E 279 36.65 -31.64 2.87
CA GLY E 279 36.65 -32.93 2.19
C GLY E 279 36.46 -32.86 0.70
N ASP E 280 36.70 -31.67 0.11
CA ASP E 280 36.53 -31.46 -1.33
C ASP E 280 35.13 -31.87 -1.79
N GLY E 281 34.14 -31.44 -1.01
CA GLY E 281 32.75 -31.69 -1.37
C GLY E 281 31.79 -30.88 -0.51
N LEU E 282 30.76 -30.32 -1.13
CA LEU E 282 29.73 -29.61 -0.39
C LEU E 282 28.54 -30.53 -0.20
N PHE E 283 27.80 -30.30 0.88
CA PHE E 283 26.69 -31.12 1.29
C PHE E 283 25.38 -30.37 1.14
N ILE E 284 24.39 -31.06 0.61
CA ILE E 284 23.09 -30.48 0.38
C ILE E 284 22.03 -31.34 1.04
N SER E 285 21.11 -30.70 1.71
CA SER E 285 19.98 -31.38 2.34
C SER E 285 18.75 -30.49 2.23
N CYS E 286 17.60 -31.11 1.98
CA CYS E 286 16.37 -30.35 1.82
C CYS E 286 15.19 -31.24 2.11
N ALA E 287 14.04 -30.61 2.28
CA ALA E 287 12.79 -31.32 2.48
C ALA E 287 11.64 -30.37 2.28
N ASP E 288 10.70 -30.70 1.39
CA ASP E 288 9.56 -29.84 1.09
C ASP E 288 8.29 -30.67 1.01
N ILE E 289 7.37 -30.41 1.92
CA ILE E 289 6.04 -30.99 1.90
C ILE E 289 5.08 -29.93 1.38
N VAL E 290 4.05 -30.36 0.66
CA VAL E 290 3.11 -29.43 0.04
C VAL E 290 1.71 -29.57 0.59
N GLY E 291 1.39 -30.62 1.29
CA GLY E 291 0.08 -30.77 1.88
C GLY E 291 -0.37 -32.21 1.85
N PHE E 292 -1.68 -32.40 2.04
CA PHE E 292 -2.30 -33.71 2.07
C PHE E 292 -2.84 -34.10 0.70
N LEU E 293 -3.35 -35.33 0.62
CA LEU E 293 -4.07 -35.83 -0.55
C LEU E 293 -5.35 -36.44 -0.03
N PHE E 294 -6.43 -35.68 -0.11
CA PHE E 294 -7.69 -36.12 0.50
C PHE E 294 -8.32 -37.18 -0.39
N LYS E 295 -8.16 -38.45 0.00
CA LYS E 295 -8.74 -39.55 -0.77
C LYS E 295 -10.24 -39.60 -0.52
N THR E 296 -10.97 -40.24 -1.44
CA THR E 296 -12.43 -40.25 -1.36
C THR E 296 -12.91 -40.98 -0.12
N SER E 297 -12.19 -42.03 0.27
CA SER E 297 -12.53 -42.75 1.49
C SER E 297 -12.38 -41.88 2.73
N GLY E 298 -11.85 -40.67 2.60
CA GLY E 298 -11.54 -39.82 3.73
C GLY E 298 -10.11 -39.90 4.20
N LYS E 299 -9.36 -40.92 3.77
CA LYS E 299 -7.99 -41.08 4.19
C LYS E 299 -7.13 -39.96 3.63
N MET E 300 -5.93 -39.80 4.21
CA MET E 300 -5.04 -38.71 3.85
C MET E 300 -3.62 -39.24 3.70
N ALA E 301 -2.79 -38.45 3.02
CA ALA E 301 -1.39 -38.81 2.82
C ALA E 301 -0.64 -37.55 2.40
N LEU E 302 0.55 -37.37 2.96
CA LEU E 302 1.37 -36.22 2.64
C LEU E 302 1.94 -36.34 1.23
N HIS E 303 2.49 -35.22 0.75
CA HIS E 303 3.10 -35.19 -0.58
C HIS E 303 4.15 -34.10 -0.61
N GLY E 304 5.16 -34.29 -1.45
CA GLY E 304 6.26 -33.35 -1.54
C GLY E 304 6.72 -33.14 -2.96
N LEU E 305 7.62 -32.19 -3.13
CA LEU E 305 8.13 -31.82 -4.43
C LEU E 305 9.64 -31.67 -4.35
N PRO E 306 10.33 -31.84 -5.45
CA PRO E 306 11.79 -31.71 -5.45
C PRO E 306 12.22 -30.25 -5.44
N ARG E 307 13.55 -30.02 -5.41
CA ARG E 307 14.10 -28.67 -5.38
C ARG E 307 15.25 -28.55 -6.37
N TYR E 308 15.33 -27.43 -7.06
CA TYR E 308 16.44 -27.21 -8.00
C TYR E 308 17.41 -26.31 -7.27
N PHE E 309 18.70 -26.59 -7.34
CA PHE E 309 19.79 -25.93 -6.64
C PHE E 309 20.84 -25.48 -7.64
N ASN E 310 21.23 -24.21 -7.55
CA ASN E 310 22.16 -23.60 -8.49
C ASN E 310 23.31 -22.96 -7.74
N VAL E 311 23.90 -23.73 -6.84
CA VAL E 311 24.99 -23.26 -5.98
C VAL E 311 26.11 -22.64 -6.78
N THR E 312 26.44 -21.39 -6.46
CA THR E 312 27.57 -20.70 -7.06
C THR E 312 28.68 -20.68 -6.01
N LEU E 313 29.87 -21.06 -6.41
CA LEU E 313 30.93 -21.26 -5.43
C LEU E 313 32.29 -20.96 -6.05
N ARG E 314 33.26 -20.63 -5.19
CA ARG E 314 34.54 -20.11 -5.63
C ARG E 314 35.65 -20.71 -4.78
N LYS E 315 36.88 -20.24 -5.01
CA LYS E 315 38.06 -20.72 -4.33
C LYS E 315 38.54 -19.67 -3.33
N ARG E 316 39.01 -20.14 -2.17
CA ARG E 316 39.53 -19.25 -1.14
C ARG E 316 40.78 -19.84 -0.54
N TRP E 317 41.71 -18.97 -0.16
CA TRP E 317 42.92 -19.38 0.53
C TRP E 317 42.65 -19.38 2.04
N VAL E 318 43.13 -20.42 2.71
CA VAL E 318 42.97 -20.59 4.15
C VAL E 318 44.26 -21.11 4.76
N LYS E 319 44.41 -20.90 6.06
CA LYS E 319 45.57 -21.36 6.80
C LYS E 319 45.26 -22.64 7.53
N ASN E 320 46.20 -23.57 7.52
CA ASN E 320 46.10 -24.77 8.31
C ASN E 320 46.10 -24.42 9.76
N PRO E 321 44.96 -24.53 10.49
CA PRO E 321 44.93 -24.28 11.94
C PRO E 321 45.66 -25.32 12.76
N TYR E 322 45.87 -26.49 12.22
CA TYR E 322 46.38 -27.59 13.01
C TYR E 322 47.87 -27.78 12.76
N PRO E 323 48.60 -28.29 13.75
CA PRO E 323 50.00 -28.66 13.53
C PRO E 323 50.10 -29.99 12.79
N VAL E 324 51.14 -30.09 11.97
CA VAL E 324 51.25 -31.21 11.04
C VAL E 324 51.49 -32.53 11.79
N VAL E 325 52.14 -32.48 12.95
CA VAL E 325 52.35 -33.70 13.73
C VAL E 325 51.03 -34.41 13.96
N ASN E 326 50.05 -33.68 14.48
CA ASN E 326 48.74 -34.28 14.70
C ASN E 326 48.09 -34.73 13.40
N LEU E 327 48.42 -34.07 12.28
CA LEU E 327 47.93 -34.52 10.99
C LEU E 327 48.52 -35.89 10.64
N ILE E 328 49.85 -36.01 10.73
CA ILE E 328 50.51 -37.27 10.41
C ILE E 328 49.92 -38.40 11.26
N ASN E 329 49.93 -38.22 12.56
CA ASN E 329 49.54 -39.32 13.45
C ASN E 329 48.09 -39.69 13.26
N SER E 330 47.20 -38.71 13.16
CA SER E 330 45.79 -39.01 12.95
C SER E 330 45.57 -39.67 11.60
N LEU E 331 46.43 -39.39 10.63
CA LEU E 331 46.42 -40.19 9.40
C LEU E 331 46.75 -41.64 9.71
N PHE E 332 47.85 -41.87 10.44
CA PHE E 332 48.23 -43.23 10.77
C PHE E 332 47.22 -43.88 11.70
N SER E 333 46.66 -43.11 12.64
CA SER E 333 45.72 -43.67 13.60
C SER E 333 44.46 -44.20 12.92
N ASN E 334 44.11 -43.65 11.77
CA ASN E 334 42.87 -44.03 11.11
C ASN E 334 43.05 -45.16 10.11
N LEU E 335 44.25 -45.39 9.62
CA LEU E 335 44.47 -46.53 8.72
C LEU E 335 44.69 -47.82 9.50
N MET E 336 45.60 -47.80 10.47
CA MET E 336 45.81 -48.98 11.27
C MET E 336 44.60 -49.19 12.19
N PRO E 337 44.17 -50.43 12.38
CA PRO E 337 42.92 -50.67 13.08
C PRO E 337 42.99 -50.29 14.54
N LYS E 338 41.85 -49.91 15.09
CA LYS E 338 41.77 -49.61 16.51
C LYS E 338 42.09 -50.87 17.31
N VAL E 339 43.03 -50.73 18.24
CA VAL E 339 43.54 -51.85 19.00
C VAL E 339 42.84 -51.91 20.35
N SER E 340 42.48 -53.11 20.77
CA SER E 340 41.89 -53.35 22.08
C SER E 340 42.81 -54.29 22.82
N GLY E 341 43.82 -53.73 23.49
CA GLY E 341 44.78 -54.50 24.23
C GLY E 341 44.60 -54.40 25.73
N GLN E 342 45.59 -54.92 26.45
CA GLN E 342 45.53 -54.89 27.89
C GLN E 342 45.61 -53.44 28.39
N PRO E 343 45.03 -53.15 29.54
CA PRO E 343 44.88 -51.75 29.96
C PRO E 343 46.16 -51.09 30.41
N MET E 344 46.93 -50.55 29.47
CA MET E 344 48.12 -49.79 29.82
C MET E 344 47.79 -48.40 30.32
N GLU E 345 46.63 -47.85 29.94
CA GLU E 345 46.24 -46.50 30.34
C GLU E 345 44.86 -46.58 30.97
N GLY E 346 44.77 -46.27 32.25
CA GLY E 346 43.51 -46.27 32.95
C GLY E 346 43.69 -46.59 34.41
N LYS E 347 42.56 -46.70 35.11
CA LYS E 347 42.59 -46.99 36.53
C LYS E 347 43.27 -48.32 36.83
N ASP E 348 43.16 -49.28 35.91
CA ASP E 348 43.83 -50.57 36.04
C ASP E 348 45.06 -50.64 35.15
N ASN E 349 45.81 -49.55 35.05
CA ASN E 349 46.98 -49.51 34.19
C ASN E 349 47.95 -50.63 34.53
N GLN E 350 48.71 -51.05 33.54
CA GLN E 350 49.71 -52.10 33.70
C GLN E 350 51.10 -51.56 33.44
N VAL E 351 51.37 -50.34 33.91
CA VAL E 351 52.65 -49.67 33.74
C VAL E 351 53.20 -49.40 35.13
N GLU E 352 54.32 -50.00 35.44
CA GLU E 352 54.82 -49.90 36.82
C GLU E 352 55.65 -48.63 36.98
N GLU E 353 56.47 -48.27 36.03
CA GLU E 353 57.26 -47.03 36.22
C GLU E 353 57.46 -46.36 34.88
N VAL E 354 57.66 -45.06 34.89
CA VAL E 354 57.98 -44.26 33.72
C VAL E 354 59.03 -43.25 34.15
N ARG E 355 60.22 -43.38 33.62
CA ARG E 355 61.22 -42.37 34.00
C ARG E 355 61.53 -41.54 32.77
N ILE E 356 62.09 -40.36 32.99
CA ILE E 356 62.47 -39.42 31.95
C ILE E 356 63.82 -38.83 32.31
N TYR E 357 64.79 -38.96 31.40
CA TYR E 357 66.13 -38.44 31.61
C TYR E 357 66.39 -37.31 30.63
N GLU E 358 67.10 -36.28 31.10
CA GLU E 358 67.48 -35.17 30.24
C GLU E 358 68.75 -34.55 30.81
N GLY E 359 69.85 -34.69 30.08
CA GLY E 359 71.10 -34.11 30.51
C GLY E 359 71.85 -34.98 31.49
N SER E 360 73.00 -34.49 31.92
CA SER E 360 73.85 -35.18 32.85
C SER E 360 73.95 -34.39 34.15
N GLU E 361 74.14 -35.13 35.25
CA GLU E 361 74.34 -34.51 36.56
C GLU E 361 75.42 -35.26 37.29
N GLN E 362 75.81 -34.73 38.44
CA GLN E 362 76.72 -35.45 39.32
C GLN E 362 75.99 -36.64 39.91
N LEU E 363 76.73 -37.71 40.14
CA LEU E 363 76.15 -38.98 40.56
C LEU E 363 75.41 -38.82 41.88
N PRO E 364 74.11 -39.08 41.92
CA PRO E 364 73.40 -39.07 43.20
C PRO E 364 73.72 -40.32 44.01
N GLY E 365 73.60 -40.18 45.32
CA GLY E 365 73.87 -41.30 46.21
C GLY E 365 72.83 -42.40 46.10
N ASP E 366 71.60 -42.09 46.49
CA ASP E 366 70.54 -43.09 46.43
C ASP E 366 70.01 -43.20 45.02
N PRO E 367 70.08 -44.36 44.37
CA PRO E 367 69.48 -44.53 43.05
C PRO E 367 67.99 -44.83 43.07
N ASP E 368 67.34 -44.75 44.23
CA ASP E 368 65.89 -44.90 44.31
C ASP E 368 65.19 -43.58 44.56
N ILE E 369 65.84 -42.46 44.26
CA ILE E 369 65.23 -41.16 44.47
C ILE E 369 64.01 -41.02 43.57
N VAL E 370 63.04 -40.25 44.03
CA VAL E 370 61.85 -39.93 43.27
C VAL E 370 61.89 -38.43 43.01
N ARG E 371 62.13 -38.04 41.78
CA ARG E 371 62.14 -36.64 41.39
C ARG E 371 60.88 -36.33 40.59
N PHE E 372 60.48 -35.06 40.61
CA PHE E 372 59.33 -34.61 39.85
C PHE E 372 59.34 -33.10 39.78
N LEU E 373 58.81 -32.57 38.68
CA LEU E 373 58.73 -31.12 38.52
C LEU E 373 57.68 -30.56 39.45
N ASP E 374 58.06 -29.51 40.19
CA ASP E 374 57.14 -28.92 41.15
C ASP E 374 56.05 -28.13 40.43
N LYS E 375 55.21 -27.47 41.22
CA LYS E 375 54.18 -26.61 40.65
C LYS E 375 54.78 -25.40 39.95
N PHE E 376 56.05 -25.09 40.21
CA PHE E 376 56.69 -23.92 39.65
C PHE E 376 57.64 -24.24 38.52
N GLY E 377 57.81 -25.51 38.18
CA GLY E 377 58.72 -25.91 37.13
C GLY E 377 60.14 -26.18 37.57
N GLN E 378 60.40 -26.20 38.88
CA GLN E 378 61.72 -26.49 39.40
C GLN E 378 61.81 -27.95 39.83
N GLU E 379 63.03 -28.45 39.90
CA GLU E 379 63.25 -29.83 40.31
C GLU E 379 62.95 -30.00 41.79
N LYS E 380 62.46 -31.18 42.14
CA LYS E 380 62.21 -31.54 43.53
C LYS E 380 62.56 -33.00 43.71
N THR E 381 63.37 -33.29 44.73
CA THR E 381 63.80 -34.65 45.03
C THR E 381 63.20 -35.05 46.37
N VAL E 382 62.47 -36.17 46.39
CA VAL E 382 61.72 -36.60 47.55
C VAL E 382 61.98 -38.08 47.77
N TYR E 383 61.63 -38.56 48.97
CA TYR E 383 61.97 -39.91 49.38
C TYR E 383 61.23 -40.94 48.54
N PRO E 384 61.78 -42.14 48.43
CA PRO E 384 61.01 -43.25 47.88
C PRO E 384 59.95 -43.71 48.86
N LYS E 385 58.69 -43.40 48.58
CA LYS E 385 57.61 -43.71 49.49
C LYS E 385 57.51 -45.21 49.71
N PRO E 386 57.66 -45.72 50.93
CA PRO E 386 57.52 -47.16 51.16
C PRO E 386 56.11 -47.63 50.81
N SER E 387 56.05 -48.82 50.22
CA SER E 387 54.78 -49.42 49.80
C SER E 387 53.99 -48.50 48.88
N PRO F 20 14.52 33.69 -30.55
CA PRO F 20 15.80 33.68 -29.83
C PRO F 20 15.62 33.94 -28.34
N LYS F 21 16.52 34.74 -27.76
CA LYS F 21 16.51 35.08 -26.34
C LYS F 21 16.56 33.82 -25.49
N PRO F 22 17.70 33.12 -25.45
CA PRO F 22 17.74 31.85 -24.69
C PRO F 22 17.59 32.05 -23.19
N GLY F 23 18.36 32.97 -22.60
CA GLY F 23 18.25 33.20 -21.17
C GLY F 23 16.90 33.78 -20.78
N CYS F 24 16.28 34.58 -21.65
CA CYS F 24 14.98 35.15 -21.34
C CYS F 24 13.91 34.08 -21.28
N CYS F 25 14.01 33.07 -22.13
CA CYS F 25 13.03 31.99 -22.13
C CYS F 25 13.11 31.22 -20.82
N PRO F 26 11.98 30.73 -20.31
CA PRO F 26 12.03 29.88 -19.11
C PRO F 26 12.64 28.53 -19.44
N ASN F 27 13.02 27.81 -18.38
CA ASN F 27 13.66 26.52 -18.52
C ASN F 27 12.62 25.42 -18.36
N VAL F 28 12.61 24.49 -19.30
CA VAL F 28 11.73 23.33 -19.25
C VAL F 28 12.59 22.07 -19.19
N ALA F 29 12.04 21.03 -18.57
CA ALA F 29 12.79 19.81 -18.38
C ALA F 29 12.99 19.08 -19.71
N SER F 30 13.91 18.21 -19.71
CA SER F 30 14.26 17.43 -20.89
C SER F 30 13.77 15.99 -20.68
N VAL F 31 12.93 15.52 -21.60
CA VAL F 31 12.37 14.19 -21.53
C VAL F 31 12.75 13.44 -22.79
N PRO F 32 12.66 12.12 -22.80
CA PRO F 32 12.91 11.38 -24.03
C PRO F 32 11.96 11.79 -25.14
N LYS F 33 12.45 11.77 -26.37
CA LYS F 33 11.72 12.31 -27.50
C LYS F 33 10.88 11.19 -28.11
N LEU F 34 9.56 11.36 -28.07
CA LEU F 34 8.68 10.42 -28.74
C LEU F 34 8.84 10.60 -30.25
N LEU F 35 9.19 9.52 -30.93
CA LEU F 35 9.49 9.56 -32.36
C LEU F 35 8.41 8.94 -33.22
N VAL F 36 7.63 8.00 -32.69
CA VAL F 36 6.55 7.40 -33.44
C VAL F 36 5.63 6.70 -32.46
N LYS F 37 4.35 6.60 -32.79
CA LYS F 37 3.36 5.95 -31.96
C LYS F 37 2.30 5.34 -32.83
N GLY F 38 2.01 4.07 -32.63
CA GLY F 38 1.00 3.39 -33.43
C GLY F 38 0.91 1.93 -33.09
N GLY F 39 0.42 1.15 -34.04
CA GLY F 39 0.25 -0.28 -33.87
C GLY F 39 1.45 -1.07 -34.38
N VAL F 40 1.21 -2.37 -34.59
CA VAL F 40 2.26 -3.31 -34.99
C VAL F 40 2.92 -2.82 -36.27
N GLU F 41 2.18 -2.02 -37.05
CA GLU F 41 2.75 -1.38 -38.24
C GLU F 41 4.10 -0.72 -37.96
N VAL F 42 4.29 -0.22 -36.74
CA VAL F 42 5.49 0.53 -36.43
C VAL F 42 6.73 -0.36 -36.42
N LEU F 43 6.54 -1.65 -36.12
CA LEU F 43 7.70 -2.53 -36.00
C LEU F 43 8.50 -2.59 -37.29
N SER F 44 7.86 -2.34 -38.44
CA SER F 44 8.59 -2.30 -39.70
C SER F 44 9.51 -1.08 -39.81
N VAL F 45 9.34 -0.09 -38.93
CA VAL F 45 10.10 1.14 -39.02
C VAL F 45 11.48 0.94 -38.44
N VAL F 46 12.51 1.37 -39.16
CA VAL F 46 13.88 1.29 -38.69
C VAL F 46 14.16 2.48 -37.80
N THR F 47 15.29 2.47 -37.11
CA THR F 47 15.65 3.56 -36.22
C THR F 47 17.14 3.51 -35.95
N GLY F 48 17.63 4.56 -35.26
CA GLY F 48 19.04 4.70 -34.97
C GLY F 48 19.52 3.69 -33.94
N GLU F 49 20.78 3.85 -33.55
CA GLU F 49 21.41 2.94 -32.61
C GLU F 49 20.92 3.20 -31.18
N ASP F 50 20.97 4.46 -30.74
CA ASP F 50 20.58 4.79 -29.38
C ASP F 50 19.06 5.00 -29.29
N SER F 51 18.30 4.02 -29.75
CA SER F 51 16.85 4.10 -29.78
C SER F 51 16.24 3.23 -28.70
N ILE F 52 15.03 3.59 -28.32
CA ILE F 52 14.26 2.85 -27.31
C ILE F 52 12.88 2.59 -27.86
N THR F 53 12.49 1.33 -27.85
CA THR F 53 11.17 0.92 -28.30
C THR F 53 10.38 0.34 -27.13
N GLN F 54 9.05 0.37 -27.24
CA GLN F 54 8.22 -0.06 -26.12
C GLN F 54 6.93 -0.61 -26.70
N ILE F 55 6.56 -1.82 -26.27
CA ILE F 55 5.47 -2.59 -26.89
C ILE F 55 4.41 -2.87 -25.85
N GLU F 56 3.20 -2.46 -26.13
CA GLU F 56 2.11 -2.74 -25.18
C GLU F 56 1.27 -3.77 -25.89
N LEU F 57 1.10 -4.93 -25.29
CA LEU F 57 0.34 -6.03 -25.86
C LEU F 57 -0.37 -6.79 -24.74
N TYR F 58 -1.11 -7.82 -25.12
CA TYR F 58 -1.90 -8.60 -24.17
C TYR F 58 -1.97 -10.05 -24.61
N LEU F 59 -2.49 -10.91 -23.74
CA LEU F 59 -2.67 -12.33 -24.01
C LEU F 59 -3.91 -12.83 -23.32
N ASN F 60 -4.82 -13.44 -24.07
CA ASN F 60 -6.03 -13.97 -23.48
C ASN F 60 -5.72 -15.29 -22.77
N PRO F 61 -6.53 -15.67 -21.79
CA PRO F 61 -6.27 -16.92 -21.07
C PRO F 61 -6.80 -18.11 -21.85
N ARG F 62 -6.02 -19.18 -21.86
CA ARG F 62 -6.38 -20.41 -22.52
C ARG F 62 -6.70 -21.45 -21.45
N MET F 63 -7.98 -21.54 -21.10
CA MET F 63 -8.47 -22.48 -20.09
C MET F 63 -9.02 -23.76 -20.69
N GLY F 64 -8.44 -24.20 -21.81
CA GLY F 64 -8.94 -25.38 -22.52
C GLY F 64 -10.11 -25.05 -23.44
N VAL F 65 -10.98 -24.12 -23.03
CA VAL F 65 -11.97 -23.54 -23.92
C VAL F 65 -11.30 -22.32 -24.54
N ASN F 66 -10.73 -22.52 -25.72
CA ASN F 66 -9.63 -21.65 -26.17
C ASN F 66 -10.00 -20.85 -27.42
N SER F 67 -11.29 -20.73 -27.73
CA SER F 67 -11.66 -19.93 -28.89
C SER F 67 -13.08 -19.42 -28.75
N PRO F 68 -13.30 -18.13 -28.97
CA PRO F 68 -14.67 -17.60 -28.90
C PRO F 68 -15.49 -17.86 -30.14
N ASP F 69 -14.86 -18.29 -31.24
CA ASP F 69 -15.54 -18.35 -32.53
C ASP F 69 -16.36 -19.62 -32.72
N LEU F 70 -16.10 -20.68 -31.94
CA LEU F 70 -16.88 -21.90 -32.07
C LEU F 70 -18.36 -21.64 -31.81
N PRO F 71 -19.24 -22.34 -32.52
CA PRO F 71 -20.67 -22.03 -32.41
C PRO F 71 -21.28 -22.36 -31.05
N THR F 72 -21.03 -23.58 -30.57
CA THR F 72 -21.78 -24.10 -29.44
C THR F 72 -21.04 -23.91 -28.12
N THR F 73 -19.83 -24.46 -28.01
CA THR F 73 -19.14 -24.51 -26.74
C THR F 73 -18.50 -23.17 -26.35
N SER F 74 -18.52 -22.17 -27.24
CA SER F 74 -17.88 -20.90 -26.92
C SER F 74 -18.54 -20.18 -25.74
N ASN F 75 -19.73 -20.59 -25.32
CA ASN F 75 -20.40 -19.93 -24.20
C ASN F 75 -19.58 -20.01 -22.92
N TRP F 76 -18.60 -20.91 -22.87
CA TRP F 76 -17.76 -21.10 -21.70
C TRP F 76 -16.33 -20.66 -21.95
N TYR F 77 -16.15 -19.62 -22.76
CA TYR F 77 -14.82 -19.08 -23.00
C TYR F 77 -14.20 -18.58 -21.70
N THR F 78 -12.88 -18.76 -21.58
CA THR F 78 -12.13 -18.48 -20.34
C THR F 78 -12.61 -19.32 -19.16
N TYR F 79 -13.31 -20.41 -19.43
CA TYR F 79 -13.79 -21.30 -18.39
C TYR F 79 -13.28 -22.72 -18.68
N THR F 80 -13.73 -23.67 -17.88
CA THR F 80 -13.48 -25.08 -18.07
C THR F 80 -14.78 -25.84 -17.89
N TYR F 81 -14.81 -27.06 -18.41
CA TYR F 81 -15.98 -27.89 -18.15
C TYR F 81 -15.96 -28.34 -16.69
N ASP F 82 -17.07 -28.90 -16.25
CA ASP F 82 -17.23 -29.26 -14.85
C ASP F 82 -16.17 -30.27 -14.44
N LEU F 83 -15.28 -29.86 -13.53
CA LEU F 83 -14.21 -30.75 -13.08
C LEU F 83 -14.76 -31.69 -12.01
N GLN F 84 -14.54 -33.00 -12.20
CA GLN F 84 -15.00 -33.98 -11.24
C GLN F 84 -13.99 -35.11 -11.20
N PRO F 85 -13.83 -35.76 -10.04
CA PRO F 85 -13.06 -37.01 -10.00
C PRO F 85 -13.88 -38.17 -10.56
N LYS F 86 -13.22 -38.98 -11.40
CA LYS F 86 -13.93 -40.07 -12.07
C LYS F 86 -14.48 -41.09 -11.07
N GLY F 87 -13.82 -41.26 -9.92
CA GLY F 87 -14.21 -42.28 -8.97
C GLY F 87 -13.73 -43.68 -9.28
N SER F 88 -13.05 -43.87 -10.40
CA SER F 88 -12.56 -45.18 -10.79
C SER F 88 -11.34 -45.01 -11.68
N SER F 89 -10.26 -45.69 -11.33
CA SER F 89 -9.03 -45.60 -12.11
C SER F 89 -9.24 -46.23 -13.49
N PRO F 90 -8.53 -45.75 -14.52
CA PRO F 90 -7.65 -44.59 -14.46
C PRO F 90 -8.42 -43.29 -14.65
N ASP F 91 -7.69 -42.19 -14.85
CA ASP F 91 -8.31 -40.89 -15.09
C ASP F 91 -8.17 -40.55 -16.58
N GLN F 92 -9.29 -40.26 -17.22
CA GLN F 92 -9.35 -39.94 -18.64
C GLN F 92 -9.94 -38.55 -18.80
N PRO F 93 -9.15 -37.51 -18.54
CA PRO F 93 -9.68 -36.15 -18.61
C PRO F 93 -9.72 -35.65 -20.05
N ILE F 94 -10.74 -34.84 -20.32
CA ILE F 94 -10.89 -34.23 -21.63
C ILE F 94 -10.07 -32.94 -21.67
N LYS F 95 -9.78 -32.48 -22.89
CA LYS F 95 -8.90 -31.32 -23.05
C LYS F 95 -9.48 -30.10 -22.35
N GLU F 96 -10.81 -29.95 -22.36
CA GLU F 96 -11.44 -28.75 -21.82
C GLU F 96 -11.25 -28.60 -20.31
N ASN F 97 -10.86 -29.67 -19.62
CA ASN F 97 -10.54 -29.58 -18.20
C ASN F 97 -9.05 -29.48 -17.95
N LEU F 98 -8.24 -29.33 -19.00
CA LEU F 98 -6.79 -29.17 -18.87
C LEU F 98 -6.40 -27.75 -19.25
N PRO F 99 -6.32 -26.82 -18.29
CA PRO F 99 -5.93 -25.47 -18.64
C PRO F 99 -4.44 -25.43 -18.97
N ALA F 100 -4.09 -24.60 -19.93
CA ALA F 100 -2.75 -24.58 -20.48
C ALA F 100 -2.18 -23.17 -20.50
N TYR F 101 -0.87 -23.07 -20.64
CA TYR F 101 -0.19 -21.80 -20.71
C TYR F 101 -0.62 -21.03 -21.94
N SER F 102 -0.34 -19.73 -21.94
CA SER F 102 -0.63 -18.84 -23.06
C SER F 102 0.69 -18.25 -23.54
N VAL F 103 1.04 -18.50 -24.78
CA VAL F 103 2.31 -18.08 -25.33
C VAL F 103 2.09 -17.33 -26.62
N ALA F 104 3.01 -16.42 -26.96
CA ALA F 104 2.96 -15.71 -28.21
C ALA F 104 4.32 -15.13 -28.52
N ARG F 105 4.56 -14.91 -29.81
CA ARG F 105 5.81 -14.34 -30.30
C ARG F 105 5.50 -13.14 -31.17
N VAL F 106 6.28 -12.07 -31.00
CA VAL F 106 6.14 -10.87 -31.82
C VAL F 106 7.42 -10.72 -32.64
N SER F 107 7.26 -10.35 -33.90
CA SER F 107 8.40 -10.25 -34.82
C SER F 107 9.02 -8.87 -34.72
N LEU F 108 10.34 -8.86 -34.61
CA LEU F 108 11.04 -7.57 -34.53
C LEU F 108 11.88 -7.41 -35.77
N PRO F 109 12.20 -6.19 -36.17
CA PRO F 109 12.98 -5.84 -37.37
C PRO F 109 14.46 -6.17 -37.24
N MET F 110 15.08 -6.35 -38.39
CA MET F 110 16.50 -6.70 -38.43
C MET F 110 17.34 -5.49 -38.02
N LEU F 111 18.52 -5.74 -37.50
CA LEU F 111 19.30 -4.59 -37.05
C LEU F 111 20.62 -4.48 -37.81
N ASN F 112 21.02 -5.53 -38.50
CA ASN F 112 22.34 -5.42 -39.14
C ASN F 112 22.30 -5.70 -40.63
N GLU F 113 22.72 -4.73 -41.43
CA GLU F 113 22.80 -4.93 -42.88
C GLU F 113 24.13 -5.57 -43.27
N ASP F 114 25.19 -5.32 -42.51
CA ASP F 114 26.51 -5.83 -42.81
C ASP F 114 26.92 -6.86 -41.75
N ILE F 115 27.37 -8.02 -42.20
CA ILE F 115 27.77 -9.09 -41.29
C ILE F 115 29.29 -9.05 -41.11
N THR F 116 29.99 -8.49 -42.10
CA THR F 116 31.44 -8.42 -42.02
C THR F 116 31.92 -7.59 -40.85
N CYS F 117 31.07 -6.72 -40.32
CA CYS F 117 31.44 -5.93 -39.15
C CYS F 117 31.79 -6.86 -37.98
N ASP F 118 32.84 -6.51 -37.25
CA ASP F 118 33.30 -7.36 -36.16
C ASP F 118 32.23 -7.55 -35.09
N THR F 119 31.36 -6.56 -34.89
CA THR F 119 30.36 -6.59 -33.84
C THR F 119 28.97 -6.45 -34.44
N LEU F 120 28.09 -7.21 -34.02
CA LEU F 120 26.67 -7.24 -34.33
C LEU F 120 25.85 -6.70 -33.15
N GLN F 121 24.57 -6.48 -33.40
CA GLN F 121 23.68 -5.95 -32.38
C GLN F 121 22.35 -6.69 -32.39
N MET F 122 21.77 -6.86 -31.21
CA MET F 122 20.51 -7.58 -31.04
C MET F 122 19.62 -6.81 -30.08
N TRP F 123 18.35 -7.19 -30.05
CA TRP F 123 17.39 -6.57 -29.17
C TRP F 123 17.56 -7.05 -27.74
N GLU F 124 17.50 -6.12 -26.80
CA GLU F 124 17.61 -6.41 -25.36
C GLU F 124 16.37 -5.88 -24.66
N ALA F 125 15.77 -6.73 -23.83
CA ALA F 125 14.67 -6.30 -22.98
C ALA F 125 15.20 -5.93 -21.61
N ILE F 126 14.72 -4.81 -21.06
CA ILE F 126 15.22 -4.30 -19.80
C ILE F 126 14.13 -4.25 -18.73
N SER F 127 12.93 -3.83 -19.09
CA SER F 127 11.88 -3.70 -18.09
C SER F 127 10.55 -4.05 -18.71
N VAL F 128 9.70 -4.71 -17.94
CA VAL F 128 8.36 -5.09 -18.38
C VAL F 128 7.36 -4.62 -17.34
N LYS F 129 6.31 -4.01 -17.81
CA LYS F 129 5.21 -3.55 -16.97
C LYS F 129 4.02 -4.44 -17.22
N THR F 130 3.60 -5.17 -16.20
CA THR F 130 2.52 -6.13 -16.35
C THR F 130 1.38 -5.81 -15.40
N GLU F 131 0.22 -6.39 -15.69
CA GLU F 131 -0.99 -6.21 -14.90
C GLU F 131 -2.03 -7.20 -15.40
N VAL F 132 -2.88 -7.65 -14.48
CA VAL F 132 -3.92 -8.60 -14.82
C VAL F 132 -5.18 -7.82 -15.18
N VAL F 133 -5.71 -8.08 -16.35
CA VAL F 133 -6.82 -7.32 -16.89
C VAL F 133 -8.13 -7.93 -16.44
N GLY F 134 -9.08 -7.08 -16.06
CA GLY F 134 -10.41 -7.56 -15.75
C GLY F 134 -10.61 -8.04 -14.34
N ILE F 135 -9.79 -7.57 -13.41
CA ILE F 135 -9.96 -7.99 -12.02
C ILE F 135 -11.29 -7.50 -11.47
N SER F 136 -11.73 -6.33 -11.89
CA SER F 136 -12.94 -5.73 -11.35
C SER F 136 -14.19 -6.57 -11.63
N SER F 137 -14.08 -7.60 -12.48
CA SER F 137 -15.26 -8.38 -12.83
C SER F 137 -15.62 -9.38 -11.76
N LEU F 138 -14.68 -9.72 -10.89
CA LEU F 138 -14.90 -10.83 -9.97
C LEU F 138 -15.98 -10.55 -8.94
N ILE F 139 -16.31 -9.29 -8.71
CA ILE F 139 -17.33 -8.99 -7.72
C ILE F 139 -18.73 -9.45 -8.13
N ASN F 140 -18.89 -9.92 -9.38
CA ASN F 140 -20.17 -10.45 -9.82
C ASN F 140 -20.52 -11.68 -9.00
N VAL F 141 -21.48 -11.55 -8.10
CA VAL F 141 -21.92 -12.65 -7.26
C VAL F 141 -23.36 -12.99 -7.59
N HIS F 142 -23.79 -12.70 -8.83
CA HIS F 142 -25.17 -12.89 -9.25
C HIS F 142 -25.23 -13.55 -10.62
N TYR F 143 -24.31 -14.48 -10.89
CA TYR F 143 -24.48 -15.36 -12.03
C TYR F 143 -25.74 -16.20 -11.85
N TRP F 144 -26.50 -16.35 -12.92
CA TRP F 144 -27.84 -16.93 -12.78
C TRP F 144 -27.82 -18.34 -12.22
N ASP F 145 -26.74 -19.10 -12.46
CA ASP F 145 -26.62 -20.46 -11.93
C ASP F 145 -25.58 -20.56 -10.82
N MET F 146 -25.12 -19.42 -10.31
CA MET F 146 -24.11 -19.44 -9.26
C MET F 146 -24.70 -19.97 -7.95
N LYS F 147 -23.94 -20.83 -7.28
CA LYS F 147 -24.40 -21.40 -6.02
C LYS F 147 -24.40 -20.34 -4.92
N ARG F 148 -25.42 -20.38 -4.09
CA ARG F 148 -25.55 -19.41 -3.01
C ARG F 148 -24.65 -19.82 -1.84
N VAL F 149 -24.22 -18.83 -1.04
CA VAL F 149 -23.47 -19.14 0.16
C VAL F 149 -24.38 -19.79 1.18
N HIS F 150 -25.65 -19.39 1.21
CA HIS F 150 -26.65 -20.02 2.04
C HIS F 150 -28.01 -19.61 1.50
N ASP F 151 -29.06 -20.21 2.09
CA ASP F 151 -30.42 -19.98 1.61
C ASP F 151 -30.75 -18.50 1.55
N TYR F 152 -31.34 -18.09 0.41
CA TYR F 152 -31.76 -16.72 0.18
C TYR F 152 -30.59 -15.74 0.16
N GLY F 153 -29.37 -16.26 0.23
CA GLY F 153 -28.20 -15.43 0.21
C GLY F 153 -27.84 -14.96 -1.18
N ALA F 154 -26.55 -14.71 -1.40
CA ALA F 154 -26.01 -14.32 -2.69
C ALA F 154 -25.05 -15.39 -3.16
N GLY F 155 -24.70 -15.30 -4.43
CA GLY F 155 -23.82 -16.29 -5.02
C GLY F 155 -22.43 -16.26 -4.40
N ILE F 156 -21.73 -17.39 -4.50
CA ILE F 156 -20.37 -17.50 -3.98
C ILE F 156 -19.42 -16.85 -4.96
N PRO F 157 -18.67 -15.83 -4.56
CA PRO F 157 -17.76 -15.18 -5.50
C PRO F 157 -16.66 -16.11 -5.94
N VAL F 158 -16.04 -15.75 -7.06
CA VAL F 158 -14.91 -16.51 -7.58
C VAL F 158 -13.85 -16.63 -6.49
N SER F 159 -13.56 -17.85 -6.10
CA SER F 159 -12.63 -18.09 -5.01
C SER F 159 -11.91 -19.41 -5.28
N GLY F 160 -10.89 -19.69 -4.45
CA GLY F 160 -10.21 -20.96 -4.53
C GLY F 160 -8.81 -20.89 -5.13
N VAL F 161 -8.51 -21.84 -6.01
CA VAL F 161 -7.16 -22.03 -6.49
C VAL F 161 -6.70 -20.83 -7.32
N ASN F 162 -5.44 -20.47 -7.18
CA ASN F 162 -4.79 -19.50 -8.06
C ASN F 162 -3.47 -20.06 -8.55
N TYR F 163 -3.13 -19.71 -9.77
CA TYR F 163 -1.83 -20.02 -10.34
C TYR F 163 -1.46 -18.89 -11.27
N HIS F 164 -0.54 -18.04 -10.85
CA HIS F 164 -0.14 -16.87 -11.63
C HIS F 164 1.31 -17.07 -12.08
N MET F 165 1.59 -16.80 -13.34
CA MET F 165 2.91 -17.01 -13.89
C MET F 165 3.05 -16.24 -15.20
N PHE F 166 4.19 -15.62 -15.39
CA PHE F 166 4.53 -15.00 -16.66
C PHE F 166 6.03 -15.03 -16.85
N ALA F 167 6.46 -15.03 -18.11
CA ALA F 167 7.86 -15.11 -18.43
C ALA F 167 8.17 -14.27 -19.65
N ILE F 168 9.36 -13.70 -19.67
CA ILE F 168 9.87 -12.91 -20.78
C ILE F 168 11.24 -13.45 -21.15
N GLY F 169 11.49 -13.58 -22.44
CA GLY F 169 12.79 -14.05 -22.88
C GLY F 169 12.91 -13.98 -24.38
N GLY F 170 14.16 -13.95 -24.85
CA GLY F 170 14.45 -13.97 -26.27
C GLY F 170 14.49 -15.34 -26.88
N GLU F 171 14.31 -16.38 -26.08
CA GLU F 171 14.21 -17.76 -26.52
C GLU F 171 12.86 -18.31 -26.10
N PRO F 172 12.35 -19.32 -26.78
CA PRO F 172 11.10 -19.94 -26.32
C PRO F 172 11.31 -20.55 -24.95
N LEU F 173 10.30 -20.41 -24.12
CA LEU F 173 10.43 -20.81 -22.72
C LEU F 173 10.67 -22.30 -22.59
N ASP F 174 11.77 -22.65 -21.93
CA ASP F 174 12.02 -24.05 -21.58
C ASP F 174 11.20 -24.41 -20.35
N LEU F 175 10.71 -25.64 -20.30
CA LEU F 175 9.89 -26.07 -19.18
C LEU F 175 9.99 -27.57 -19.03
N GLN F 176 9.72 -28.05 -17.80
CA GLN F 176 9.87 -29.45 -17.48
C GLN F 176 8.55 -30.00 -16.94
N GLY F 177 8.32 -31.28 -17.18
CA GLY F 177 7.07 -31.90 -16.80
C GLY F 177 7.14 -32.59 -15.46
N LEU F 178 6.00 -32.56 -14.77
CA LEU F 178 5.84 -33.25 -13.50
C LEU F 178 4.35 -33.34 -13.22
N VAL F 179 3.86 -34.54 -12.96
CA VAL F 179 2.43 -34.78 -12.78
C VAL F 179 2.16 -35.22 -11.35
N LEU F 180 0.89 -35.19 -10.98
CA LEU F 180 0.48 -35.63 -9.68
C LEU F 180 0.24 -37.12 -9.64
N ASP F 181 -0.08 -37.74 -10.79
CA ASP F 181 -0.27 -39.20 -10.87
C ASP F 181 -0.06 -39.62 -12.32
N TYR F 182 0.88 -40.55 -12.53
CA TYR F 182 1.11 -41.01 -13.89
C TYR F 182 0.05 -41.99 -14.37
N GLN F 183 -0.80 -42.47 -13.46
CA GLN F 183 -1.90 -43.35 -13.86
C GLN F 183 -2.84 -42.65 -14.83
N THR F 184 -2.93 -41.32 -14.75
CA THR F 184 -3.83 -40.57 -15.63
C THR F 184 -3.49 -40.79 -17.10
N GLN F 185 -4.54 -40.91 -17.92
CA GLN F 185 -4.38 -41.13 -19.35
C GLN F 185 -4.81 -39.84 -20.04
N TYR F 186 -3.84 -39.10 -20.51
CA TYR F 186 -4.17 -37.84 -21.17
C TYR F 186 -4.55 -38.09 -22.62
N PRO F 187 -5.35 -37.21 -23.22
CA PRO F 187 -5.83 -37.46 -24.59
C PRO F 187 -4.69 -37.59 -25.59
N LYS F 188 -5.00 -38.26 -26.70
CA LYS F 188 -4.02 -38.49 -27.75
C LYS F 188 -3.66 -37.17 -28.42
N THR F 189 -2.37 -37.00 -28.66
CA THR F 189 -1.84 -35.78 -29.25
C THR F 189 -1.84 -35.81 -30.77
N THR F 190 -2.79 -36.56 -31.37
CA THR F 190 -2.80 -36.79 -32.81
C THR F 190 -2.62 -35.49 -33.61
N ASN F 191 -3.62 -34.60 -33.56
CA ASN F 191 -3.51 -33.30 -34.19
C ASN F 191 -3.74 -32.15 -33.23
N GLY F 192 -4.85 -32.19 -32.49
CA GLY F 192 -5.21 -31.10 -31.63
C GLY F 192 -4.91 -31.37 -30.18
N GLY F 193 -4.63 -32.64 -29.85
CA GLY F 193 -4.39 -33.05 -28.49
C GLY F 193 -3.31 -32.23 -27.82
N PRO F 194 -3.47 -31.98 -26.52
CA PRO F 194 -2.44 -31.27 -25.77
C PRO F 194 -1.20 -32.12 -25.56
N ILE F 195 -0.04 -31.46 -25.60
CA ILE F 195 1.24 -32.13 -25.46
C ILE F 195 1.47 -32.50 -24.00
N THR F 196 1.71 -33.77 -23.73
CA THR F 196 1.97 -34.26 -22.39
C THR F 196 3.31 -35.00 -22.38
N ILE F 197 3.61 -35.63 -21.24
CA ILE F 197 4.88 -36.32 -21.11
C ILE F 197 4.95 -37.53 -22.03
N GLU F 198 3.84 -38.28 -22.11
CA GLU F 198 3.81 -39.41 -23.06
C GLU F 198 4.11 -38.93 -24.47
N THR F 199 3.55 -37.79 -24.85
CA THR F 199 3.82 -37.25 -26.18
C THR F 199 5.30 -36.98 -26.40
N VAL F 200 5.97 -36.43 -25.39
CA VAL F 200 7.39 -36.10 -25.54
C VAL F 200 8.23 -37.35 -25.57
N LEU F 201 7.96 -38.29 -24.66
CA LEU F 201 8.82 -39.46 -24.54
C LEU F 201 8.44 -40.56 -25.54
N GLY F 202 7.15 -40.70 -25.84
CA GLY F 202 6.70 -41.78 -26.68
C GLY F 202 6.40 -43.05 -25.94
N ARG F 203 6.45 -43.04 -24.61
CA ARG F 203 6.20 -44.22 -23.81
C ARG F 203 5.45 -43.82 -22.56
N LYS F 204 4.71 -44.78 -22.01
CA LYS F 204 3.91 -44.52 -20.83
C LYS F 204 4.77 -43.97 -19.70
N MET F 205 4.19 -43.02 -18.95
CA MET F 205 4.94 -42.41 -17.86
C MET F 205 5.31 -43.44 -16.79
N THR F 206 6.54 -43.38 -16.35
CA THR F 206 7.02 -44.13 -15.19
C THR F 206 6.67 -43.43 -13.90
N PRO F 207 6.68 -44.15 -12.79
CA PRO F 207 6.44 -43.48 -11.51
C PRO F 207 7.46 -42.42 -11.18
N LYS F 208 8.73 -42.59 -11.54
CA LYS F 208 9.68 -41.46 -11.50
C LYS F 208 9.19 -40.17 -12.05
N ASN F 209 8.46 -40.26 -13.13
CA ASN F 209 7.93 -39.03 -13.75
C ASN F 209 6.98 -38.30 -12.80
N GLN F 210 6.36 -39.04 -11.86
CA GLN F 210 5.54 -38.39 -10.85
C GLN F 210 6.38 -37.56 -9.90
N GLY F 211 7.66 -37.89 -9.77
CA GLY F 211 8.64 -37.01 -9.19
C GLY F 211 9.32 -36.21 -10.29
N LEU F 212 10.65 -36.08 -10.24
CA LEU F 212 11.36 -35.33 -11.26
C LEU F 212 12.08 -36.28 -12.21
N ASP F 213 12.01 -35.97 -13.50
CA ASP F 213 12.64 -36.77 -14.53
C ASP F 213 13.29 -35.87 -15.58
N PRO F 214 14.62 -35.91 -15.69
CA PRO F 214 15.29 -35.03 -16.66
C PRO F 214 14.87 -35.27 -18.08
N GLN F 215 14.48 -36.50 -18.43
CA GLN F 215 14.08 -36.78 -19.80
C GLN F 215 12.76 -36.09 -20.16
N ALA F 216 11.95 -35.73 -19.17
CA ALA F 216 10.64 -35.11 -19.43
C ALA F 216 10.77 -33.60 -19.51
N LYS F 217 11.45 -33.15 -20.53
CA LYS F 217 11.55 -31.70 -20.74
C LYS F 217 11.05 -31.41 -22.13
N ALA F 218 10.71 -30.15 -22.36
CA ALA F 218 10.21 -29.68 -23.65
C ALA F 218 10.26 -28.16 -23.66
N LYS F 219 9.94 -27.59 -24.81
CA LYS F 219 9.90 -26.16 -24.99
C LYS F 219 8.47 -25.72 -25.26
N LEU F 220 8.14 -24.50 -24.80
CA LEU F 220 6.79 -23.97 -24.92
C LEU F 220 6.54 -23.60 -26.38
N ASP F 221 6.15 -24.62 -27.16
CA ASP F 221 6.07 -24.48 -28.62
C ASP F 221 4.81 -23.74 -29.02
N LYS F 222 3.64 -24.18 -28.52
CA LYS F 222 2.36 -23.69 -28.98
C LYS F 222 1.52 -23.25 -27.79
N ASP F 223 0.36 -22.70 -28.09
CA ASP F 223 -0.56 -22.22 -27.09
C ASP F 223 -1.71 -23.19 -26.91
N GLY F 224 -2.27 -23.23 -25.70
CA GLY F 224 -3.43 -24.06 -25.42
C GLY F 224 -3.17 -25.53 -25.55
N ASN F 225 -1.90 -25.92 -25.57
CA ASN F 225 -1.57 -27.33 -25.72
C ASN F 225 -0.58 -27.84 -24.70
N TYR F 226 0.01 -26.96 -23.88
CA TYR F 226 0.88 -27.40 -22.79
C TYR F 226 0.16 -27.23 -21.46
N PRO F 227 -0.44 -28.28 -20.89
CA PRO F 227 -1.27 -28.12 -19.69
C PRO F 227 -0.44 -27.68 -18.49
N ILE F 228 -1.13 -27.04 -17.55
CA ILE F 228 -0.47 -26.61 -16.33
C ILE F 228 -0.28 -27.75 -15.37
N GLU F 229 -1.20 -28.70 -15.36
CA GLU F 229 -1.11 -29.82 -14.43
C GLU F 229 0.17 -30.62 -14.66
N VAL F 230 0.73 -30.56 -15.87
CA VAL F 230 1.85 -31.40 -16.24
C VAL F 230 3.16 -30.63 -16.25
N TRP F 231 3.14 -29.44 -16.81
CA TRP F 231 4.39 -28.73 -17.12
C TRP F 231 4.68 -27.64 -16.10
N CYS F 232 5.96 -27.46 -15.79
CA CYS F 232 6.41 -26.39 -14.90
C CYS F 232 7.68 -25.82 -15.50
N PRO F 233 7.94 -24.54 -15.29
CA PRO F 233 9.15 -23.93 -15.85
C PRO F 233 10.42 -24.63 -15.40
N ASP F 234 11.20 -25.15 -16.32
CA ASP F 234 12.40 -25.88 -15.89
C ASP F 234 13.37 -24.82 -15.43
N PRO F 235 13.74 -24.75 -14.16
CA PRO F 235 14.60 -23.72 -13.71
C PRO F 235 16.01 -23.89 -14.26
N SER F 236 16.45 -25.11 -14.46
CA SER F 236 17.86 -25.28 -14.85
C SER F 236 18.14 -24.67 -16.22
N LYS F 237 17.25 -24.94 -17.16
CA LYS F 237 17.51 -24.53 -18.56
C LYS F 237 16.99 -23.15 -18.90
N ASN F 238 16.15 -22.52 -18.10
CA ASN F 238 15.67 -21.21 -18.60
C ASN F 238 16.71 -20.16 -18.27
N GLU F 239 17.76 -20.03 -19.07
CA GLU F 239 18.81 -19.05 -18.78
C GLU F 239 18.47 -17.75 -19.47
N ASN F 240 18.27 -17.80 -20.78
CA ASN F 240 17.97 -16.51 -21.41
C ASN F 240 16.49 -16.17 -21.27
N SER F 241 15.97 -16.22 -20.05
CA SER F 241 14.58 -15.84 -19.83
C SER F 241 14.42 -15.44 -18.37
N ARG F 242 13.33 -14.75 -18.09
CA ARG F 242 13.00 -14.29 -16.74
C ARG F 242 11.55 -14.66 -16.49
N TYR F 243 11.32 -15.53 -15.52
CA TYR F 243 9.98 -15.99 -15.22
C TYR F 243 9.63 -15.74 -13.77
N TYR F 244 8.36 -15.47 -13.51
CA TYR F 244 7.85 -15.22 -12.17
C TYR F 244 6.59 -16.05 -11.97
N GLY F 245 6.36 -16.49 -10.73
CA GLY F 245 5.26 -17.41 -10.48
C GLY F 245 4.63 -17.22 -9.12
N SER F 246 3.41 -17.72 -9.00
CA SER F 246 2.63 -17.63 -7.77
C SER F 246 1.57 -18.71 -7.79
N ILE F 247 1.09 -19.07 -6.62
CA ILE F 247 0.09 -20.13 -6.48
C ILE F 247 -0.55 -20.08 -5.11
N GLN F 248 -1.81 -20.49 -5.02
CA GLN F 248 -2.43 -20.82 -3.76
C GLN F 248 -3.45 -21.90 -3.98
N THR F 249 -3.47 -22.88 -3.09
CA THR F 249 -4.43 -23.98 -3.17
C THR F 249 -5.65 -23.63 -2.31
N GLY F 250 -6.48 -24.61 -2.01
CA GLY F 250 -7.61 -24.38 -1.14
C GLY F 250 -8.91 -24.48 -1.91
N SER F 251 -9.93 -25.03 -1.24
CA SER F 251 -11.22 -25.21 -1.89
C SER F 251 -11.91 -23.87 -2.14
N GLN F 252 -12.15 -23.12 -1.07
CA GLN F 252 -12.90 -21.87 -1.14
C GLN F 252 -12.09 -20.70 -0.59
N THR F 253 -10.76 -20.84 -0.59
CA THR F 253 -9.92 -19.77 -0.06
C THR F 253 -10.05 -18.53 -0.92
N PRO F 254 -9.98 -17.34 -0.32
CA PRO F 254 -10.12 -16.10 -1.08
C PRO F 254 -8.98 -15.92 -2.04
N THR F 255 -9.25 -15.13 -3.08
CA THR F 255 -8.23 -14.75 -4.03
C THR F 255 -7.94 -13.26 -3.88
N VAL F 256 -6.65 -12.90 -3.84
CA VAL F 256 -6.24 -11.52 -3.67
C VAL F 256 -5.41 -11.11 -4.86
N LEU F 257 -5.62 -9.89 -5.33
CA LEU F 257 -4.89 -9.37 -6.48
C LEU F 257 -4.68 -7.88 -6.30
N GLN F 258 -3.60 -7.38 -6.90
CA GLN F 258 -3.29 -5.96 -6.84
C GLN F 258 -2.86 -5.53 -8.22
N PHE F 259 -2.99 -4.23 -8.47
CA PHE F 259 -2.66 -3.73 -9.80
C PHE F 259 -2.40 -2.23 -9.74
N SER F 260 -1.50 -1.76 -10.60
CA SER F 260 -1.16 -0.35 -10.74
C SER F 260 -0.33 -0.18 -11.99
N ASN F 261 -0.37 1.04 -12.53
CA ASN F 261 0.48 1.41 -13.65
C ASN F 261 1.79 2.04 -13.20
N THR F 262 2.17 1.84 -11.93
CA THR F 262 3.42 2.34 -11.42
C THR F 262 4.44 1.23 -11.18
N LEU F 263 3.99 -0.02 -11.09
CA LEU F 263 4.87 -1.15 -10.79
C LEU F 263 5.50 -1.64 -12.07
N THR F 264 6.76 -1.27 -12.26
CA THR F 264 7.56 -1.83 -13.33
C THR F 264 8.53 -2.88 -12.76
N THR F 265 8.92 -3.84 -13.61
CA THR F 265 9.77 -4.94 -13.17
C THR F 265 11.02 -4.95 -14.03
N VAL F 266 12.17 -4.80 -13.40
CA VAL F 266 13.44 -4.81 -14.11
C VAL F 266 13.79 -6.23 -14.51
N LEU F 267 14.23 -6.40 -15.75
CA LEU F 267 14.55 -7.72 -16.28
C LEU F 267 16.05 -8.00 -16.33
N LEU F 268 16.88 -7.02 -15.97
CA LEU F 268 18.31 -7.22 -16.01
C LEU F 268 18.73 -8.28 -15.01
N ASP F 269 19.84 -8.95 -15.31
CA ASP F 269 20.34 -10.01 -14.47
C ASP F 269 21.35 -9.42 -13.47
N GLU F 270 22.08 -10.30 -12.78
CA GLU F 270 23.09 -9.84 -11.83
C GLU F 270 24.31 -9.25 -12.55
N ASN F 271 24.52 -9.58 -13.82
CA ASN F 271 25.63 -9.04 -14.57
C ASN F 271 25.26 -7.78 -15.33
N GLY F 272 24.01 -7.34 -15.24
CA GLY F 272 23.61 -6.10 -15.88
C GLY F 272 23.15 -6.25 -17.32
N VAL F 273 22.67 -7.42 -17.70
CA VAL F 273 22.18 -7.68 -19.06
C VAL F 273 20.84 -8.38 -18.99
N GLY F 274 19.92 -7.99 -19.86
CA GLY F 274 18.62 -8.58 -19.87
C GLY F 274 18.54 -9.70 -20.86
N PRO F 275 17.33 -10.13 -21.20
CA PRO F 275 17.19 -11.15 -22.24
C PRO F 275 17.42 -10.57 -23.62
N LEU F 276 18.15 -11.33 -24.45
CA LEU F 276 18.45 -10.88 -25.80
C LEU F 276 17.55 -11.64 -26.77
N CYS F 277 16.83 -10.90 -27.61
CA CYS F 277 15.84 -11.49 -28.50
C CYS F 277 16.53 -12.25 -29.63
N LYS F 278 16.83 -13.52 -29.41
CA LYS F 278 17.39 -14.35 -30.47
C LYS F 278 16.42 -14.47 -31.63
N GLY F 279 16.97 -14.44 -32.85
CA GLY F 279 16.13 -14.58 -34.01
C GLY F 279 15.14 -13.45 -34.21
N ASP F 280 15.49 -12.26 -33.73
CA ASP F 280 14.65 -11.05 -33.89
C ASP F 280 13.23 -11.32 -33.43
N GLY F 281 13.06 -12.07 -32.36
CA GLY F 281 11.75 -12.37 -31.81
C GLY F 281 11.72 -12.26 -30.31
N LEU F 282 10.63 -11.70 -29.79
CA LEU F 282 10.40 -11.58 -28.37
C LEU F 282 9.37 -12.61 -27.94
N PHE F 283 9.75 -13.44 -26.98
CA PHE F 283 8.90 -14.54 -26.52
C PHE F 283 8.26 -14.18 -25.20
N ILE F 284 6.94 -14.29 -25.15
CA ILE F 284 6.17 -13.95 -23.97
C ILE F 284 5.28 -15.12 -23.63
N SER F 285 5.10 -15.38 -22.34
CA SER F 285 4.31 -16.50 -21.88
C SER F 285 3.65 -16.15 -20.57
N CYS F 286 2.40 -16.56 -20.40
CA CYS F 286 1.70 -16.21 -19.17
C CYS F 286 0.55 -17.17 -18.96
N ALA F 287 0.09 -17.25 -17.72
CA ALA F 287 -1.07 -18.08 -17.38
C ALA F 287 -1.55 -17.64 -16.01
N ASP F 288 -2.83 -17.27 -15.91
CA ASP F 288 -3.41 -16.81 -14.64
C ASP F 288 -4.75 -17.46 -14.42
N ILE F 289 -4.85 -18.30 -13.38
CA ILE F 289 -6.10 -18.93 -13.01
C ILE F 289 -6.61 -18.20 -11.80
N VAL F 290 -7.87 -17.80 -11.84
CA VAL F 290 -8.45 -16.91 -10.84
C VAL F 290 -9.19 -17.68 -9.77
N GLY F 291 -9.83 -18.77 -10.15
CA GLY F 291 -10.51 -19.59 -9.17
C GLY F 291 -11.71 -20.28 -9.77
N PHE F 292 -12.53 -20.82 -8.88
CA PHE F 292 -13.66 -21.66 -9.22
C PHE F 292 -14.90 -20.84 -9.58
N LEU F 293 -15.90 -21.52 -10.13
CA LEU F 293 -17.22 -20.95 -10.41
C LEU F 293 -18.24 -21.91 -9.87
N PHE F 294 -18.60 -21.72 -8.61
CA PHE F 294 -19.49 -22.66 -7.93
C PHE F 294 -20.89 -22.60 -8.55
N LYS F 295 -21.25 -23.65 -9.30
CA LYS F 295 -22.57 -23.73 -9.91
C LYS F 295 -23.55 -24.29 -8.89
N THR F 296 -24.83 -23.94 -9.08
CA THR F 296 -25.85 -24.33 -8.10
C THR F 296 -25.96 -25.84 -7.98
N SER F 297 -25.80 -26.54 -9.10
CA SER F 297 -25.87 -27.99 -9.08
C SER F 297 -24.78 -28.61 -8.22
N GLY F 298 -23.75 -27.86 -7.87
CA GLY F 298 -22.63 -28.37 -7.15
C GLY F 298 -21.36 -28.44 -7.98
N LYS F 299 -21.48 -28.46 -9.32
CA LYS F 299 -20.31 -28.54 -10.18
C LYS F 299 -19.40 -27.34 -9.95
N MET F 300 -18.17 -27.45 -10.44
CA MET F 300 -17.12 -26.49 -10.19
C MET F 300 -16.28 -26.37 -11.44
N ALA F 301 -15.81 -25.16 -11.73
CA ALA F 301 -15.05 -24.92 -12.95
C ALA F 301 -14.10 -23.75 -12.76
N LEU F 302 -12.89 -23.88 -13.32
CA LEU F 302 -11.87 -22.85 -13.19
C LEU F 302 -12.17 -21.67 -14.10
N HIS F 303 -11.37 -20.62 -13.96
CA HIS F 303 -11.50 -19.41 -14.74
C HIS F 303 -10.20 -18.63 -14.74
N GLY F 304 -9.93 -17.94 -15.83
CA GLY F 304 -8.71 -17.17 -15.96
C GLY F 304 -8.99 -15.78 -16.52
N LEU F 305 -7.96 -14.96 -16.51
CA LEU F 305 -8.05 -13.58 -16.98
C LEU F 305 -6.81 -13.25 -17.77
N PRO F 306 -6.89 -12.28 -18.67
CA PRO F 306 -5.75 -11.92 -19.51
C PRO F 306 -4.70 -11.16 -18.72
N ARG F 307 -3.57 -10.88 -19.38
CA ARG F 307 -2.50 -10.09 -18.78
C ARG F 307 -2.05 -9.00 -19.74
N TYR F 308 -1.57 -7.91 -19.17
CA TYR F 308 -1.03 -6.79 -19.92
C TYR F 308 0.49 -6.87 -19.91
N PHE F 309 1.09 -6.35 -20.96
CA PHE F 309 2.54 -6.38 -21.08
C PHE F 309 3.00 -5.11 -21.76
N ASN F 310 4.05 -4.49 -21.21
CA ASN F 310 4.55 -3.20 -21.70
C ASN F 310 6.05 -3.26 -21.81
N VAL F 311 6.55 -4.29 -22.49
CA VAL F 311 7.97 -4.55 -22.56
C VAL F 311 8.74 -3.36 -23.11
N THR F 312 9.87 -3.05 -22.49
CA THR F 312 10.77 -1.99 -22.93
C THR F 312 12.02 -2.61 -23.52
N LEU F 313 12.41 -2.16 -24.69
CA LEU F 313 13.48 -2.79 -25.45
C LEU F 313 14.56 -1.76 -25.78
N ARG F 314 15.76 -2.26 -26.09
CA ARG F 314 16.87 -1.42 -26.53
C ARG F 314 17.79 -2.24 -27.41
N LYS F 315 18.92 -1.65 -27.78
CA LYS F 315 19.86 -2.27 -28.70
C LYS F 315 21.20 -2.42 -27.99
N ARG F 316 21.71 -3.65 -27.91
CA ARG F 316 23.02 -3.91 -27.34
C ARG F 316 23.93 -4.48 -28.41
N TRP F 317 25.18 -4.03 -28.41
CA TRP F 317 26.17 -4.56 -29.32
C TRP F 317 26.79 -5.84 -28.74
N VAL F 318 27.01 -6.83 -29.60
CA VAL F 318 27.59 -8.10 -29.19
C VAL F 318 28.66 -8.49 -30.20
N LYS F 319 29.60 -9.32 -29.74
CA LYS F 319 30.66 -9.82 -30.62
C LYS F 319 30.03 -10.76 -31.64
N ASN F 320 29.87 -10.25 -32.88
CA ASN F 320 29.30 -11.05 -34.00
C ASN F 320 29.89 -12.50 -34.03
N PRO F 321 29.11 -13.57 -33.86
CA PRO F 321 29.61 -14.95 -33.87
C PRO F 321 29.76 -15.46 -35.30
N TYR F 322 30.99 -15.73 -35.69
CA TYR F 322 31.25 -16.36 -36.98
C TYR F 322 30.79 -17.81 -36.92
N PRO F 323 30.01 -18.28 -37.89
CA PRO F 323 29.48 -19.64 -37.82
C PRO F 323 30.58 -20.68 -37.90
N VAL F 324 30.29 -21.85 -37.34
CA VAL F 324 31.20 -22.99 -37.30
C VAL F 324 30.40 -24.25 -37.54
N VAL F 325 31.08 -25.40 -37.51
CA VAL F 325 30.45 -26.69 -37.71
C VAL F 325 29.45 -26.98 -36.60
N PRO F 337 25.50 -38.91 -32.54
CA PRO F 337 26.03 -39.02 -31.18
C PRO F 337 26.06 -40.46 -30.68
N LYS F 338 24.98 -40.89 -30.02
CA LYS F 338 24.89 -42.26 -29.54
C LYS F 338 24.85 -43.20 -30.73
N VAL F 339 25.94 -43.93 -30.96
CA VAL F 339 26.10 -44.78 -32.14
C VAL F 339 26.38 -46.20 -31.70
N SER F 340 25.76 -47.15 -32.38
CA SER F 340 25.93 -48.57 -32.09
C SER F 340 26.38 -49.26 -33.37
N GLY F 341 27.64 -49.67 -33.41
CA GLY F 341 28.16 -50.34 -34.59
C GLY F 341 28.86 -51.64 -34.26
N GLN F 342 29.62 -52.16 -35.21
CA GLN F 342 30.38 -53.38 -34.96
C GLN F 342 31.39 -53.12 -33.85
N PRO F 343 31.66 -54.11 -32.99
CA PRO F 343 32.43 -53.84 -31.77
C PRO F 343 33.88 -53.49 -32.08
N MET F 344 34.30 -52.32 -31.60
CA MET F 344 35.69 -51.89 -31.69
C MET F 344 36.26 -51.68 -30.30
N GLU F 345 35.73 -52.39 -29.32
CA GLU F 345 36.21 -52.30 -27.94
C GLU F 345 35.71 -53.54 -27.20
N GLY F 346 36.57 -54.09 -26.35
CA GLY F 346 36.21 -55.26 -25.57
C GLY F 346 36.78 -56.53 -26.18
N LYS F 347 36.44 -57.65 -25.54
CA LYS F 347 36.99 -58.94 -25.93
C LYS F 347 36.58 -59.31 -27.36
N ASP F 348 35.42 -58.82 -27.81
CA ASP F 348 34.95 -59.11 -29.15
C ASP F 348 35.33 -58.02 -30.15
N ASN F 349 36.39 -57.26 -29.87
CA ASN F 349 36.77 -56.15 -30.74
C ASN F 349 37.08 -56.65 -32.15
N GLN F 350 37.05 -55.71 -33.09
CA GLN F 350 37.32 -56.01 -34.49
C GLN F 350 38.44 -55.15 -35.04
N VAL F 351 39.38 -54.76 -34.18
CA VAL F 351 40.61 -54.10 -34.59
C VAL F 351 41.75 -55.08 -34.36
N GLU F 352 42.63 -55.21 -35.34
CA GLU F 352 43.66 -56.24 -35.32
C GLU F 352 45.00 -55.73 -34.82
N GLU F 353 45.38 -54.54 -35.24
CA GLU F 353 46.61 -53.98 -34.65
C GLU F 353 46.68 -52.51 -34.96
N VAL F 354 47.39 -51.78 -34.14
CA VAL F 354 47.55 -50.34 -34.24
C VAL F 354 48.99 -50.00 -33.93
N ARG F 355 49.45 -48.87 -34.45
CA ARG F 355 50.84 -48.47 -34.22
C ARG F 355 50.86 -46.97 -33.92
N ILE F 356 51.89 -46.49 -33.26
CA ILE F 356 52.11 -45.09 -32.96
C ILE F 356 53.56 -44.76 -33.28
N TYR F 357 53.77 -43.80 -34.17
CA TYR F 357 55.10 -43.36 -34.54
C TYR F 357 55.33 -41.96 -33.99
N GLU F 358 56.58 -41.69 -33.60
CA GLU F 358 56.96 -40.37 -33.10
C GLU F 358 58.44 -40.16 -33.37
N GLY F 359 58.76 -39.12 -34.11
CA GLY F 359 60.15 -38.79 -34.36
C GLY F 359 60.80 -39.70 -35.39
N SER F 360 62.09 -39.48 -35.58
CA SER F 360 62.88 -40.18 -36.57
C SER F 360 63.75 -41.24 -35.90
N GLU F 361 64.09 -42.26 -36.67
CA GLU F 361 64.89 -43.37 -36.16
C GLU F 361 65.76 -43.90 -37.27
N GLN F 362 66.94 -44.38 -36.91
CA GLN F 362 67.75 -45.12 -37.86
C GLN F 362 67.07 -46.44 -38.19
N LEU F 363 67.11 -46.82 -39.45
CA LEU F 363 66.35 -47.95 -39.95
C LEU F 363 66.71 -49.24 -39.22
N PRO F 364 65.77 -49.89 -38.56
CA PRO F 364 66.07 -51.17 -37.92
C PRO F 364 66.13 -52.30 -38.94
N GLY F 365 66.59 -53.45 -38.48
CA GLY F 365 66.72 -54.61 -39.33
C GLY F 365 65.41 -55.35 -39.50
N ASP F 366 64.81 -55.78 -38.40
CA ASP F 366 63.55 -56.50 -38.44
C ASP F 366 62.40 -55.52 -38.61
N PRO F 367 61.73 -55.51 -39.76
CA PRO F 367 60.59 -54.60 -39.94
C PRO F 367 59.35 -55.02 -39.19
N ASP F 368 59.30 -56.26 -38.69
CA ASP F 368 58.23 -56.71 -37.81
C ASP F 368 58.55 -56.51 -36.35
N ILE F 369 59.38 -55.51 -36.04
CA ILE F 369 59.75 -55.25 -34.66
C ILE F 369 58.51 -54.93 -33.84
N VAL F 370 58.54 -55.29 -32.57
CA VAL F 370 57.43 -55.06 -31.65
C VAL F 370 57.97 -54.27 -30.47
N ARG F 371 57.53 -53.03 -30.34
CA ARG F 371 57.90 -52.18 -29.21
C ARG F 371 56.62 -51.76 -28.48
N PHE F 372 56.78 -51.32 -27.24
CA PHE F 372 55.64 -50.86 -26.47
C PHE F 372 56.15 -50.10 -25.26
N LEU F 373 55.23 -49.36 -24.62
CA LEU F 373 55.50 -48.68 -23.38
C LEU F 373 54.90 -49.46 -22.24
N ASP F 374 55.71 -49.75 -21.23
CA ASP F 374 55.23 -50.52 -20.09
C ASP F 374 54.40 -49.64 -19.17
N LYS F 375 53.89 -50.23 -18.09
CA LYS F 375 53.15 -49.47 -17.10
C LYS F 375 53.99 -48.44 -16.39
N PHE F 376 55.30 -48.41 -16.65
CA PHE F 376 56.21 -47.52 -15.96
C PHE F 376 56.72 -46.40 -16.87
N GLY F 377 56.16 -46.27 -18.06
CA GLY F 377 56.53 -45.18 -18.95
C GLY F 377 57.90 -45.28 -19.54
N GLN F 378 58.47 -46.48 -19.63
CA GLN F 378 59.77 -46.69 -20.24
C GLN F 378 59.61 -47.66 -21.41
N GLU F 379 60.17 -47.30 -22.55
CA GLU F 379 59.94 -48.04 -23.78
C GLU F 379 60.80 -49.30 -23.79
N LYS F 380 60.18 -50.42 -24.14
CA LYS F 380 60.85 -51.71 -24.16
C LYS F 380 60.58 -52.39 -25.49
N THR F 381 61.27 -53.52 -25.70
CA THR F 381 61.22 -54.24 -26.97
C THR F 381 60.96 -55.71 -26.72
N VAL F 382 60.05 -56.29 -27.51
CA VAL F 382 59.72 -57.70 -27.39
C VAL F 382 60.77 -58.51 -28.15
N TYR F 383 61.51 -59.35 -27.45
CA TYR F 383 62.53 -60.14 -28.09
C TYR F 383 61.94 -61.42 -28.66
N PRO F 384 62.46 -61.89 -29.79
CA PRO F 384 61.90 -63.08 -30.42
C PRO F 384 62.30 -64.35 -29.68
N LYS F 385 61.36 -65.27 -29.59
CA LYS F 385 61.63 -66.54 -28.93
C LYS F 385 62.43 -67.45 -29.86
N PRO F 386 63.43 -68.16 -29.34
CA PRO F 386 64.23 -69.03 -30.20
C PRO F 386 63.44 -70.24 -30.66
N SER F 387 63.85 -70.78 -31.80
CA SER F 387 63.19 -71.96 -32.37
C SER F 387 63.64 -73.22 -31.63
N VAL F 388 63.16 -74.36 -32.11
CA VAL F 388 63.49 -75.63 -31.50
C VAL F 388 63.51 -76.73 -32.55
CA CA G . -19.12 43.35 -8.55
CA CA H . -6.59 20.35 6.30
CA CA I . 0.15 3.50 -24.20
CA CA J . 10.79 3.70 31.53
CA CA K . 27.96 -23.48 18.35
CA CA L . 21.62 -22.84 -16.14
#